data_7L2H
#
_entry.id   7L2H
#
_cell.length_a   1.00
_cell.length_b   1.00
_cell.length_c   1.00
_cell.angle_alpha   90.00
_cell.angle_beta   90.00
_cell.angle_gamma   90.00
#
_symmetry.space_group_name_H-M   'P 1'
#
loop_
_entity.id
_entity.type
_entity.pdbx_description
1 polymer 'Transient receptor potential cation channel subfamily V member 1'
2 non-polymer '(2S)-1-(butanoyloxy)-3-{[(R)-hydroxy{[(1r,2R,3S,4S,5R,6S)-2,3,4,5,6-pentahydroxycyclohexyl]oxy}phosphoryl]oxy}propan-2-yl tridecanoate'
3 non-polymer '(10R,13S)-16-amino-13-hydroxy-7,13-dioxo-8,12,14-trioxa-13lambda~5~-phosphahexadecan-10-yl tridecanoate'
4 non-polymer 'SODIUM ION'
#
_entity_poly.entity_id   1
_entity_poly.type   'polypeptide(L)'
_entity_poly.pdbx_seq_one_letter_code
;GAMGSEQRASLDSEESESPPQENSCLDPPDRDPNCKPPPVKPHIFTTRSRTRLFGKGDSEEASPLDCPYEEGGLASCPII
TVSSVLTIQRPGDGPASVRPSSQDSVSAGEKPPRLYDRRSIFDAVAQSNCQELESLLPFLQRSKKRLTDSEFKDPETGKT
CLLKAMLNLHNGQNDTIALLLDVARKTDSLKQFVNASYTDSYYKGQTALHIAIERRNMTLVTLLVENGADVQAAANGDFF
KKTKGRPGFYFGELPLSLAACTNQLAIVKFLLQNSWQPADISARDSVGNTVLHALVEVADNTVDNTKFVTSMYNEILILG
AKLHPTLKLEEITNRKGLTPLALAASSGKIGVLAYILQREIHEPECRHLSRKFTEWAYGPVHSSLYDLSCIDTCEKNSVL
EVIAYSSSETPNRHDMLLVEPLNRLLQDKWDRFVKRIFYFNFFVYCLYMIIFTAAAYYRPVEGLPPYKLKNTVGDYFRVT
GEILSVSGGVYFFFRGIQYFLQRRPSLKSLFVDSYSEILFFVQSLFMLVSVVLYFSQRKEYVASMVFSLAMGWTNMLYYT
RGFQQMGIYAVMIEKMILRDLCRFMFVYLVFLFGFSTAVVTLIEDGKNNSLPMESTPHKCRGSACKPGNSYNSLYSTCLE
LFKFTIGMGDLEFTENYDFKAVFIILLLAYVILTYILLLNMLIALMGETVNKIAQESKNIWKLQRAITILDTEKSFLKCM
RKAFRSGKLLQVGFTPDGKDDYRWCFRVDEVNWTTWNTNVGIINEDPGNCEGVKRTLSFSLRSGRVSGRNWKNFALVPLL
RDASTRDRHATQQEEVQLKHYTGSLKPEDAEVFKDSMVPGEK
;
_entity_poly.pdbx_strand_id   A,D,B,C
#
# COMPACT_ATOMS: atom_id res chain seq x y z
N TYR A 198 11.12 4.90 -58.77
CA TYR A 198 12.04 4.00 -58.07
C TYR A 198 11.73 2.54 -58.38
N THR A 199 12.77 1.81 -58.77
CA THR A 199 12.68 0.38 -59.04
C THR A 199 13.44 -0.48 -58.04
N ASP A 200 14.30 0.11 -57.22
CA ASP A 200 14.98 -0.64 -56.18
C ASP A 200 13.97 -1.20 -55.19
N SER A 201 14.19 -2.45 -54.77
CA SER A 201 13.23 -3.16 -53.94
C SER A 201 13.00 -2.47 -52.60
N TYR A 202 13.96 -1.68 -52.11
CA TYR A 202 13.79 -1.03 -50.81
C TYR A 202 12.85 0.17 -50.90
N TYR A 203 12.89 0.89 -52.02
CA TYR A 203 11.99 2.02 -52.28
C TYR A 203 11.14 1.79 -53.53
N LYS A 204 10.89 0.54 -53.90
CA LYS A 204 10.13 0.22 -55.11
C LYS A 204 8.77 0.89 -55.10
N GLY A 205 8.44 1.55 -56.22
CA GLY A 205 7.16 2.19 -56.40
C GLY A 205 7.07 3.61 -55.92
N GLN A 206 8.10 4.13 -55.24
CA GLN A 206 8.07 5.51 -54.80
C GLN A 206 8.08 6.45 -56.01
N THR A 207 7.30 7.52 -55.92
CA THR A 207 7.14 8.49 -57.01
C THR A 207 7.34 9.89 -56.47
N ALA A 208 7.37 10.86 -57.38
CA ALA A 208 7.50 12.25 -56.99
C ALA A 208 6.33 12.69 -56.12
N LEU A 209 5.12 12.18 -56.41
CA LEU A 209 3.96 12.54 -55.59
C LEU A 209 4.11 12.05 -54.17
N HIS A 210 4.61 10.82 -53.97
CA HIS A 210 4.83 10.30 -52.63
C HIS A 210 5.82 11.17 -51.87
N ILE A 211 6.91 11.58 -52.53
CA ILE A 211 7.92 12.41 -51.90
C ILE A 211 7.32 13.78 -51.54
N ALA A 212 6.55 14.36 -52.46
CA ALA A 212 5.96 15.66 -52.21
C ALA A 212 4.99 15.61 -51.04
N ILE A 213 4.20 14.54 -50.93
CA ILE A 213 3.27 14.41 -49.82
C ILE A 213 4.03 14.21 -48.52
N GLU A 214 5.03 13.32 -48.53
CA GLU A 214 5.78 13.03 -47.30
C GLU A 214 6.52 14.26 -46.81
N ARG A 215 7.01 15.10 -47.73
CA ARG A 215 7.67 16.34 -47.35
C ARG A 215 6.71 17.43 -46.91
N ARG A 216 5.39 17.18 -46.97
CA ARG A 216 4.38 18.15 -46.54
C ARG A 216 4.47 19.45 -47.35
N ASN A 217 4.71 19.32 -48.65
CA ASN A 217 4.80 20.44 -49.58
C ASN A 217 3.49 20.49 -50.36
N MET A 218 2.57 21.35 -49.90
CA MET A 218 1.26 21.45 -50.54
C MET A 218 1.38 21.91 -51.99
N THR A 219 2.22 22.93 -52.24
CA THR A 219 2.33 23.48 -53.59
C THR A 219 2.90 22.45 -54.56
N LEU A 220 3.92 21.71 -54.14
CA LEU A 220 4.50 20.70 -55.01
C LEU A 220 3.49 19.59 -55.29
N VAL A 221 2.70 19.21 -54.30
CA VAL A 221 1.68 18.18 -54.50
C VAL A 221 0.66 18.65 -55.53
N THR A 222 0.17 19.88 -55.39
CA THR A 222 -0.80 20.40 -56.36
C THR A 222 -0.21 20.49 -57.76
N LEU A 223 1.04 20.96 -57.86
CA LEU A 223 1.67 21.06 -59.18
C LEU A 223 1.88 19.68 -59.81
N LEU A 224 2.32 18.71 -59.01
CA LEU A 224 2.55 17.37 -59.55
C LEU A 224 1.25 16.73 -60.01
N VAL A 225 0.17 16.88 -59.23
CA VAL A 225 -1.11 16.32 -59.65
C VAL A 225 -1.61 17.02 -60.90
N GLU A 226 -1.48 18.35 -60.96
CA GLU A 226 -1.91 19.08 -62.14
C GLU A 226 -1.09 18.70 -63.37
N ASN A 227 0.17 18.30 -63.19
CA ASN A 227 1.05 17.94 -64.29
C ASN A 227 0.89 16.49 -64.74
N GLY A 228 -0.06 15.75 -64.19
CA GLY A 228 -0.32 14.39 -64.61
C GLY A 228 0.25 13.30 -63.73
N ALA A 229 0.64 13.62 -62.50
CA ALA A 229 1.10 12.59 -61.58
C ALA A 229 -0.05 11.63 -61.26
N ASP A 230 0.23 10.33 -61.37
CA ASP A 230 -0.80 9.31 -61.18
C ASP A 230 -1.07 9.17 -59.69
N VAL A 231 -2.30 9.51 -59.27
CA VAL A 231 -2.67 9.38 -57.87
C VAL A 231 -2.85 7.94 -57.43
N GLN A 232 -2.89 6.99 -58.37
CA GLN A 232 -3.05 5.56 -58.06
C GLN A 232 -1.72 4.81 -58.09
N ALA A 233 -0.59 5.50 -58.17
CA ALA A 233 0.71 4.86 -58.23
C ALA A 233 1.07 4.39 -56.82
N ALA A 234 1.00 3.08 -56.61
CA ALA A 234 1.26 2.51 -55.30
C ALA A 234 2.74 2.31 -55.06
N ALA A 235 3.19 2.63 -53.85
CA ALA A 235 4.58 2.41 -53.43
C ALA A 235 4.66 1.07 -52.73
N ASN A 236 5.51 0.17 -53.26
CA ASN A 236 5.61 -1.20 -52.79
C ASN A 236 7.03 -1.56 -52.33
N GLY A 237 7.82 -0.58 -51.94
CA GLY A 237 9.15 -0.87 -51.44
C GLY A 237 9.11 -1.51 -50.07
N ASP A 238 10.16 -2.28 -49.75
CA ASP A 238 10.25 -2.92 -48.44
C ASP A 238 10.31 -1.89 -47.32
N PHE A 239 10.77 -0.67 -47.61
CA PHE A 239 10.74 0.36 -46.57
C PHE A 239 9.29 0.71 -46.27
N PHE A 240 8.46 0.77 -47.29
CA PHE A 240 7.06 1.16 -47.12
C PHE A 240 6.20 -0.03 -46.70
N LYS A 241 6.62 -0.66 -45.61
CA LYS A 241 5.90 -1.82 -45.07
C LYS A 241 6.03 -1.85 -43.55
N GLY A 248 10.73 0.51 -41.07
CA GLY A 248 10.28 1.51 -42.03
C GLY A 248 9.02 2.22 -41.58
N PHE A 249 8.10 2.44 -42.51
CA PHE A 249 6.85 3.12 -42.21
C PHE A 249 5.78 2.64 -43.18
N TYR A 250 4.67 2.12 -42.65
CA TYR A 250 3.56 1.64 -43.45
C TYR A 250 2.46 2.70 -43.45
N PHE A 251 1.91 2.98 -44.63
CA PHE A 251 0.83 3.94 -44.77
C PHE A 251 -0.29 3.47 -45.69
N GLY A 252 -0.18 2.29 -46.29
CA GLY A 252 -1.20 1.78 -47.18
C GLY A 252 -0.85 1.83 -48.65
N GLU A 253 0.39 2.16 -49.01
CA GLU A 253 0.88 2.05 -50.39
C GLU A 253 0.04 2.89 -51.36
N LEU A 254 -0.42 4.05 -50.91
CA LEU A 254 -1.20 4.95 -51.76
C LEU A 254 -0.94 6.39 -51.32
N PRO A 255 -0.83 7.35 -52.23
CA PRO A 255 -0.60 8.73 -51.80
C PRO A 255 -1.74 9.31 -50.96
N LEU A 256 -2.98 8.91 -51.23
CA LEU A 256 -4.09 9.36 -50.38
C LEU A 256 -3.94 8.84 -48.96
N SER A 257 -3.60 7.56 -48.83
CA SER A 257 -3.36 7.00 -47.50
C SER A 257 -2.11 7.56 -46.87
N LEU A 258 -1.11 7.94 -47.69
CA LEU A 258 0.07 8.62 -47.15
C LEU A 258 -0.32 9.95 -46.54
N ALA A 259 -1.13 10.74 -47.25
CA ALA A 259 -1.57 12.02 -46.72
C ALA A 259 -2.43 11.84 -45.48
N ALA A 260 -3.29 10.83 -45.48
CA ALA A 260 -4.11 10.55 -44.30
C ALA A 260 -3.24 10.16 -43.10
N CYS A 261 -2.21 9.35 -43.32
CA CYS A 261 -1.40 8.84 -42.23
C CYS A 261 -0.43 9.88 -41.69
N THR A 262 -0.15 10.95 -42.44
CA THR A 262 0.75 12.00 -42.00
C THR A 262 0.02 13.24 -41.49
N ASN A 263 -1.30 13.15 -41.27
CA ASN A 263 -2.09 14.25 -40.73
C ASN A 263 -2.08 15.48 -41.64
N GLN A 264 -2.02 15.25 -42.95
CA GLN A 264 -2.10 16.33 -43.93
C GLN A 264 -3.51 16.33 -44.51
N LEU A 265 -4.43 16.99 -43.80
CA LEU A 265 -5.83 16.98 -44.19
C LEU A 265 -6.05 17.69 -45.52
N ALA A 266 -5.33 18.80 -45.75
CA ALA A 266 -5.47 19.54 -46.99
C ALA A 266 -5.09 18.68 -48.19
N ILE A 267 -3.99 17.93 -48.07
CA ILE A 267 -3.56 17.06 -49.16
C ILE A 267 -4.57 15.94 -49.35
N VAL A 268 -5.13 15.40 -48.27
CA VAL A 268 -6.14 14.36 -48.38
C VAL A 268 -7.35 14.88 -49.18
N LYS A 269 -7.85 16.06 -48.81
CA LYS A 269 -8.99 16.63 -49.51
C LYS A 269 -8.66 16.88 -50.97
N PHE A 270 -7.48 17.44 -51.25
CA PHE A 270 -7.10 17.70 -52.64
C PHE A 270 -7.02 16.41 -53.45
N LEU A 271 -6.26 15.44 -52.96
CA LEU A 271 -6.10 14.18 -53.67
C LEU A 271 -7.42 13.46 -53.85
N LEU A 272 -8.36 13.64 -52.92
CA LEU A 272 -9.63 12.97 -53.03
C LEU A 272 -10.56 13.65 -54.03
N GLN A 273 -10.57 14.99 -54.06
CA GLN A 273 -11.52 15.73 -54.90
C GLN A 273 -10.85 16.92 -55.59
N ASN A 274 -9.68 16.71 -56.19
CA ASN A 274 -9.11 17.72 -57.08
C ASN A 274 -9.83 17.70 -58.42
N SER A 275 -9.63 18.75 -59.21
CA SER A 275 -10.27 18.88 -60.51
C SER A 275 -9.61 18.05 -61.60
N TRP A 276 -8.40 17.55 -61.38
CA TRP A 276 -7.63 16.87 -62.42
C TRP A 276 -7.88 15.36 -62.41
N GLN A 277 -7.57 14.71 -61.29
CA GLN A 277 -7.63 13.25 -61.19
C GLN A 277 -7.90 12.89 -59.73
N PRO A 278 -9.17 12.72 -59.33
CA PRO A 278 -9.42 12.33 -57.94
C PRO A 278 -8.94 10.91 -57.65
N ALA A 279 -8.50 10.70 -56.41
CA ALA A 279 -8.04 9.39 -55.98
C ALA A 279 -9.22 8.53 -55.59
N ASP A 280 -9.15 7.25 -55.95
CA ASP A 280 -10.22 6.30 -55.63
C ASP A 280 -10.17 6.00 -54.14
N ILE A 281 -11.22 6.39 -53.43
CA ILE A 281 -11.26 6.19 -51.99
C ILE A 281 -11.32 4.71 -51.62
N SER A 282 -11.86 3.88 -52.50
CA SER A 282 -11.98 2.45 -52.25
C SER A 282 -10.76 1.66 -52.73
N ALA A 283 -9.70 2.34 -53.15
CA ALA A 283 -8.51 1.66 -53.65
C ALA A 283 -7.90 0.80 -52.56
N ARG A 284 -7.39 -0.37 -52.98
CA ARG A 284 -6.86 -1.38 -52.07
C ARG A 284 -5.42 -1.68 -52.43
N ASP A 285 -4.60 -1.83 -51.40
CA ASP A 285 -3.17 -2.04 -51.58
C ASP A 285 -2.86 -3.52 -51.78
N SER A 286 -1.59 -3.89 -51.68
CA SER A 286 -1.18 -5.27 -51.90
C SER A 286 -1.80 -6.24 -50.90
N VAL A 287 -2.16 -5.76 -49.71
CA VAL A 287 -2.78 -6.59 -48.68
C VAL A 287 -4.29 -6.37 -48.60
N GLY A 288 -4.86 -5.61 -49.55
CA GLY A 288 -6.28 -5.33 -49.56
C GLY A 288 -6.72 -4.17 -48.70
N ASN A 289 -5.81 -3.53 -47.98
CA ASN A 289 -6.17 -2.45 -47.07
C ASN A 289 -6.55 -1.19 -47.84
N THR A 290 -7.59 -0.52 -47.35
CA THR A 290 -8.03 0.77 -47.86
C THR A 290 -7.42 1.88 -47.01
N VAL A 291 -7.86 3.12 -47.25
CA VAL A 291 -7.36 4.25 -46.47
C VAL A 291 -7.73 4.09 -45.00
N LEU A 292 -8.95 3.59 -44.73
CA LEU A 292 -9.37 3.42 -43.35
C LEU A 292 -8.60 2.31 -42.66
N HIS A 293 -8.31 1.22 -43.37
CA HIS A 293 -7.43 0.18 -42.82
C HIS A 293 -6.05 0.74 -42.51
N ALA A 294 -5.53 1.60 -43.40
CA ALA A 294 -4.25 2.24 -43.14
C ALA A 294 -4.30 3.12 -41.90
N LEU A 295 -5.38 3.87 -41.72
CA LEU A 295 -5.52 4.70 -40.53
C LEU A 295 -5.59 3.86 -39.27
N VAL A 296 -6.30 2.74 -39.32
CA VAL A 296 -6.36 1.84 -38.17
C VAL A 296 -4.98 1.28 -37.87
N GLU A 297 -4.24 0.90 -38.90
CA GLU A 297 -2.96 0.24 -38.70
C GLU A 297 -1.94 1.16 -38.04
N VAL A 298 -1.95 2.45 -38.36
CA VAL A 298 -0.97 3.38 -37.80
C VAL A 298 -1.33 3.83 -36.39
N ALA A 299 -2.50 3.47 -35.87
CA ALA A 299 -2.84 3.82 -34.50
C ALA A 299 -1.98 3.03 -33.52
N ASP A 300 -1.64 3.68 -32.40
CA ASP A 300 -0.91 3.03 -31.32
C ASP A 300 -1.49 3.36 -29.94
N ASN A 301 -2.71 3.88 -29.89
CA ASN A 301 -3.46 4.08 -28.65
C ASN A 301 -2.88 5.16 -27.75
N THR A 302 -1.93 5.95 -28.23
CA THR A 302 -1.48 7.13 -27.50
C THR A 302 -2.48 8.27 -27.69
N VAL A 303 -2.40 9.26 -26.80
CA VAL A 303 -3.40 10.32 -26.79
C VAL A 303 -3.37 11.12 -28.09
N ASP A 304 -2.19 11.59 -28.48
CA ASP A 304 -2.08 12.46 -29.64
C ASP A 304 -2.32 11.70 -30.93
N ASN A 305 -1.75 10.49 -31.05
CA ASN A 305 -1.97 9.70 -32.25
C ASN A 305 -3.41 9.26 -32.36
N THR A 306 -4.05 8.93 -31.22
CA THR A 306 -5.47 8.59 -31.24
C THR A 306 -6.31 9.77 -31.70
N LYS A 307 -6.02 10.98 -31.20
CA LYS A 307 -6.77 12.15 -31.65
C LYS A 307 -6.60 12.38 -33.14
N PHE A 308 -5.37 12.27 -33.64
CA PHE A 308 -5.12 12.48 -35.06
C PHE A 308 -5.85 11.44 -35.90
N VAL A 309 -5.74 10.16 -35.52
CA VAL A 309 -6.37 9.10 -36.28
C VAL A 309 -7.88 9.27 -36.27
N THR A 310 -8.45 9.63 -35.12
CA THR A 310 -9.89 9.84 -35.02
C THR A 310 -10.34 10.95 -35.96
N SER A 311 -9.67 12.11 -35.91
CA SER A 311 -10.08 13.24 -36.74
C SER A 311 -9.97 12.88 -38.22
N MET A 312 -8.85 12.28 -38.63
CA MET A 312 -8.66 11.96 -40.04
C MET A 312 -9.66 10.92 -40.51
N TYR A 313 -9.93 9.91 -39.67
CA TYR A 313 -10.91 8.88 -40.02
C TYR A 313 -12.29 9.50 -40.22
N ASN A 314 -12.70 10.36 -39.30
CA ASN A 314 -14.03 10.98 -39.41
C ASN A 314 -14.13 11.82 -40.67
N GLU A 315 -13.11 12.65 -40.93
CA GLU A 315 -13.16 13.52 -42.11
C GLU A 315 -13.17 12.71 -43.40
N ILE A 316 -12.34 11.67 -43.49
CA ILE A 316 -12.29 10.88 -44.71
C ILE A 316 -13.59 10.14 -44.93
N LEU A 317 -14.19 9.60 -43.86
CA LEU A 317 -15.46 8.90 -44.03
C LEU A 317 -16.56 9.83 -44.48
N ILE A 318 -16.61 11.05 -43.91
CA ILE A 318 -17.64 12.00 -44.30
C ILE A 318 -17.45 12.42 -45.76
N LEU A 319 -16.21 12.69 -46.17
CA LEU A 319 -15.94 13.05 -47.55
C LEU A 319 -16.30 11.91 -48.50
N GLY A 320 -15.98 10.68 -48.11
CA GLY A 320 -16.36 9.54 -48.93
C GLY A 320 -17.85 9.40 -49.10
N ALA A 321 -18.60 9.66 -48.03
CA ALA A 321 -20.06 9.65 -48.14
C ALA A 321 -20.54 10.75 -49.06
N LYS A 322 -19.95 11.94 -48.97
CA LYS A 322 -20.38 13.04 -49.81
C LYS A 322 -20.11 12.78 -51.28
N LEU A 323 -18.96 12.19 -51.60
CA LEU A 323 -18.61 11.95 -53.00
C LEU A 323 -19.26 10.68 -53.55
N HIS A 324 -19.44 9.65 -52.72
CA HIS A 324 -20.05 8.40 -53.13
C HIS A 324 -21.09 7.99 -52.09
N PRO A 325 -22.27 8.61 -52.13
CA PRO A 325 -23.32 8.23 -51.16
C PRO A 325 -23.74 6.77 -51.25
N THR A 326 -23.57 6.12 -52.40
CA THR A 326 -23.92 4.72 -52.56
C THR A 326 -22.83 3.75 -52.10
N LEU A 327 -21.65 4.26 -51.77
CA LEU A 327 -20.51 3.41 -51.41
C LEU A 327 -20.54 3.10 -49.92
N LYS A 328 -20.50 1.81 -49.59
CA LYS A 328 -20.36 1.36 -48.20
C LYS A 328 -18.87 1.18 -47.92
N LEU A 329 -18.23 2.29 -47.56
CA LEU A 329 -16.77 2.31 -47.49
C LEU A 329 -16.24 1.41 -46.37
N GLU A 330 -16.89 1.41 -45.21
CA GLU A 330 -16.43 0.61 -44.09
C GLU A 330 -16.71 -0.87 -44.25
N GLU A 331 -17.66 -1.24 -45.11
CA GLU A 331 -17.94 -2.66 -45.33
C GLU A 331 -16.84 -3.37 -46.13
N ILE A 332 -15.93 -2.61 -46.75
CA ILE A 332 -14.90 -3.23 -47.59
C ILE A 332 -13.89 -3.93 -46.68
N THR A 333 -13.64 -5.21 -46.97
CA THR A 333 -12.65 -6.00 -46.24
C THR A 333 -11.33 -6.00 -46.99
N ASN A 334 -10.26 -6.25 -46.24
CA ASN A 334 -8.94 -6.47 -46.82
C ASN A 334 -8.83 -7.95 -47.20
N ARG A 335 -7.65 -8.37 -47.66
CA ARG A 335 -7.47 -9.76 -48.06
C ARG A 335 -7.59 -10.73 -46.90
N LYS A 336 -7.35 -10.26 -45.67
CA LYS A 336 -7.59 -11.10 -44.50
C LYS A 336 -9.07 -11.26 -44.18
N GLY A 337 -9.94 -10.44 -44.78
CA GLY A 337 -11.36 -10.49 -44.50
C GLY A 337 -11.80 -9.58 -43.38
N LEU A 338 -11.00 -8.60 -43.01
CA LEU A 338 -11.29 -7.70 -41.89
C LEU A 338 -11.73 -6.34 -42.42
N THR A 339 -12.82 -5.83 -41.88
CA THR A 339 -13.21 -4.45 -42.07
C THR A 339 -12.34 -3.57 -41.18
N PRO A 340 -12.35 -2.25 -41.37
CA PRO A 340 -11.57 -1.39 -40.46
C PRO A 340 -11.94 -1.55 -39.01
N LEU A 341 -13.21 -1.79 -38.71
CA LEU A 341 -13.62 -2.05 -37.33
C LEU A 341 -13.08 -3.40 -36.86
N ALA A 342 -13.21 -4.43 -37.70
CA ALA A 342 -12.65 -5.74 -37.34
C ALA A 342 -11.15 -5.68 -37.22
N LEU A 343 -10.48 -4.86 -38.04
CA LEU A 343 -9.03 -4.71 -37.92
C LEU A 343 -8.67 -3.99 -36.62
N ALA A 344 -9.43 -2.94 -36.27
CA ALA A 344 -9.17 -2.24 -35.02
C ALA A 344 -9.34 -3.17 -33.82
N ALA A 345 -10.37 -4.02 -33.85
CA ALA A 345 -10.56 -4.97 -32.78
C ALA A 345 -9.46 -6.03 -32.77
N SER A 346 -9.09 -6.54 -33.95
CA SER A 346 -8.12 -7.62 -34.03
C SER A 346 -6.74 -7.18 -33.57
N SER A 347 -6.32 -5.97 -33.93
CA SER A 347 -4.99 -5.47 -33.64
C SER A 347 -4.88 -4.76 -32.30
N GLY A 348 -5.97 -4.68 -31.54
CA GLY A 348 -5.93 -4.03 -30.25
C GLY A 348 -5.91 -2.52 -30.31
N LYS A 349 -6.39 -1.92 -31.40
CA LYS A 349 -6.43 -0.46 -31.53
C LYS A 349 -7.67 0.04 -30.79
N ILE A 350 -7.53 0.08 -29.46
CA ILE A 350 -8.68 0.38 -28.60
C ILE A 350 -9.18 1.79 -28.81
N GLY A 351 -8.28 2.73 -29.12
CA GLY A 351 -8.69 4.11 -29.32
C GLY A 351 -9.63 4.29 -30.50
N VAL A 352 -9.19 3.83 -31.68
CA VAL A 352 -10.01 3.98 -32.87
C VAL A 352 -11.25 3.09 -32.76
N LEU A 353 -11.12 1.95 -32.09
CA LEU A 353 -12.29 1.09 -31.85
C LEU A 353 -13.34 1.82 -31.03
N ALA A 354 -12.92 2.44 -29.92
CA ALA A 354 -13.85 3.18 -29.08
C ALA A 354 -14.45 4.35 -29.83
N TYR A 355 -13.67 5.01 -30.66
CA TYR A 355 -14.21 6.07 -31.50
C TYR A 355 -15.30 5.54 -32.42
N ILE A 356 -15.01 4.46 -33.15
CA ILE A 356 -15.94 3.95 -34.16
C ILE A 356 -17.24 3.52 -33.49
N LEU A 357 -17.14 2.74 -32.41
CA LEU A 357 -18.35 2.21 -31.79
C LEU A 357 -19.21 3.31 -31.18
N GLN A 358 -18.60 4.40 -30.71
CA GLN A 358 -19.31 5.51 -30.09
C GLN A 358 -19.43 6.70 -31.03
N ARG A 359 -19.31 6.49 -32.33
CA ARG A 359 -19.29 7.60 -33.28
C ARG A 359 -20.68 8.22 -33.39
N GLU A 360 -20.75 9.54 -33.20
CA GLU A 360 -22.00 10.30 -33.29
C GLU A 360 -21.77 11.53 -34.16
N ILE A 361 -22.70 11.76 -35.09
CA ILE A 361 -22.64 12.88 -36.02
C ILE A 361 -23.97 13.61 -35.97
N HIS A 362 -23.94 14.93 -36.07
CA HIS A 362 -25.11 15.78 -35.84
C HIS A 362 -25.40 16.69 -37.02
N GLU A 363 -25.43 16.14 -38.23
CA GLU A 363 -25.84 16.89 -39.41
C GLU A 363 -26.64 15.97 -40.32
N PRO A 364 -27.61 16.48 -41.08
CA PRO A 364 -28.33 15.62 -42.01
C PRO A 364 -27.46 15.22 -43.19
N GLU A 365 -27.82 14.09 -43.80
CA GLU A 365 -27.15 13.46 -44.94
C GLU A 365 -25.77 12.91 -44.60
N CYS A 366 -25.32 12.99 -43.35
CA CYS A 366 -24.10 12.31 -42.90
C CYS A 366 -24.27 11.66 -41.53
N ARG A 367 -25.37 11.90 -40.82
CA ARG A 367 -25.61 11.22 -39.55
C ARG A 367 -25.85 9.73 -39.74
N HIS A 368 -26.20 9.29 -40.95
CA HIS A 368 -26.35 7.86 -41.19
C HIS A 368 -25.03 7.11 -41.01
N LEU A 369 -23.90 7.80 -41.15
CA LEU A 369 -22.60 7.17 -40.91
C LEU A 369 -22.39 6.82 -39.45
N SER A 370 -23.06 7.54 -38.55
CA SER A 370 -22.82 7.32 -37.13
C SER A 370 -23.38 5.98 -36.68
N ARG A 371 -22.84 5.49 -35.56
CA ARG A 371 -23.33 4.28 -34.90
C ARG A 371 -24.04 4.57 -33.59
N LYS A 372 -23.63 5.61 -32.88
CA LYS A 372 -24.32 6.08 -31.69
C LYS A 372 -25.26 7.21 -32.09
N PHE A 373 -26.54 7.05 -31.79
CA PHE A 373 -27.57 8.03 -32.15
C PHE A 373 -28.47 8.27 -30.94
N THR A 374 -28.70 9.54 -30.62
CA THR A 374 -29.54 9.91 -29.49
C THR A 374 -31.01 9.75 -29.91
N GLU A 375 -31.67 8.74 -29.36
CA GLU A 375 -33.06 8.46 -29.75
C GLU A 375 -33.97 9.59 -29.30
N TRP A 376 -33.86 10.01 -28.04
CA TRP A 376 -34.67 11.11 -27.55
C TRP A 376 -33.92 11.81 -26.42
N ALA A 377 -34.32 13.06 -26.21
CA ALA A 377 -33.88 13.85 -25.06
C ALA A 377 -35.11 14.47 -24.42
N TYR A 378 -35.36 14.10 -23.17
CA TYR A 378 -36.44 14.72 -22.36
C TYR A 378 -35.68 15.77 -21.56
N GLY A 379 -35.82 15.82 -20.23
CA GLY A 379 -35.01 16.71 -19.43
C GLY A 379 -33.78 15.94 -18.99
N PRO A 380 -33.66 15.54 -17.72
CA PRO A 380 -32.45 14.78 -17.34
C PRO A 380 -32.26 13.48 -18.13
N VAL A 381 -33.34 12.87 -18.62
CA VAL A 381 -33.28 11.56 -19.25
C VAL A 381 -32.91 11.71 -20.72
N HIS A 382 -31.93 10.92 -21.17
CA HIS A 382 -31.60 10.80 -22.58
C HIS A 382 -31.54 9.32 -22.94
N SER A 383 -31.84 9.01 -24.20
CA SER A 383 -31.80 7.64 -24.71
C SER A 383 -30.88 7.58 -25.92
N SER A 384 -29.90 6.69 -25.87
CA SER A 384 -28.96 6.47 -26.96
C SER A 384 -29.22 5.11 -27.59
N LEU A 385 -29.07 5.04 -28.90
CA LEU A 385 -29.11 3.79 -29.65
C LEU A 385 -27.75 3.55 -30.27
N TYR A 386 -27.16 2.39 -29.97
CA TYR A 386 -25.89 2.00 -30.54
C TYR A 386 -26.15 1.02 -31.67
N ASP A 387 -25.53 1.25 -32.81
CA ASP A 387 -25.63 0.30 -33.92
C ASP A 387 -24.78 -0.91 -33.61
N LEU A 388 -25.40 -2.09 -33.62
CA LEU A 388 -24.75 -3.35 -33.27
C LEU A 388 -24.51 -4.23 -34.50
N SER A 389 -24.51 -3.65 -35.69
CA SER A 389 -24.17 -4.43 -36.89
C SER A 389 -22.74 -4.90 -36.80
N CYS A 390 -22.55 -6.21 -36.99
CA CYS A 390 -21.25 -6.86 -36.92
C CYS A 390 -20.56 -6.68 -35.56
N ILE A 391 -21.32 -6.43 -34.51
CA ILE A 391 -20.81 -6.48 -33.13
C ILE A 391 -21.14 -7.81 -32.48
N ASP A 392 -22.39 -8.26 -32.61
CA ASP A 392 -22.84 -9.55 -32.09
C ASP A 392 -22.78 -10.64 -33.14
N THR A 393 -23.25 -10.36 -34.36
CA THR A 393 -23.14 -11.30 -35.48
C THR A 393 -22.82 -10.51 -36.74
N CYS A 394 -21.89 -11.04 -37.54
CA CYS A 394 -21.47 -10.42 -38.79
C CYS A 394 -21.49 -11.37 -39.98
N GLU A 395 -21.61 -12.68 -39.76
CA GLU A 395 -21.53 -13.76 -40.74
C GLU A 395 -20.11 -14.02 -41.25
N LYS A 396 -19.14 -13.16 -40.95
CA LYS A 396 -17.72 -13.44 -41.20
C LYS A 396 -16.97 -13.46 -39.88
N ASN A 397 -17.06 -12.38 -39.12
CA ASN A 397 -16.44 -12.29 -37.80
C ASN A 397 -16.95 -11.01 -37.14
N SER A 398 -17.50 -11.14 -35.93
CA SER A 398 -18.00 -10.00 -35.19
C SER A 398 -16.91 -9.41 -34.30
N VAL A 399 -17.16 -8.21 -33.80
CA VAL A 399 -16.19 -7.53 -32.95
C VAL A 399 -15.97 -8.32 -31.67
N LEU A 400 -17.06 -8.85 -31.08
CA LEU A 400 -16.91 -9.66 -29.88
C LEU A 400 -16.11 -10.93 -30.15
N GLU A 401 -16.38 -11.59 -31.29
CA GLU A 401 -15.62 -12.78 -31.64
C GLU A 401 -14.15 -12.45 -31.85
N VAL A 402 -13.87 -11.31 -32.47
CA VAL A 402 -12.48 -10.92 -32.71
C VAL A 402 -11.77 -10.62 -31.39
N ILE A 403 -12.42 -9.90 -30.48
CA ILE A 403 -11.78 -9.53 -29.22
C ILE A 403 -11.58 -10.75 -28.34
N ALA A 404 -12.64 -11.52 -28.14
CA ALA A 404 -12.58 -12.63 -27.19
C ALA A 404 -11.62 -13.73 -27.66
N TYR A 405 -11.68 -14.06 -28.94
CA TYR A 405 -10.86 -15.13 -29.52
C TYR A 405 -9.54 -14.61 -30.08
N SER A 406 -9.06 -13.48 -29.59
CA SER A 406 -7.76 -12.98 -30.01
C SER A 406 -6.66 -13.95 -29.60
N SER A 407 -5.50 -13.81 -30.24
CA SER A 407 -4.41 -14.75 -30.10
C SER A 407 -3.56 -14.53 -28.84
N SER A 408 -4.00 -13.70 -27.89
CA SER A 408 -3.36 -13.40 -26.61
C SER A 408 -2.15 -12.47 -26.78
N GLU A 409 -1.74 -12.14 -28.00
CA GLU A 409 -0.72 -11.13 -28.24
C GLU A 409 -1.30 -9.74 -28.51
N THR A 410 -2.62 -9.63 -28.61
CA THR A 410 -3.23 -8.33 -28.85
C THR A 410 -2.98 -7.43 -27.65
N PRO A 411 -2.52 -6.17 -27.83
CA PRO A 411 -2.17 -5.35 -26.66
C PRO A 411 -3.29 -5.13 -25.65
N ASN A 412 -4.50 -4.80 -26.12
CA ASN A 412 -5.59 -4.35 -25.25
C ASN A 412 -6.78 -5.31 -25.24
N ARG A 413 -6.51 -6.62 -25.36
CA ARG A 413 -7.60 -7.59 -25.40
C ARG A 413 -8.43 -7.57 -24.12
N HIS A 414 -7.81 -7.28 -22.97
CA HIS A 414 -8.55 -7.20 -21.72
C HIS A 414 -9.35 -5.90 -21.62
N ASP A 415 -8.88 -4.83 -22.26
CA ASP A 415 -9.46 -3.50 -22.10
C ASP A 415 -10.50 -3.17 -23.17
N MET A 416 -10.47 -3.85 -24.31
CA MET A 416 -11.38 -3.49 -25.40
C MET A 416 -12.84 -3.74 -25.05
N LEU A 417 -13.11 -4.67 -24.14
CA LEU A 417 -14.49 -4.93 -23.74
C LEU A 417 -15.04 -3.90 -22.76
N LEU A 418 -14.22 -2.96 -22.30
CA LEU A 418 -14.70 -1.86 -21.47
C LEU A 418 -15.31 -0.74 -22.29
N VAL A 419 -15.29 -0.84 -23.61
CA VAL A 419 -16.00 0.13 -24.45
C VAL A 419 -17.50 -0.04 -24.23
N GLU A 420 -18.19 1.07 -23.93
CA GLU A 420 -19.54 1.13 -23.37
C GLU A 420 -20.53 0.15 -23.99
N PRO A 421 -20.78 0.20 -25.31
CA PRO A 421 -21.75 -0.75 -25.88
C PRO A 421 -21.36 -2.20 -25.70
N LEU A 422 -20.08 -2.56 -25.76
CA LEU A 422 -19.71 -3.96 -25.61
C LEU A 422 -19.94 -4.45 -24.19
N ASN A 423 -19.59 -3.64 -23.20
CA ASN A 423 -19.82 -4.01 -21.80
C ASN A 423 -21.30 -4.16 -21.52
N ARG A 424 -22.10 -3.17 -21.92
CA ARG A 424 -23.54 -3.26 -21.68
C ARG A 424 -24.17 -4.40 -22.47
N LEU A 425 -23.67 -4.68 -23.67
CA LEU A 425 -24.17 -5.78 -24.48
C LEU A 425 -23.90 -7.12 -23.80
N LEU A 426 -22.68 -7.31 -23.33
CA LEU A 426 -22.33 -8.59 -22.70
C LEU A 426 -23.11 -8.77 -21.41
N GLN A 427 -23.29 -7.71 -20.63
CA GLN A 427 -24.12 -7.82 -19.43
C GLN A 427 -25.57 -8.16 -19.79
N ASP A 428 -26.09 -7.55 -20.87
CA ASP A 428 -27.45 -7.84 -21.29
C ASP A 428 -27.59 -9.29 -21.71
N LYS A 429 -26.62 -9.79 -22.48
CA LYS A 429 -26.67 -11.18 -22.90
C LYS A 429 -26.57 -12.13 -21.70
N TRP A 430 -25.72 -11.80 -20.73
CA TRP A 430 -25.62 -12.60 -19.52
C TRP A 430 -26.95 -12.67 -18.79
N ASP A 431 -27.53 -11.50 -18.50
CA ASP A 431 -28.80 -11.47 -17.76
C ASP A 431 -29.94 -12.09 -18.54
N ARG A 432 -29.88 -12.05 -19.88
CA ARG A 432 -31.02 -12.50 -20.68
C ARG A 432 -31.17 -14.01 -20.65
N PHE A 433 -30.19 -14.72 -21.22
CA PHE A 433 -30.28 -16.17 -21.37
C PHE A 433 -29.03 -16.94 -21.00
N VAL A 434 -27.86 -16.31 -20.87
CA VAL A 434 -26.64 -17.09 -20.66
C VAL A 434 -26.44 -17.39 -19.17
N LYS A 435 -26.94 -16.55 -18.27
CA LYS A 435 -26.81 -16.82 -16.84
C LYS A 435 -27.45 -18.15 -16.48
N ARG A 436 -28.68 -18.40 -16.96
CA ARG A 436 -29.37 -19.64 -16.65
C ARG A 436 -28.66 -20.84 -17.27
N ILE A 437 -28.22 -20.72 -18.52
CA ILE A 437 -27.55 -21.84 -19.17
C ILE A 437 -26.23 -22.16 -18.46
N PHE A 438 -25.49 -21.12 -18.08
CA PHE A 438 -24.24 -21.32 -17.38
C PHE A 438 -24.45 -21.98 -16.02
N TYR A 439 -25.46 -21.51 -15.27
CA TYR A 439 -25.74 -22.13 -13.98
C TYR A 439 -26.19 -23.57 -14.15
N PHE A 440 -26.95 -23.86 -15.21
CA PHE A 440 -27.34 -25.24 -15.49
C PHE A 440 -26.11 -26.09 -15.79
N ASN A 441 -25.18 -25.57 -16.59
CA ASN A 441 -23.95 -26.31 -16.88
C ASN A 441 -23.14 -26.54 -15.62
N PHE A 442 -23.09 -25.55 -14.74
CA PHE A 442 -22.40 -25.69 -13.46
C PHE A 442 -23.05 -26.78 -12.61
N PHE A 443 -24.38 -26.79 -12.57
CA PHE A 443 -25.12 -27.81 -11.85
C PHE A 443 -24.83 -29.20 -12.42
N VAL A 444 -24.81 -29.31 -13.75
CA VAL A 444 -24.55 -30.60 -14.39
C VAL A 444 -23.13 -31.07 -14.09
N TYR A 445 -22.17 -30.15 -14.13
CA TYR A 445 -20.79 -30.53 -13.77
C TYR A 445 -20.69 -30.96 -12.31
N CYS A 446 -21.43 -30.28 -11.43
CA CYS A 446 -21.47 -30.70 -10.02
C CYS A 446 -22.02 -32.10 -9.89
N LEU A 447 -23.10 -32.41 -10.61
CA LEU A 447 -23.66 -33.76 -10.58
C LEU A 447 -22.65 -34.76 -11.14
N TYR A 448 -21.96 -34.39 -12.20
CA TYR A 448 -20.97 -35.28 -12.80
C TYR A 448 -19.85 -35.59 -11.82
N MET A 449 -19.34 -34.57 -11.13
CA MET A 449 -18.24 -34.80 -10.20
C MET A 449 -18.71 -35.52 -8.94
N ILE A 450 -19.94 -35.28 -8.50
CA ILE A 450 -20.47 -36.04 -7.36
C ILE A 450 -20.59 -37.52 -7.73
N ILE A 451 -21.11 -37.80 -8.92
CA ILE A 451 -21.26 -39.18 -9.36
C ILE A 451 -19.89 -39.84 -9.54
N PHE A 452 -18.95 -39.10 -10.12
CA PHE A 452 -17.59 -39.63 -10.29
C PHE A 452 -16.96 -39.90 -8.94
N THR A 453 -17.13 -38.99 -7.98
CA THR A 453 -16.59 -39.18 -6.64
C THR A 453 -17.20 -40.41 -5.99
N ALA A 454 -18.51 -40.59 -6.11
CA ALA A 454 -19.16 -41.75 -5.52
C ALA A 454 -18.67 -43.05 -6.17
N ALA A 455 -18.58 -43.06 -7.51
CA ALA A 455 -18.15 -44.26 -8.21
C ALA A 455 -16.71 -44.62 -7.89
N ALA A 456 -15.84 -43.60 -7.79
CA ALA A 456 -14.44 -43.86 -7.49
C ALA A 456 -14.25 -44.27 -6.04
N TYR A 457 -15.02 -43.66 -5.14
CA TYR A 457 -14.91 -43.99 -3.71
C TYR A 457 -15.23 -45.45 -3.45
N TYR A 458 -16.31 -45.95 -4.07
CA TYR A 458 -16.76 -47.31 -3.89
C TYR A 458 -16.19 -48.26 -4.93
N ARG A 459 -15.00 -47.98 -5.44
CA ARG A 459 -14.37 -48.89 -6.38
C ARG A 459 -14.13 -50.24 -5.69
N PRO A 460 -14.30 -51.36 -6.38
CA PRO A 460 -13.95 -52.64 -5.76
C PRO A 460 -12.45 -52.76 -5.55
N VAL A 461 -12.07 -53.51 -4.52
CA VAL A 461 -10.69 -53.64 -4.10
C VAL A 461 -10.09 -54.99 -4.45
N GLU A 462 -10.81 -55.85 -5.17
CA GLU A 462 -10.24 -57.10 -5.64
C GLU A 462 -9.19 -56.80 -6.71
N GLY A 463 -8.47 -57.83 -7.13
CA GLY A 463 -7.38 -57.66 -8.05
C GLY A 463 -7.79 -57.79 -9.51
N LEU A 464 -6.90 -57.33 -10.39
CA LEU A 464 -7.00 -57.57 -11.83
C LEU A 464 -8.34 -57.16 -12.42
N PRO A 465 -8.58 -55.87 -12.63
CA PRO A 465 -9.80 -55.45 -13.36
C PRO A 465 -9.83 -56.07 -14.75
N PRO A 466 -10.98 -56.01 -15.45
CA PRO A 466 -12.27 -55.45 -15.05
C PRO A 466 -12.98 -56.32 -14.03
N TYR A 467 -13.89 -55.73 -13.28
CA TYR A 467 -14.57 -56.42 -12.18
C TYR A 467 -15.94 -56.87 -12.64
N LYS A 468 -16.21 -58.17 -12.51
CA LYS A 468 -17.48 -58.72 -12.92
C LYS A 468 -18.61 -58.07 -12.13
N LEU A 469 -19.65 -57.65 -12.85
CA LEU A 469 -20.77 -56.99 -12.20
C LEU A 469 -21.58 -58.01 -11.41
N LYS A 470 -21.78 -57.73 -10.13
CA LYS A 470 -22.61 -58.57 -9.29
C LYS A 470 -24.06 -58.13 -9.38
N ASN A 471 -24.96 -59.10 -9.24
CA ASN A 471 -26.39 -58.84 -9.35
C ASN A 471 -26.90 -58.29 -8.01
N THR A 472 -26.48 -57.08 -7.70
CA THR A 472 -26.87 -56.40 -6.46
C THR A 472 -27.02 -54.91 -6.74
N VAL A 473 -27.85 -54.26 -5.94
CA VAL A 473 -28.27 -52.88 -6.22
C VAL A 473 -27.09 -51.93 -6.18
N GLY A 474 -26.23 -52.08 -5.16
CA GLY A 474 -25.10 -51.17 -5.01
C GLY A 474 -24.17 -51.23 -6.20
N ASP A 475 -23.94 -52.42 -6.74
CA ASP A 475 -23.07 -52.55 -7.90
C ASP A 475 -23.72 -52.02 -9.17
N TYR A 476 -25.05 -52.11 -9.30
CA TYR A 476 -25.70 -51.48 -10.43
C TYR A 476 -25.55 -49.96 -10.37
N PHE A 477 -25.73 -49.38 -9.18
CA PHE A 477 -25.51 -47.94 -9.05
C PHE A 477 -24.05 -47.59 -9.32
N ARG A 478 -23.12 -48.42 -8.85
CA ARG A 478 -21.70 -48.16 -9.06
C ARG A 478 -21.33 -48.19 -10.53
N VAL A 479 -21.79 -49.20 -11.26
CA VAL A 479 -21.43 -49.31 -12.67
C VAL A 479 -22.12 -48.23 -13.47
N THR A 480 -23.34 -47.82 -13.08
CA THR A 480 -23.97 -46.67 -13.72
C THR A 480 -23.14 -45.41 -13.50
N GLY A 481 -22.64 -45.21 -12.29
CA GLY A 481 -21.77 -44.07 -12.02
C GLY A 481 -20.50 -44.12 -12.83
N GLU A 482 -19.90 -45.30 -12.98
CA GLU A 482 -18.70 -45.44 -13.79
C GLU A 482 -18.98 -45.11 -15.25
N ILE A 483 -20.11 -45.58 -15.77
CA ILE A 483 -20.47 -45.30 -17.16
C ILE A 483 -20.66 -43.80 -17.35
N LEU A 484 -21.35 -43.16 -16.41
CA LEU A 484 -21.55 -41.71 -16.52
C LEU A 484 -20.22 -40.96 -16.41
N SER A 485 -19.31 -41.42 -15.56
CA SER A 485 -18.01 -40.78 -15.43
C SER A 485 -17.23 -40.87 -16.73
N VAL A 486 -17.20 -42.06 -17.33
CA VAL A 486 -16.49 -42.22 -18.59
C VAL A 486 -17.17 -41.42 -19.70
N SER A 487 -18.50 -41.35 -19.67
CA SER A 487 -19.23 -40.56 -20.65
C SER A 487 -18.84 -39.09 -20.56
N GLY A 488 -18.79 -38.55 -19.34
CA GLY A 488 -18.36 -37.17 -19.17
C GLY A 488 -16.92 -36.96 -19.60
N GLY A 489 -16.06 -37.94 -19.33
CA GLY A 489 -14.69 -37.85 -19.80
C GLY A 489 -14.60 -37.78 -21.30
N VAL A 490 -15.36 -38.63 -22.00
CA VAL A 490 -15.39 -38.60 -23.46
C VAL A 490 -15.93 -37.26 -23.94
N TYR A 491 -16.96 -36.74 -23.27
CA TYR A 491 -17.53 -35.45 -23.64
C TYR A 491 -16.47 -34.35 -23.57
N PHE A 492 -15.74 -34.27 -22.46
CA PHE A 492 -14.73 -33.23 -22.33
C PHE A 492 -13.56 -33.45 -23.27
N PHE A 493 -13.23 -34.71 -23.56
CA PHE A 493 -12.17 -35.00 -24.53
C PHE A 493 -12.52 -34.46 -25.91
N PHE A 494 -13.72 -34.79 -26.39
CA PHE A 494 -14.12 -34.29 -27.70
C PHE A 494 -14.36 -32.79 -27.69
N ARG A 495 -14.79 -32.22 -26.56
CA ARG A 495 -14.90 -30.77 -26.47
C ARG A 495 -13.54 -30.10 -26.60
N GLY A 496 -12.52 -30.68 -25.98
CA GLY A 496 -11.18 -30.14 -26.14
C GLY A 496 -10.68 -30.24 -27.57
N ILE A 497 -10.96 -31.36 -28.24
CA ILE A 497 -10.58 -31.48 -29.65
C ILE A 497 -11.32 -30.44 -30.48
N GLN A 498 -12.61 -30.24 -30.20
CA GLN A 498 -13.37 -29.24 -30.93
C GLN A 498 -12.81 -27.85 -30.72
N TYR A 499 -12.40 -27.52 -29.49
CA TYR A 499 -11.78 -26.23 -29.22
C TYR A 499 -10.50 -26.07 -30.03
N PHE A 500 -9.65 -27.11 -30.02
CA PHE A 500 -8.39 -27.04 -30.75
C PHE A 500 -8.63 -26.84 -32.25
N LEU A 501 -9.59 -27.57 -32.82
CA LEU A 501 -9.84 -27.47 -34.25
C LEU A 501 -10.49 -26.14 -34.61
N GLN A 502 -11.44 -25.66 -33.80
CA GLN A 502 -12.16 -24.44 -34.10
C GLN A 502 -11.32 -23.19 -33.87
N ARG A 503 -10.26 -23.27 -33.05
CA ARG A 503 -9.39 -22.13 -32.79
C ARG A 503 -8.07 -22.19 -33.51
N ARG A 504 -7.56 -23.39 -33.81
CA ARG A 504 -6.21 -23.59 -34.32
C ARG A 504 -5.18 -22.81 -33.48
N PRO A 505 -5.01 -23.17 -32.20
CA PRO A 505 -3.99 -22.48 -31.39
C PRO A 505 -2.60 -22.64 -31.98
N SER A 506 -1.76 -21.64 -31.73
CA SER A 506 -0.47 -21.52 -32.37
C SER A 506 0.63 -22.32 -31.67
N LEU A 507 0.27 -23.21 -30.75
CA LEU A 507 1.21 -24.03 -29.97
C LEU A 507 2.01 -23.24 -28.95
N LYS A 508 1.78 -21.93 -28.86
CA LYS A 508 2.19 -21.09 -27.73
C LYS A 508 0.99 -20.53 -26.99
N SER A 509 -0.09 -20.23 -27.71
CA SER A 509 -1.34 -19.81 -27.08
C SER A 509 -1.94 -20.90 -26.21
N LEU A 510 -1.53 -22.16 -26.38
CA LEU A 510 -2.01 -23.22 -25.50
C LEU A 510 -1.47 -23.08 -24.08
N PHE A 511 -0.30 -22.47 -23.92
CA PHE A 511 0.42 -22.46 -22.65
C PHE A 511 0.65 -21.07 -22.08
N VAL A 512 0.31 -20.01 -22.81
CA VAL A 512 0.18 -18.68 -22.24
C VAL A 512 -1.27 -18.24 -22.11
N ASP A 513 -2.22 -19.02 -22.62
CA ASP A 513 -3.62 -18.66 -22.58
C ASP A 513 -4.46 -19.94 -22.66
N SER A 514 -5.76 -19.80 -22.41
CA SER A 514 -6.70 -20.92 -22.49
C SER A 514 -6.30 -22.07 -21.56
N TYR A 515 -6.02 -21.73 -20.30
CA TYR A 515 -5.63 -22.75 -19.34
C TYR A 515 -6.78 -23.69 -19.00
N SER A 516 -8.00 -23.18 -18.93
CA SER A 516 -9.14 -24.02 -18.54
C SER A 516 -9.40 -25.12 -19.55
N GLU A 517 -9.26 -24.82 -20.85
CA GLU A 517 -9.44 -25.86 -21.86
C GLU A 517 -8.38 -26.94 -21.71
N ILE A 518 -7.13 -26.54 -21.45
CA ILE A 518 -6.06 -27.50 -21.22
C ILE A 518 -6.37 -28.37 -20.01
N LEU A 519 -6.84 -27.75 -18.92
CA LEU A 519 -7.09 -28.52 -17.70
C LEU A 519 -8.25 -29.50 -17.87
N PHE A 520 -9.34 -29.07 -18.49
CA PHE A 520 -10.45 -29.98 -18.72
C PHE A 520 -10.03 -31.11 -19.68
N PHE A 521 -9.24 -30.77 -20.70
CA PHE A 521 -8.77 -31.79 -21.61
C PHE A 521 -7.86 -32.79 -20.91
N VAL A 522 -6.99 -32.31 -20.03
CA VAL A 522 -6.08 -33.22 -19.32
C VAL A 522 -6.86 -34.10 -18.35
N GLN A 523 -7.89 -33.54 -17.71
CA GLN A 523 -8.77 -34.36 -16.88
C GLN A 523 -9.39 -35.49 -17.69
N SER A 524 -9.91 -35.15 -18.88
CA SER A 524 -10.49 -36.20 -19.71
C SER A 524 -9.44 -37.19 -20.19
N LEU A 525 -8.21 -36.73 -20.43
CA LEU A 525 -7.14 -37.64 -20.82
C LEU A 525 -6.83 -38.62 -19.69
N PHE A 526 -6.80 -38.14 -18.45
CA PHE A 526 -6.61 -39.05 -17.32
C PHE A 526 -7.76 -40.04 -17.22
N MET A 527 -8.99 -39.59 -17.47
CA MET A 527 -10.13 -40.51 -17.46
C MET A 527 -9.98 -41.59 -18.53
N LEU A 528 -9.57 -41.21 -19.73
CA LEU A 528 -9.46 -42.20 -20.80
C LEU A 528 -8.30 -43.15 -20.57
N VAL A 529 -7.20 -42.65 -20.04
CA VAL A 529 -6.10 -43.54 -19.66
C VAL A 529 -6.55 -44.50 -18.57
N SER A 530 -7.38 -44.01 -17.64
CA SER A 530 -7.94 -44.90 -16.63
C SER A 530 -8.78 -45.99 -17.25
N VAL A 531 -9.59 -45.65 -18.26
CA VAL A 531 -10.39 -46.68 -18.93
C VAL A 531 -9.49 -47.70 -19.61
N VAL A 532 -8.45 -47.22 -20.30
CA VAL A 532 -7.54 -48.12 -21.02
C VAL A 532 -6.86 -49.07 -20.05
N LEU A 533 -6.35 -48.54 -18.94
CA LEU A 533 -5.71 -49.40 -17.93
C LEU A 533 -6.72 -50.32 -17.27
N TYR A 534 -7.96 -49.87 -17.09
CA TYR A 534 -8.98 -50.71 -16.48
C TYR A 534 -9.25 -51.94 -17.33
N PHE A 535 -9.42 -51.76 -18.63
CA PHE A 535 -9.63 -52.90 -19.52
C PHE A 535 -8.33 -53.56 -19.96
N SER A 536 -7.17 -53.00 -19.62
CA SER A 536 -5.89 -53.65 -19.82
C SER A 536 -5.48 -54.55 -18.66
N GLN A 537 -6.32 -54.68 -17.63
CA GLN A 537 -6.03 -55.54 -16.47
C GLN A 537 -4.82 -55.02 -15.69
N ARG A 538 -4.83 -53.72 -15.41
CA ARG A 538 -3.79 -53.08 -14.63
C ARG A 538 -4.45 -52.26 -13.52
N LYS A 539 -3.97 -52.43 -12.29
CA LYS A 539 -4.51 -51.65 -11.15
C LYS A 539 -4.07 -50.19 -11.24
N GLU A 540 -3.07 -49.89 -12.08
CA GLU A 540 -2.62 -48.51 -12.24
C GLU A 540 -3.70 -47.59 -12.79
N TYR A 541 -4.82 -48.13 -13.28
CA TYR A 541 -5.95 -47.28 -13.63
C TYR A 541 -6.35 -46.39 -12.45
N VAL A 542 -6.26 -46.91 -11.22
CA VAL A 542 -6.58 -46.10 -10.05
C VAL A 542 -5.69 -44.88 -10.01
N ALA A 543 -4.39 -45.05 -10.32
CA ALA A 543 -3.47 -43.92 -10.35
C ALA A 543 -3.96 -42.84 -11.29
N SER A 544 -4.46 -43.23 -12.47
CA SER A 544 -5.01 -42.22 -13.37
C SER A 544 -6.28 -41.64 -12.80
N MET A 545 -7.17 -42.49 -12.28
CA MET A 545 -8.52 -42.07 -11.95
C MET A 545 -8.50 -40.98 -10.88
N VAL A 546 -7.71 -41.20 -9.83
CA VAL A 546 -7.66 -40.23 -8.74
C VAL A 546 -7.13 -38.90 -9.26
N PHE A 547 -6.14 -38.93 -10.17
CA PHE A 547 -5.66 -37.67 -10.73
C PHE A 547 -6.79 -36.94 -11.43
N SER A 548 -7.54 -37.66 -12.28
CA SER A 548 -8.69 -37.06 -12.92
C SER A 548 -9.65 -36.53 -11.87
N LEU A 549 -9.91 -37.33 -10.84
CA LEU A 549 -10.82 -36.92 -9.79
C LEU A 549 -10.33 -35.64 -9.15
N ALA A 550 -9.04 -35.61 -8.77
CA ALA A 550 -8.50 -34.41 -8.16
C ALA A 550 -8.64 -33.22 -9.10
N MET A 551 -8.25 -33.42 -10.36
CA MET A 551 -8.32 -32.33 -11.32
C MET A 551 -9.75 -31.88 -11.51
N GLY A 552 -10.67 -32.85 -11.54
CA GLY A 552 -12.07 -32.51 -11.74
C GLY A 552 -12.55 -31.54 -10.69
N TRP A 553 -12.21 -31.80 -9.43
CA TRP A 553 -12.71 -30.93 -8.39
C TRP A 553 -12.06 -29.56 -8.47
N THR A 554 -10.76 -29.50 -8.80
CA THR A 554 -10.14 -28.20 -8.96
C THR A 554 -10.73 -27.46 -10.15
N ASN A 555 -11.21 -28.20 -11.14
CA ASN A 555 -11.83 -27.53 -12.28
C ASN A 555 -13.16 -26.88 -11.93
N MET A 556 -13.70 -27.12 -10.72
CA MET A 556 -14.83 -26.32 -10.26
C MET A 556 -14.49 -24.83 -10.24
N LEU A 557 -13.22 -24.49 -10.07
CA LEU A 557 -12.84 -23.08 -10.12
C LEU A 557 -13.19 -22.42 -11.44
N TYR A 558 -13.25 -23.21 -12.54
CA TYR A 558 -13.70 -22.65 -13.81
C TYR A 558 -15.05 -21.97 -13.67
N TYR A 559 -15.95 -22.57 -12.90
CA TYR A 559 -17.29 -22.03 -12.78
C TYR A 559 -17.39 -20.89 -11.79
N THR A 560 -16.27 -20.42 -11.22
CA THR A 560 -16.34 -19.23 -10.40
C THR A 560 -16.58 -17.97 -11.24
N ARG A 561 -16.26 -18.02 -12.52
CA ARG A 561 -16.75 -16.99 -13.43
C ARG A 561 -18.25 -17.09 -13.52
N GLY A 562 -18.90 -15.95 -13.76
CA GLY A 562 -20.32 -15.83 -13.60
C GLY A 562 -20.75 -15.35 -12.23
N PHE A 563 -19.84 -15.40 -11.26
CA PHE A 563 -19.97 -14.73 -9.97
C PHE A 563 -18.79 -13.78 -9.87
N GLN A 564 -19.06 -12.48 -9.78
CA GLN A 564 -18.02 -11.47 -9.95
C GLN A 564 -16.92 -11.61 -8.90
N GLN A 565 -17.30 -11.73 -7.62
CA GLN A 565 -16.29 -11.80 -6.57
C GLN A 565 -15.49 -13.10 -6.66
N MET A 566 -16.18 -14.23 -6.82
CA MET A 566 -15.48 -15.50 -6.92
C MET A 566 -14.69 -15.59 -8.22
N GLY A 567 -15.22 -15.07 -9.32
CA GLY A 567 -14.49 -15.12 -10.57
C GLY A 567 -13.22 -14.28 -10.54
N ILE A 568 -13.31 -13.08 -9.99
CA ILE A 568 -12.12 -12.24 -9.84
C ILE A 568 -11.13 -12.90 -8.89
N TYR A 569 -11.65 -13.58 -7.85
CA TYR A 569 -10.78 -14.31 -6.94
C TYR A 569 -10.03 -15.43 -7.66
N ALA A 570 -10.73 -16.17 -8.52
CA ALA A 570 -10.08 -17.25 -9.26
C ALA A 570 -9.04 -16.69 -10.23
N VAL A 571 -9.33 -15.55 -10.84
CA VAL A 571 -8.35 -14.90 -11.71
C VAL A 571 -7.11 -14.51 -10.90
N MET A 572 -7.31 -13.99 -9.69
CA MET A 572 -6.18 -13.67 -8.84
C MET A 572 -5.40 -14.92 -8.47
N ILE A 573 -6.09 -16.05 -8.26
CA ILE A 573 -5.39 -17.31 -7.97
C ILE A 573 -4.50 -17.67 -9.15
N GLU A 574 -5.04 -17.55 -10.35
CA GLU A 574 -4.25 -17.82 -11.57
C GLU A 574 -3.00 -16.96 -11.61
N LYS A 575 -3.17 -15.66 -11.39
CA LYS A 575 -2.03 -14.71 -11.46
C LYS A 575 -1.00 -15.08 -10.39
N MET A 576 -1.44 -15.37 -9.16
CA MET A 576 -0.51 -15.75 -8.11
C MET A 576 0.27 -16.98 -8.50
N ILE A 577 -0.40 -18.00 -9.05
CA ILE A 577 0.27 -19.22 -9.46
C ILE A 577 1.32 -18.92 -10.53
N LEU A 578 0.96 -18.10 -11.51
CA LEU A 578 1.85 -17.93 -12.64
C LEU A 578 3.04 -17.05 -12.31
N ARG A 579 2.87 -16.03 -11.45
CA ARG A 579 3.98 -15.15 -11.10
C ARG A 579 4.67 -15.57 -9.80
N ASP A 580 3.96 -15.46 -8.68
CA ASP A 580 4.62 -15.51 -7.39
C ASP A 580 4.99 -16.94 -7.03
N LEU A 581 4.06 -17.86 -7.22
CA LEU A 581 4.35 -19.27 -6.94
C LEU A 581 5.42 -19.79 -7.88
N CYS A 582 5.44 -19.33 -9.13
CA CYS A 582 6.48 -19.77 -10.06
C CYS A 582 7.87 -19.35 -9.59
N ARG A 583 8.05 -18.06 -9.30
CA ARG A 583 9.36 -17.59 -8.85
C ARG A 583 9.76 -18.24 -7.53
N PHE A 584 8.82 -18.28 -6.58
CA PHE A 584 9.10 -18.89 -5.30
C PHE A 584 9.48 -20.34 -5.44
N MET A 585 8.76 -21.10 -6.27
CA MET A 585 9.04 -22.52 -6.38
C MET A 585 10.40 -22.76 -7.04
N PHE A 586 10.79 -21.92 -8.01
CA PHE A 586 12.13 -22.08 -8.56
C PHE A 586 13.18 -21.91 -7.47
N VAL A 587 13.12 -20.79 -6.75
CA VAL A 587 14.17 -20.54 -5.75
C VAL A 587 14.09 -21.54 -4.61
N TYR A 588 12.88 -21.87 -4.18
CA TYR A 588 12.68 -22.81 -3.09
C TYR A 588 13.19 -24.20 -3.45
N LEU A 589 12.93 -24.66 -4.68
CA LEU A 589 13.41 -25.97 -5.08
C LEU A 589 14.92 -25.97 -5.21
N VAL A 590 15.53 -24.85 -5.62
CA VAL A 590 16.99 -24.78 -5.64
C VAL A 590 17.54 -24.94 -4.22
N PHE A 591 16.99 -24.18 -3.27
CA PHE A 591 17.45 -24.28 -1.89
C PHE A 591 17.20 -25.67 -1.32
N LEU A 592 16.02 -26.22 -1.56
CA LEU A 592 15.65 -27.51 -1.01
C LEU A 592 16.57 -28.60 -1.54
N PHE A 593 16.79 -28.64 -2.85
CA PHE A 593 17.64 -29.66 -3.42
C PHE A 593 19.08 -29.49 -2.94
N GLY A 594 19.57 -28.24 -2.87
CA GLY A 594 20.93 -28.04 -2.43
C GLY A 594 21.17 -28.49 -1.00
N PHE A 595 20.31 -28.07 -0.09
CA PHE A 595 20.50 -28.45 1.30
C PHE A 595 20.16 -29.92 1.53
N SER A 596 19.24 -30.49 0.77
CA SER A 596 18.98 -31.92 0.89
C SER A 596 20.18 -32.74 0.43
N THR A 597 20.82 -32.33 -0.66
CA THR A 597 22.01 -33.04 -1.11
C THR A 597 23.14 -32.90 -0.09
N ALA A 598 23.31 -31.70 0.49
CA ALA A 598 24.33 -31.52 1.51
C ALA A 598 24.05 -32.40 2.74
N VAL A 599 22.80 -32.44 3.18
CA VAL A 599 22.46 -33.19 4.38
C VAL A 599 22.59 -34.69 4.14
N VAL A 600 22.08 -35.18 3.00
CA VAL A 600 22.15 -36.61 2.75
C VAL A 600 23.58 -37.04 2.48
N THR A 601 24.43 -36.15 1.96
CA THR A 601 25.86 -36.44 1.91
C THR A 601 26.44 -36.54 3.31
N LEU A 602 26.05 -35.63 4.20
CA LEU A 602 26.54 -35.69 5.57
C LEU A 602 26.03 -36.94 6.29
N ILE A 603 24.79 -37.33 6.03
CA ILE A 603 24.23 -38.50 6.69
C ILE A 603 25.00 -39.74 6.25
N GLU A 604 25.29 -40.61 7.22
CA GLU A 604 26.08 -41.82 6.98
C GLU A 604 25.51 -42.91 7.86
N ASP A 605 24.80 -43.86 7.25
CA ASP A 605 24.21 -44.95 8.01
C ASP A 605 25.30 -45.83 8.61
N GLY A 606 25.13 -46.17 9.89
CA GLY A 606 26.10 -47.00 10.59
C GLY A 606 25.52 -47.51 11.89
N LYS A 607 26.12 -48.57 12.39
CA LYS A 607 25.59 -49.26 13.57
C LYS A 607 26.65 -50.13 14.22
N SER A 630 15.15 -45.19 8.16
CA SER A 630 16.38 -45.31 7.38
C SER A 630 16.56 -44.12 6.43
N TYR A 631 17.38 -43.16 6.84
CA TYR A 631 17.72 -42.02 6.02
C TYR A 631 18.96 -42.39 5.18
N ASN A 632 19.63 -41.39 4.61
CA ASN A 632 20.67 -41.57 3.59
C ASN A 632 20.07 -41.92 2.23
N SER A 633 18.84 -41.47 2.00
CA SER A 633 18.21 -41.47 0.70
C SER A 633 17.86 -40.03 0.36
N LEU A 634 18.13 -39.62 -0.87
CA LEU A 634 17.87 -38.25 -1.26
C LEU A 634 16.39 -37.91 -1.16
N TYR A 635 15.52 -38.88 -1.48
CA TYR A 635 14.09 -38.65 -1.37
C TYR A 635 13.67 -38.40 0.08
N SER A 636 14.14 -39.24 1.00
CA SER A 636 13.75 -39.07 2.40
C SER A 636 14.26 -37.75 2.97
N THR A 637 15.49 -37.38 2.63
CA THR A 637 16.02 -36.11 3.12
C THR A 637 15.29 -34.93 2.51
N CYS A 638 14.96 -35.01 1.21
CA CYS A 638 14.16 -33.96 0.59
C CYS A 638 12.81 -33.83 1.27
N LEU A 639 12.19 -34.96 1.61
CA LEU A 639 10.90 -34.91 2.29
C LEU A 639 11.02 -34.30 3.68
N GLU A 640 12.06 -34.69 4.42
CA GLU A 640 12.26 -34.13 5.76
C GLU A 640 12.51 -32.63 5.70
N LEU A 641 13.27 -32.16 4.72
CA LEU A 641 13.51 -30.73 4.61
C LEU A 641 12.27 -30.00 4.11
N PHE A 642 11.45 -30.65 3.28
CA PHE A 642 10.18 -30.06 2.87
C PHE A 642 9.24 -29.90 4.05
N LYS A 643 9.30 -30.83 5.01
CA LYS A 643 8.42 -30.74 6.18
C LYS A 643 8.61 -29.43 6.95
N PHE A 644 9.80 -28.83 6.88
CA PHE A 644 10.00 -27.53 7.52
C PHE A 644 9.09 -26.47 6.92
N THR A 645 8.84 -26.54 5.61
CA THR A 645 7.98 -25.55 4.97
C THR A 645 6.56 -25.59 5.53
N ILE A 646 6.08 -26.79 5.86
CA ILE A 646 4.71 -26.97 6.34
C ILE A 646 4.63 -26.94 7.85
N GLY A 647 5.66 -26.46 8.53
CA GLY A 647 5.62 -26.36 9.97
C GLY A 647 5.71 -27.67 10.70
N MET A 648 6.30 -28.70 10.08
CA MET A 648 6.43 -30.02 10.67
C MET A 648 7.87 -30.52 10.60
N GLY A 649 8.84 -29.61 10.50
CA GLY A 649 10.22 -30.02 10.43
C GLY A 649 10.72 -30.49 11.78
N ASP A 650 11.29 -31.68 11.81
CA ASP A 650 11.71 -32.27 13.08
C ASP A 650 12.90 -31.53 13.67
N LEU A 651 13.90 -31.24 12.84
CA LEU A 651 15.16 -30.59 13.21
C LEU A 651 16.11 -31.51 13.96
N GLU A 652 15.68 -32.74 14.27
CA GLU A 652 16.54 -33.80 14.79
C GLU A 652 16.10 -35.14 14.21
N PHE A 653 15.77 -35.16 12.92
CA PHE A 653 15.15 -36.34 12.34
C PHE A 653 16.10 -37.52 12.25
N THR A 654 17.41 -37.29 12.37
CA THR A 654 18.37 -38.38 12.35
C THR A 654 19.54 -38.05 13.24
N GLU A 655 20.22 -39.09 13.71
CA GLU A 655 21.51 -38.97 14.38
C GLU A 655 22.60 -39.69 13.60
N ASN A 656 22.31 -40.21 12.41
CA ASN A 656 23.24 -41.05 11.67
C ASN A 656 24.21 -40.15 10.89
N TYR A 657 25.10 -39.52 11.65
CA TYR A 657 26.11 -38.65 11.07
C TYR A 657 27.23 -38.46 12.09
N ASP A 658 28.27 -37.83 11.56
CA ASP A 658 29.33 -37.32 12.44
C ASP A 658 29.20 -35.80 12.22
N PHE A 659 29.85 -34.98 13.03
CA PHE A 659 29.84 -33.52 12.90
C PHE A 659 28.42 -32.97 13.05
N LYS A 660 27.88 -33.16 14.25
CA LYS A 660 26.53 -32.68 14.56
C LYS A 660 26.42 -31.18 14.34
N ALA A 661 27.49 -30.44 14.60
CA ALA A 661 27.48 -29.00 14.35
C ALA A 661 27.23 -28.71 12.88
N VAL A 662 27.81 -29.50 11.99
CA VAL A 662 27.61 -29.30 10.56
C VAL A 662 26.15 -29.57 10.20
N PHE A 663 25.60 -30.67 10.71
CA PHE A 663 24.21 -31.02 10.44
C PHE A 663 23.26 -29.91 10.88
N ILE A 664 23.41 -29.44 12.12
CA ILE A 664 22.49 -28.45 12.64
C ILE A 664 22.71 -27.10 11.96
N ILE A 665 23.95 -26.76 11.61
CA ILE A 665 24.20 -25.52 10.90
C ILE A 665 23.53 -25.56 9.52
N LEU A 666 23.63 -26.69 8.83
CA LEU A 666 22.96 -26.82 7.54
C LEU A 666 21.46 -26.67 7.70
N LEU A 667 20.87 -27.35 8.69
CA LEU A 667 19.43 -27.26 8.87
C LEU A 667 18.99 -25.86 9.25
N LEU A 668 19.73 -25.19 10.12
CA LEU A 668 19.38 -23.83 10.52
C LEU A 668 19.49 -22.87 9.36
N ALA A 669 20.54 -23.01 8.54
CA ALA A 669 20.67 -22.16 7.36
C ALA A 669 19.52 -22.40 6.40
N TYR A 670 19.14 -23.66 6.20
CA TYR A 670 18.01 -23.97 5.34
C TYR A 670 16.73 -23.35 5.88
N VAL A 671 16.51 -23.46 7.18
CA VAL A 671 15.29 -22.94 7.80
C VAL A 671 15.24 -21.42 7.67
N ILE A 672 16.36 -20.75 7.93
CA ILE A 672 16.38 -19.29 7.85
C ILE A 672 16.16 -18.84 6.40
N LEU A 673 16.78 -19.53 5.45
CA LEU A 673 16.65 -19.11 4.05
C LEU A 673 15.25 -19.39 3.51
N THR A 674 14.66 -20.54 3.84
CA THR A 674 13.39 -20.93 3.26
C THR A 674 12.20 -20.54 4.13
N TYR A 675 12.16 -21.05 5.37
CA TYR A 675 10.98 -20.85 6.21
C TYR A 675 10.83 -19.40 6.64
N ILE A 676 11.91 -18.82 7.17
CA ILE A 676 11.81 -17.49 7.75
C ILE A 676 11.87 -16.42 6.66
N LEU A 677 12.81 -16.55 5.73
CA LEU A 677 12.98 -15.55 4.67
C LEU A 677 12.04 -15.80 3.50
N LEU A 678 12.19 -16.94 2.84
CA LEU A 678 11.61 -17.08 1.50
C LEU A 678 10.09 -17.21 1.55
N LEU A 679 9.55 -17.91 2.54
CA LEU A 679 8.11 -18.09 2.61
C LEU A 679 7.41 -16.79 3.03
N ASN A 680 7.96 -16.09 4.01
CA ASN A 680 7.41 -14.79 4.35
C ASN A 680 7.60 -13.80 3.21
N MET A 681 8.68 -13.96 2.45
CA MET A 681 8.85 -13.16 1.24
C MET A 681 7.76 -13.48 0.22
N LEU A 682 7.37 -14.75 0.11
CA LEU A 682 6.26 -15.10 -0.77
C LEU A 682 4.99 -14.40 -0.32
N ILE A 683 4.75 -14.35 0.99
CA ILE A 683 3.57 -13.62 1.48
C ILE A 683 3.65 -12.15 1.09
N ALA A 684 4.82 -11.54 1.27
CA ALA A 684 4.98 -10.12 0.93
C ALA A 684 4.78 -9.88 -0.57
N LEU A 685 5.33 -10.76 -1.40
CA LEU A 685 5.18 -10.59 -2.84
C LEU A 685 3.75 -10.81 -3.28
N MET A 686 3.05 -11.74 -2.64
CA MET A 686 1.62 -11.87 -2.89
C MET A 686 0.87 -10.60 -2.52
N GLY A 687 1.25 -9.96 -1.42
CA GLY A 687 0.65 -8.69 -1.07
C GLY A 687 0.86 -7.63 -2.14
N GLU A 688 2.09 -7.51 -2.63
CA GLU A 688 2.37 -6.55 -3.69
C GLU A 688 1.56 -6.89 -4.95
N THR A 689 1.53 -8.16 -5.32
CA THR A 689 0.84 -8.58 -6.53
C THR A 689 -0.66 -8.27 -6.44
N VAL A 690 -1.30 -8.67 -5.35
CA VAL A 690 -2.74 -8.45 -5.21
C VAL A 690 -3.03 -6.96 -5.15
N ASN A 691 -2.11 -6.17 -4.58
CA ASN A 691 -2.29 -4.72 -4.64
C ASN A 691 -2.29 -4.22 -6.07
N LYS A 692 -1.44 -4.79 -6.93
CA LYS A 692 -1.27 -4.26 -8.28
C LYS A 692 -1.97 -5.07 -9.38
N ILE A 693 -3.02 -5.83 -9.08
CA ILE A 693 -3.78 -6.54 -10.13
C ILE A 693 -5.29 -6.47 -9.93
N ALA A 694 -5.78 -5.44 -9.23
CA ALA A 694 -7.22 -5.32 -9.06
C ALA A 694 -7.93 -5.14 -10.40
N GLN A 695 -7.56 -4.08 -11.13
CA GLN A 695 -8.24 -3.79 -12.38
C GLN A 695 -7.94 -4.85 -13.44
N GLU A 696 -6.71 -5.34 -13.47
CA GLU A 696 -6.34 -6.38 -14.43
C GLU A 696 -7.17 -7.64 -14.18
N SER A 697 -7.33 -8.03 -12.91
CA SER A 697 -8.13 -9.21 -12.58
C SER A 697 -9.59 -9.00 -12.97
N LYS A 698 -10.13 -7.81 -12.71
CA LYS A 698 -11.52 -7.55 -13.08
C LYS A 698 -11.70 -7.63 -14.60
N ASN A 699 -10.78 -7.04 -15.36
CA ASN A 699 -10.87 -7.07 -16.81
C ASN A 699 -10.74 -8.50 -17.34
N ILE A 700 -9.86 -9.29 -16.75
CA ILE A 700 -9.69 -10.66 -17.20
C ILE A 700 -10.94 -11.49 -16.88
N TRP A 701 -11.55 -11.26 -15.72
CA TRP A 701 -12.80 -11.94 -15.42
C TRP A 701 -13.89 -11.56 -16.43
N LYS A 702 -13.97 -10.27 -16.77
CA LYS A 702 -14.97 -9.84 -17.75
C LYS A 702 -14.72 -10.50 -19.11
N LEU A 703 -13.46 -10.62 -19.50
CA LEU A 703 -13.13 -11.32 -20.74
C LEU A 703 -13.51 -12.79 -20.68
N GLN A 704 -13.27 -13.43 -19.53
CA GLN A 704 -13.66 -14.84 -19.38
C GLN A 704 -15.16 -15.01 -19.50
N ARG A 705 -15.94 -14.12 -18.87
CA ARG A 705 -17.39 -14.21 -18.98
C ARG A 705 -17.84 -13.91 -20.41
N ALA A 706 -17.13 -13.01 -21.10
CA ALA A 706 -17.44 -12.76 -22.50
C ALA A 706 -17.21 -14.00 -23.37
N ILE A 707 -16.12 -14.73 -23.11
CA ILE A 707 -15.87 -15.97 -23.84
C ILE A 707 -16.97 -16.98 -23.52
N THR A 708 -17.39 -17.05 -22.26
CA THR A 708 -18.51 -17.92 -21.89
C THR A 708 -19.76 -17.55 -22.66
N ILE A 709 -20.04 -16.26 -22.77
CA ILE A 709 -21.25 -15.80 -23.45
C ILE A 709 -21.19 -16.19 -24.93
N LEU A 710 -20.03 -15.97 -25.56
CA LEU A 710 -19.91 -16.27 -26.98
C LEU A 710 -20.00 -17.77 -27.24
N ASP A 711 -19.40 -18.58 -26.38
CA ASP A 711 -19.50 -20.03 -26.54
C ASP A 711 -20.94 -20.51 -26.37
N THR A 712 -21.66 -19.96 -25.36
CA THR A 712 -23.06 -20.34 -25.18
C THR A 712 -23.89 -19.92 -26.37
N GLU A 713 -23.64 -18.73 -26.91
CA GLU A 713 -24.37 -18.26 -28.09
C GLU A 713 -24.08 -19.16 -29.30
N LYS A 714 -22.82 -19.55 -29.48
CA LYS A 714 -22.49 -20.44 -30.59
C LYS A 714 -23.14 -21.81 -30.43
N SER A 715 -23.21 -22.33 -29.20
CA SER A 715 -23.82 -23.64 -28.99
C SER A 715 -25.34 -23.57 -29.14
N PHE A 716 -25.98 -22.73 -28.30
CA PHE A 716 -27.38 -22.27 -28.30
C PHE A 716 -28.43 -23.35 -28.08
N LEU A 717 -28.08 -24.63 -28.26
CA LEU A 717 -28.73 -25.77 -27.61
C LEU A 717 -30.19 -26.05 -28.00
N LYS A 718 -30.89 -25.10 -28.64
CA LYS A 718 -32.30 -25.30 -28.96
C LYS A 718 -32.72 -24.58 -30.25
N CYS A 719 -31.78 -24.21 -31.12
CA CYS A 719 -32.05 -23.41 -32.31
C CYS A 719 -32.64 -22.04 -31.97
N MET A 720 -32.38 -21.52 -30.77
CA MET A 720 -32.92 -20.24 -30.37
C MET A 720 -32.16 -19.09 -31.05
N ARG A 721 -32.78 -17.91 -31.02
CA ARG A 721 -32.21 -16.68 -31.61
C ARG A 721 -32.31 -15.53 -30.61
N LYS A 722 -31.90 -15.78 -29.37
CA LYS A 722 -31.97 -14.78 -28.31
C LYS A 722 -30.80 -13.81 -28.32
N ALA A 723 -29.84 -13.97 -29.23
CA ALA A 723 -28.67 -13.09 -29.27
C ALA A 723 -28.98 -11.70 -29.80
N PHE A 724 -30.18 -11.47 -30.33
CA PHE A 724 -30.46 -10.22 -31.03
C PHE A 724 -30.75 -9.08 -30.07
N ARG A 725 -30.69 -7.87 -30.62
CA ARG A 725 -30.84 -6.62 -29.90
C ARG A 725 -32.31 -6.20 -29.86
N SER A 726 -32.58 -4.94 -29.54
CA SER A 726 -33.91 -4.45 -29.21
C SER A 726 -34.86 -4.33 -30.41
N GLY A 727 -34.54 -4.94 -31.55
CA GLY A 727 -35.40 -4.94 -32.71
C GLY A 727 -34.81 -4.13 -33.85
N LYS A 728 -35.44 -4.27 -35.02
CA LYS A 728 -35.05 -3.49 -36.17
C LYS A 728 -35.53 -2.05 -36.00
N LEU A 729 -34.86 -1.30 -35.13
CA LEU A 729 -35.25 0.07 -34.86
C LEU A 729 -34.83 0.98 -36.01
N LEU A 730 -35.64 2.02 -36.23
CA LEU A 730 -35.37 3.03 -37.25
C LEU A 730 -34.55 4.13 -36.58
N GLN A 731 -33.24 4.09 -36.75
CA GLN A 731 -32.36 4.97 -35.99
C GLN A 731 -32.39 6.40 -36.54
N VAL A 732 -31.91 6.59 -37.76
CA VAL A 732 -31.76 7.91 -38.36
C VAL A 732 -32.86 8.19 -39.39
N GLY A 733 -33.85 7.31 -39.50
CA GLY A 733 -34.89 7.48 -40.49
C GLY A 733 -34.48 6.98 -41.86
N PHE A 734 -33.62 7.75 -42.54
CA PHE A 734 -33.29 7.49 -43.93
C PHE A 734 -31.82 7.76 -44.19
N THR A 735 -31.29 7.07 -45.20
CA THR A 735 -29.99 7.36 -45.77
C THR A 735 -30.12 8.61 -46.63
N PRO A 736 -29.04 9.05 -47.28
CA PRO A 736 -29.20 10.12 -48.28
C PRO A 736 -30.18 9.76 -49.40
N ASP A 737 -30.30 8.48 -49.73
CA ASP A 737 -31.35 8.01 -50.62
C ASP A 737 -32.68 8.01 -49.86
N GLY A 738 -33.78 7.73 -50.55
CA GLY A 738 -35.07 7.67 -49.90
C GLY A 738 -35.32 6.40 -49.10
N LYS A 739 -34.40 5.45 -49.14
CA LYS A 739 -34.59 4.18 -48.45
C LYS A 739 -34.45 4.37 -46.94
N ASP A 740 -35.40 3.81 -46.20
CA ASP A 740 -35.31 3.79 -44.74
C ASP A 740 -34.32 2.72 -44.29
N ASP A 741 -33.66 2.98 -43.15
CA ASP A 741 -32.53 2.19 -42.68
C ASP A 741 -32.80 1.69 -41.27
N TYR A 742 -32.87 0.36 -41.12
CA TYR A 742 -33.03 -0.30 -39.84
C TYR A 742 -31.70 -0.95 -39.45
N ARG A 743 -31.31 -0.78 -38.18
CA ARG A 743 -29.93 -0.95 -37.76
C ARG A 743 -29.71 -2.04 -36.72
N TRP A 744 -30.76 -2.62 -36.13
CA TRP A 744 -30.62 -3.57 -35.04
C TRP A 744 -29.83 -2.95 -33.88
N CYS A 745 -30.44 -1.94 -33.27
CA CYS A 745 -29.76 -1.12 -32.29
C CYS A 745 -29.95 -1.65 -30.87
N PHE A 746 -29.04 -1.25 -30.00
CA PHE A 746 -29.11 -1.51 -28.56
C PHE A 746 -29.38 -0.19 -27.85
N ARG A 747 -30.41 -0.18 -27.01
CA ARG A 747 -30.82 1.02 -26.29
C ARG A 747 -30.11 1.11 -24.96
N VAL A 748 -29.52 2.28 -24.69
CA VAL A 748 -28.90 2.60 -23.41
C VAL A 748 -29.51 3.90 -22.91
N ASP A 749 -30.06 3.88 -21.70
CA ASP A 749 -30.61 5.06 -21.08
C ASP A 749 -29.54 5.71 -20.22
N GLU A 750 -29.58 7.05 -20.15
CA GLU A 750 -28.64 7.79 -19.32
C GLU A 750 -29.34 9.00 -18.74
N VAL A 751 -28.76 9.52 -17.65
CA VAL A 751 -29.27 10.71 -16.98
C VAL A 751 -28.12 11.70 -16.86
N ASN A 752 -28.37 12.94 -17.29
CA ASN A 752 -27.39 14.01 -17.20
C ASN A 752 -28.08 15.28 -16.75
N TRP A 753 -27.40 16.02 -15.88
CA TRP A 753 -27.93 17.25 -15.29
C TRP A 753 -27.32 18.51 -15.87
N THR A 754 -26.45 18.39 -16.87
CA THR A 754 -25.94 19.51 -17.65
C THR A 754 -26.22 19.24 -19.13
N THR A 755 -25.97 20.26 -19.95
CA THR A 755 -26.22 20.20 -21.39
C THR A 755 -27.66 19.78 -21.69
N TRP A 756 -28.59 20.57 -21.17
CA TRP A 756 -30.01 20.29 -21.33
C TRP A 756 -30.46 20.48 -22.76
N TYR B 198 -53.62 14.23 -22.71
CA TYR B 198 -53.26 12.85 -23.02
C TYR B 198 -54.06 11.87 -22.16
N THR B 199 -54.68 10.89 -22.82
CA THR B 199 -55.40 9.82 -22.15
C THR B 199 -54.68 8.48 -22.22
N ASP B 200 -53.68 8.34 -23.07
CA ASP B 200 -52.89 7.12 -23.11
C ASP B 200 -52.21 6.89 -21.77
N SER B 201 -52.20 5.62 -21.33
CA SER B 201 -51.69 5.28 -20.00
C SER B 201 -50.22 5.61 -19.82
N TYR B 202 -49.44 5.64 -20.91
CA TYR B 202 -48.02 5.90 -20.78
C TYR B 202 -47.73 7.38 -20.55
N TYR B 203 -48.54 8.26 -21.16
CA TYR B 203 -48.44 9.71 -20.98
C TYR B 203 -49.71 10.30 -20.37
N LYS B 204 -50.46 9.50 -19.60
CA LYS B 204 -51.73 9.94 -19.03
C LYS B 204 -51.55 11.19 -18.19
N GLY B 205 -52.43 12.18 -18.44
CA GLY B 205 -52.44 13.41 -17.68
C GLY B 205 -51.52 14.49 -18.17
N GLN B 206 -50.68 14.22 -19.17
CA GLN B 206 -49.80 15.24 -19.71
C GLN B 206 -50.61 16.33 -20.39
N THR B 207 -50.20 17.59 -20.19
CA THR B 207 -50.89 18.75 -20.72
C THR B 207 -49.88 19.62 -21.48
N ALA B 208 -50.38 20.73 -22.03
CA ALA B 208 -49.51 21.65 -22.76
C ALA B 208 -48.43 22.22 -21.86
N LEU B 209 -48.76 22.52 -20.60
CA LEU B 209 -47.78 23.11 -19.69
C LEU B 209 -46.63 22.15 -19.43
N HIS B 210 -46.91 20.85 -19.29
CA HIS B 210 -45.84 19.90 -19.04
C HIS B 210 -44.83 19.89 -20.19
N ILE B 211 -45.33 19.87 -21.43
CA ILE B 211 -44.43 19.86 -22.58
C ILE B 211 -43.68 21.18 -22.69
N ALA B 212 -44.39 22.30 -22.49
CA ALA B 212 -43.76 23.61 -22.60
C ALA B 212 -42.65 23.78 -21.58
N ILE B 213 -42.87 23.31 -20.35
CA ILE B 213 -41.84 23.41 -19.32
C ILE B 213 -40.69 22.47 -19.64
N GLU B 214 -41.00 21.25 -20.06
CA GLU B 214 -39.96 20.28 -20.40
C GLU B 214 -39.08 20.82 -21.52
N ARG B 215 -39.68 21.52 -22.48
CA ARG B 215 -38.93 22.13 -23.57
C ARG B 215 -38.20 23.41 -23.17
N ARG B 216 -38.37 23.88 -21.93
CA ARG B 216 -37.67 25.07 -21.44
C ARG B 216 -38.03 26.30 -22.27
N ASN B 217 -39.31 26.43 -22.63
CA ASN B 217 -39.82 27.55 -23.41
C ASN B 217 -40.58 28.48 -22.45
N MET B 218 -39.91 29.53 -21.99
CA MET B 218 -40.54 30.46 -21.06
C MET B 218 -41.72 31.16 -21.71
N THR B 219 -41.58 31.59 -22.97
CA THR B 219 -42.65 32.31 -23.64
C THR B 219 -43.89 31.44 -23.80
N LEU B 220 -43.72 30.19 -24.22
CA LEU B 220 -44.85 29.30 -24.38
C LEU B 220 -45.55 29.03 -23.05
N VAL B 221 -44.77 28.86 -21.98
CA VAL B 221 -45.36 28.64 -20.66
C VAL B 221 -46.16 29.86 -20.23
N THR B 222 -45.61 31.06 -20.44
CA THR B 222 -46.32 32.28 -20.07
C THR B 222 -47.63 32.41 -20.85
N LEU B 223 -47.57 32.15 -22.16
CA LEU B 223 -48.78 32.25 -22.97
C LEU B 223 -49.81 31.20 -22.57
N LEU B 224 -49.37 29.97 -22.28
CA LEU B 224 -50.29 28.91 -21.90
C LEU B 224 -50.97 29.23 -20.58
N VAL B 225 -50.22 29.73 -19.60
CA VAL B 225 -50.84 30.09 -18.32
C VAL B 225 -51.80 31.25 -18.52
N GLU B 226 -51.40 32.27 -19.30
CA GLU B 226 -52.28 33.40 -19.53
C GLU B 226 -53.52 33.02 -20.33
N ASN B 227 -53.45 31.96 -21.14
CA ASN B 227 -54.59 31.51 -21.92
C ASN B 227 -55.56 30.61 -21.15
N GLY B 228 -55.27 30.32 -19.88
CA GLY B 228 -56.16 29.52 -19.06
C GLY B 228 -55.73 28.10 -18.81
N ALA B 229 -54.48 27.76 -19.11
CA ALA B 229 -53.98 26.41 -18.82
C ALA B 229 -53.92 26.19 -17.32
N ASP B 230 -54.35 25.01 -16.89
CA ASP B 230 -54.40 24.69 -15.46
C ASP B 230 -52.99 24.38 -14.97
N VAL B 231 -52.48 25.24 -14.08
CA VAL B 231 -51.13 25.06 -13.55
C VAL B 231 -51.03 23.96 -12.51
N GLN B 232 -52.16 23.44 -12.03
CA GLN B 232 -52.18 22.38 -11.02
C GLN B 232 -52.65 21.05 -11.60
N ALA B 233 -52.57 20.88 -12.92
CA ALA B 233 -53.01 19.64 -13.55
C ALA B 233 -52.11 18.49 -13.12
N ALA B 234 -52.73 17.35 -12.81
CA ALA B 234 -52.03 16.18 -12.32
C ALA B 234 -51.68 15.26 -13.49
N ALA B 235 -50.40 14.88 -13.58
CA ALA B 235 -49.93 13.94 -14.58
C ALA B 235 -49.80 12.56 -13.94
N ASN B 236 -50.49 11.58 -14.51
CA ASN B 236 -50.58 10.23 -13.95
C ASN B 236 -50.16 9.17 -14.95
N GLY B 237 -49.27 9.53 -15.89
CA GLY B 237 -48.79 8.56 -16.85
C GLY B 237 -47.71 7.67 -16.27
N ASP B 238 -47.60 6.46 -16.83
CA ASP B 238 -46.56 5.54 -16.39
C ASP B 238 -45.17 6.08 -16.71
N PHE B 239 -45.03 6.90 -17.74
CA PHE B 239 -43.72 7.50 -18.03
C PHE B 239 -43.32 8.43 -16.90
N PHE B 240 -44.29 9.15 -16.36
CA PHE B 240 -44.00 10.14 -15.30
C PHE B 240 -43.95 9.45 -13.93
N LYS B 241 -43.06 8.48 -13.83
CA LYS B 241 -42.87 7.73 -12.58
C LYS B 241 -41.39 7.46 -12.35
N GLY B 248 -38.21 6.07 -17.08
CA GLY B 248 -38.91 7.33 -17.20
C GLY B 248 -38.29 8.39 -16.31
N PHE B 249 -39.12 9.33 -15.87
CA PHE B 249 -38.67 10.43 -15.04
C PHE B 249 -39.78 10.86 -14.11
N TYR B 250 -39.47 10.98 -12.82
CA TYR B 250 -40.40 11.43 -11.79
C TYR B 250 -40.06 12.86 -11.42
N PHE B 251 -41.09 13.71 -11.34
CA PHE B 251 -40.90 15.11 -10.98
C PHE B 251 -41.93 15.62 -9.98
N GLY B 252 -42.91 14.82 -9.58
CA GLY B 252 -43.97 15.25 -8.70
C GLY B 252 -45.32 15.43 -9.34
N GLU B 253 -45.48 15.06 -10.62
CA GLU B 253 -46.78 15.02 -11.28
C GLU B 253 -47.48 16.37 -11.33
N LEU B 254 -46.72 17.47 -11.27
CA LEU B 254 -47.28 18.81 -11.30
C LEU B 254 -46.37 19.74 -12.10
N PRO B 255 -46.92 20.72 -12.84
CA PRO B 255 -46.03 21.64 -13.57
C PRO B 255 -45.06 22.41 -12.69
N LEU B 256 -45.47 22.80 -11.48
CA LEU B 256 -44.57 23.54 -10.59
C LEU B 256 -43.39 22.67 -10.19
N SER B 257 -43.66 21.42 -9.79
CA SER B 257 -42.58 20.52 -9.44
C SER B 257 -41.78 20.11 -10.67
N LEU B 258 -42.41 20.10 -11.85
CA LEU B 258 -41.67 19.87 -13.08
C LEU B 258 -40.64 20.97 -13.31
N ALA B 259 -41.08 22.23 -13.19
CA ALA B 259 -40.16 23.35 -13.38
C ALA B 259 -39.08 23.35 -12.32
N ALA B 260 -39.43 22.99 -11.09
CA ALA B 260 -38.42 22.87 -10.03
C ALA B 260 -37.40 21.78 -10.36
N CYS B 261 -37.88 20.63 -10.83
CA CYS B 261 -36.99 19.49 -11.08
C CYS B 261 -36.13 19.66 -12.32
N THR B 262 -36.49 20.58 -13.22
CA THR B 262 -35.74 20.81 -14.46
C THR B 262 -34.82 22.03 -14.38
N ASN B 263 -34.64 22.60 -13.18
CA ASN B 263 -33.73 23.73 -12.98
C ASN B 263 -34.16 24.95 -13.79
N GLN B 264 -35.46 25.18 -13.87
CA GLN B 264 -36.03 26.36 -14.52
C GLN B 264 -36.58 27.25 -13.41
N LEU B 265 -35.72 28.10 -12.87
CA LEU B 265 -36.11 28.96 -11.74
C LEU B 265 -37.14 29.99 -12.18
N ALA B 266 -36.97 30.57 -13.37
CA ALA B 266 -37.90 31.59 -13.84
C ALA B 266 -39.31 31.02 -13.98
N ILE B 267 -39.41 29.80 -14.51
CA ILE B 267 -40.73 29.18 -14.67
C ILE B 267 -41.32 28.85 -13.31
N VAL B 268 -40.49 28.42 -12.36
CA VAL B 268 -40.99 28.14 -11.01
C VAL B 268 -41.58 29.39 -10.39
N LYS B 269 -40.85 30.51 -10.48
CA LYS B 269 -41.35 31.77 -9.93
C LYS B 269 -42.64 32.20 -10.62
N PHE B 270 -42.67 32.12 -11.96
CA PHE B 270 -43.87 32.51 -12.68
C PHE B 270 -45.07 31.65 -12.30
N LEU B 271 -44.91 30.32 -12.33
CA LEU B 271 -46.01 29.43 -12.00
C LEU B 271 -46.48 29.62 -10.58
N LEU B 272 -45.58 29.96 -9.66
CA LEU B 272 -45.97 30.08 -8.26
C LEU B 272 -46.63 31.43 -7.96
N GLN B 273 -46.24 32.50 -8.64
CA GLN B 273 -46.78 33.84 -8.35
C GLN B 273 -47.07 34.61 -9.63
N ASN B 274 -47.70 33.97 -10.61
CA ASN B 274 -48.29 34.68 -11.72
C ASN B 274 -49.61 35.33 -11.29
N SER B 275 -50.00 36.38 -12.02
CA SER B 275 -51.23 37.09 -11.69
C SER B 275 -52.47 36.30 -12.10
N TRP B 276 -52.38 35.50 -13.16
CA TRP B 276 -53.55 34.80 -13.68
C TRP B 276 -54.03 33.73 -12.70
N GLN B 277 -53.19 32.74 -12.41
CA GLN B 277 -53.57 31.64 -11.53
C GLN B 277 -52.31 31.05 -10.89
N PRO B 278 -51.93 31.44 -9.67
CA PRO B 278 -50.75 30.81 -9.05
C PRO B 278 -51.01 29.37 -8.67
N ALA B 279 -49.94 28.58 -8.71
CA ALA B 279 -50.01 27.18 -8.32
C ALA B 279 -49.87 27.05 -6.81
N ASP B 280 -50.64 26.11 -6.24
CA ASP B 280 -50.57 25.87 -4.80
C ASP B 280 -49.26 25.17 -4.46
N ILE B 281 -48.44 25.81 -3.62
CA ILE B 281 -47.15 25.24 -3.26
C ILE B 281 -47.32 23.97 -2.45
N SER B 282 -48.38 23.88 -1.66
CA SER B 282 -48.65 22.72 -0.83
C SER B 282 -49.37 21.60 -1.57
N ALA B 283 -49.58 21.75 -2.89
CA ALA B 283 -50.25 20.72 -3.66
C ALA B 283 -49.47 19.41 -3.59
N ARG B 284 -50.20 18.30 -3.50
CA ARG B 284 -49.63 16.98 -3.30
C ARG B 284 -50.05 16.06 -4.44
N ASP B 285 -49.12 15.22 -4.87
CA ASP B 285 -49.33 14.32 -6.00
C ASP B 285 -50.02 13.05 -5.52
N SER B 286 -50.04 12.03 -6.38
CA SER B 286 -50.73 10.78 -6.05
C SER B 286 -50.10 10.09 -4.84
N VAL B 287 -48.80 10.29 -4.61
CA VAL B 287 -48.11 9.69 -3.47
C VAL B 287 -47.96 10.66 -2.30
N GLY B 288 -48.62 11.82 -2.36
CA GLY B 288 -48.55 12.80 -1.31
C GLY B 288 -47.36 13.73 -1.38
N ASN B 289 -46.47 13.56 -2.35
CA ASN B 289 -45.25 14.37 -2.42
C ASN B 289 -45.56 15.78 -2.88
N THR B 290 -44.90 16.75 -2.26
CA THR B 290 -44.96 18.16 -2.62
C THR B 290 -43.78 18.48 -3.52
N VAL B 291 -43.57 19.78 -3.78
CA VAL B 291 -42.43 20.20 -4.60
C VAL B 291 -41.12 19.84 -3.91
N LEU B 292 -41.03 20.05 -2.60
CA LEU B 292 -39.80 19.74 -1.88
C LEU B 292 -39.53 18.24 -1.86
N HIS B 293 -40.58 17.43 -1.71
CA HIS B 293 -40.42 15.98 -1.81
C HIS B 293 -39.90 15.58 -3.18
N ALA B 294 -40.43 16.20 -4.24
CA ALA B 294 -39.94 15.93 -5.58
C ALA B 294 -38.46 16.32 -5.72
N LEU B 295 -38.09 17.48 -5.17
CA LEU B 295 -36.70 17.91 -5.25
C LEU B 295 -35.78 16.95 -4.53
N VAL B 296 -36.20 16.45 -3.36
CA VAL B 296 -35.40 15.45 -2.66
C VAL B 296 -35.32 14.17 -3.48
N GLU B 297 -36.43 13.77 -4.09
CA GLU B 297 -36.48 12.49 -4.79
C GLU B 297 -35.56 12.47 -6.01
N VAL B 298 -35.41 13.61 -6.70
CA VAL B 298 -34.57 13.65 -7.89
C VAL B 298 -33.09 13.88 -7.57
N ALA B 299 -32.73 13.94 -6.29
CA ALA B 299 -31.32 14.04 -5.93
C ALA B 299 -30.64 12.69 -6.08
N ASP B 300 -29.36 12.72 -6.47
CA ASP B 300 -28.56 11.51 -6.57
C ASP B 300 -27.16 11.68 -5.99
N ASN B 301 -26.92 12.72 -5.19
CA ASN B 301 -25.69 12.93 -4.44
C ASN B 301 -24.48 13.23 -5.33
N THR B 302 -24.70 13.53 -6.61
CA THR B 302 -23.63 14.03 -7.45
C THR B 302 -23.44 15.52 -7.21
N VAL B 303 -22.26 16.03 -7.60
CA VAL B 303 -21.91 17.42 -7.28
C VAL B 303 -22.86 18.39 -7.97
N ASP B 304 -23.04 18.22 -9.29
CA ASP B 304 -23.86 19.17 -10.03
C ASP B 304 -25.33 19.04 -9.66
N ASN B 305 -25.82 17.80 -9.54
CA ASN B 305 -27.22 17.62 -9.17
C ASN B 305 -27.47 18.09 -7.74
N THR B 306 -26.51 17.86 -6.84
CA THR B 306 -26.66 18.36 -5.48
C THR B 306 -26.71 19.87 -5.45
N LYS B 307 -25.84 20.54 -6.22
CA LYS B 307 -25.86 22.00 -6.27
C LYS B 307 -27.20 22.50 -6.82
N PHE B 308 -27.69 21.90 -7.90
CA PHE B 308 -28.96 22.32 -8.48
C PHE B 308 -30.10 22.11 -7.49
N VAL B 309 -30.17 20.93 -6.87
CA VAL B 309 -31.26 20.64 -5.96
C VAL B 309 -31.21 21.57 -4.76
N THR B 310 -30.02 21.84 -4.24
CA THR B 310 -29.87 22.75 -3.11
C THR B 310 -30.37 24.15 -3.46
N SER B 311 -29.93 24.68 -4.61
CA SER B 311 -30.32 26.02 -4.99
C SER B 311 -31.83 26.12 -5.19
N MET B 312 -32.41 25.15 -5.90
CA MET B 312 -33.84 25.19 -6.15
C MET B 312 -34.64 25.03 -4.85
N TYR B 313 -34.19 24.14 -3.96
CA TYR B 313 -34.86 23.95 -2.69
C TYR B 313 -34.86 25.23 -1.87
N ASN B 314 -33.70 25.91 -1.81
CA ASN B 314 -33.63 27.15 -1.05
C ASN B 314 -34.55 28.21 -1.65
N GLU B 315 -34.52 28.36 -2.97
CA GLU B 315 -35.33 29.40 -3.60
C GLU B 315 -36.82 29.13 -3.43
N ILE B 316 -37.26 27.88 -3.64
CA ILE B 316 -38.68 27.59 -3.53
C ILE B 316 -39.14 27.74 -2.09
N LEU B 317 -38.30 27.31 -1.12
CA LEU B 317 -38.71 27.46 0.27
C LEU B 317 -38.83 28.92 0.67
N ILE B 318 -37.88 29.76 0.24
CA ILE B 318 -37.93 31.17 0.60
C ILE B 318 -39.14 31.85 -0.04
N LEU B 319 -39.39 31.56 -1.33
CA LEU B 319 -40.52 32.19 -1.99
C LEU B 319 -41.84 31.72 -1.40
N GLY B 320 -41.94 30.44 -1.06
CA GLY B 320 -43.14 29.95 -0.40
C GLY B 320 -43.37 30.60 0.95
N ALA B 321 -42.28 30.81 1.71
CA ALA B 321 -42.41 31.51 2.98
C ALA B 321 -42.89 32.94 2.78
N LYS B 322 -42.38 33.60 1.73
CA LYS B 322 -42.83 34.97 1.45
C LYS B 322 -44.31 34.99 1.08
N LEU B 323 -44.76 34.05 0.25
CA LEU B 323 -46.14 34.06 -0.20
C LEU B 323 -47.11 33.55 0.87
N HIS B 324 -46.66 32.59 1.68
CA HIS B 324 -47.47 32.03 2.77
C HIS B 324 -46.62 31.98 4.04
N PRO B 325 -46.44 33.12 4.72
CA PRO B 325 -45.64 33.10 5.97
C PRO B 325 -46.22 32.21 7.05
N THR B 326 -47.52 31.93 7.03
CA THR B 326 -48.15 31.08 8.02
C THR B 326 -48.08 29.59 7.70
N LEU B 327 -47.59 29.22 6.52
CA LEU B 327 -47.56 27.83 6.09
C LEU B 327 -46.27 27.16 6.55
N LYS B 328 -46.42 26.02 7.23
CA LYS B 328 -45.28 25.18 7.60
C LYS B 328 -45.06 24.17 6.47
N LEU B 329 -44.36 24.63 5.44
CA LEU B 329 -44.26 23.85 4.20
C LEU B 329 -43.50 22.55 4.41
N GLU B 330 -42.41 22.59 5.17
CA GLU B 330 -41.59 21.39 5.37
C GLU B 330 -42.25 20.37 6.28
N GLU B 331 -43.18 20.80 7.14
CA GLU B 331 -43.86 19.87 8.03
C GLU B 331 -44.84 18.96 7.30
N ILE B 332 -45.17 19.25 6.04
CA ILE B 332 -46.14 18.43 5.32
C ILE B 332 -45.52 17.08 4.98
N THR B 333 -46.21 16.01 5.32
CA THR B 333 -45.77 14.66 5.02
C THR B 333 -46.42 14.16 3.74
N ASN B 334 -45.76 13.21 3.09
CA ASN B 334 -46.31 12.53 1.94
C ASN B 334 -47.18 11.36 2.41
N ARG B 335 -47.61 10.51 1.49
CA ARG B 335 -48.48 9.39 1.86
C ARG B 335 -47.78 8.43 2.82
N LYS B 336 -46.48 8.24 2.66
CA LYS B 336 -45.74 7.36 3.56
C LYS B 336 -45.56 7.96 4.95
N GLY B 337 -45.82 9.25 5.13
CA GLY B 337 -45.62 9.90 6.40
C GLY B 337 -44.27 10.57 6.57
N LEU B 338 -43.53 10.80 5.48
CA LEU B 338 -42.19 11.36 5.54
C LEU B 338 -42.23 12.83 5.12
N THR B 339 -41.57 13.67 5.90
CA THR B 339 -41.29 15.05 5.50
C THR B 339 -40.14 15.04 4.52
N PRO B 340 -39.87 16.16 3.84
CA PRO B 340 -38.71 16.19 2.93
C PRO B 340 -37.40 15.86 3.61
N LEU B 341 -37.22 16.26 4.87
CA LEU B 341 -36.02 15.88 5.60
C LEU B 341 -36.02 14.39 5.90
N ALA B 342 -37.16 13.86 6.36
CA ALA B 342 -37.25 12.42 6.60
C ALA B 342 -37.10 11.64 5.31
N LEU B 343 -37.60 12.17 4.19
CA LEU B 343 -37.40 11.50 2.91
C LEU B 343 -35.93 11.52 2.50
N ALA B 344 -35.25 12.65 2.67
CA ALA B 344 -33.84 12.73 2.36
C ALA B 344 -33.02 11.75 3.18
N ALA B 345 -33.35 11.63 4.47
CA ALA B 345 -32.67 10.66 5.32
C ALA B 345 -33.01 9.23 4.90
N SER B 346 -34.28 8.97 4.62
CA SER B 346 -34.73 7.60 4.33
C SER B 346 -34.11 7.07 3.05
N SER B 347 -34.03 7.92 2.02
CA SER B 347 -33.56 7.51 0.70
C SER B 347 -32.06 7.65 0.51
N GLY B 348 -31.33 8.07 1.54
CA GLY B 348 -29.89 8.22 1.42
C GLY B 348 -29.45 9.45 0.66
N LYS B 349 -30.29 10.46 0.55
CA LYS B 349 -29.93 11.70 -0.15
C LYS B 349 -29.08 12.56 0.78
N ILE B 350 -27.81 12.16 0.89
CA ILE B 350 -26.92 12.78 1.87
C ILE B 350 -26.65 14.24 1.53
N GLY B 351 -26.62 14.60 0.25
CA GLY B 351 -26.35 15.97 -0.12
C GLY B 351 -27.41 16.95 0.35
N VAL B 352 -28.67 16.67 -0.01
CA VAL B 352 -29.75 17.56 0.38
C VAL B 352 -29.96 17.49 1.89
N LEU B 353 -29.72 16.32 2.48
CA LEU B 353 -29.79 16.20 3.94
C LEU B 353 -28.78 17.12 4.61
N ALA B 354 -27.53 17.08 4.16
CA ALA B 354 -26.49 17.93 4.74
C ALA B 354 -26.81 19.40 4.52
N TYR B 355 -27.37 19.74 3.35
CA TYR B 355 -27.81 21.11 3.12
C TYR B 355 -28.86 21.53 4.14
N ILE B 356 -29.92 20.71 4.30
CA ILE B 356 -31.04 21.10 5.14
C ILE B 356 -30.58 21.26 6.59
N LEU B 357 -29.84 20.28 7.10
CA LEU B 357 -29.45 20.31 8.51
C LEU B 357 -28.53 21.49 8.82
N GLN B 358 -27.72 21.92 7.85
CA GLN B 358 -26.79 23.04 8.01
C GLN B 358 -27.28 24.30 7.32
N ARG B 359 -28.59 24.42 7.12
CA ARG B 359 -29.13 25.56 6.37
C ARG B 359 -29.08 26.83 7.22
N GLU B 360 -28.48 27.88 6.66
CA GLU B 360 -28.35 29.17 7.34
C GLU B 360 -28.69 30.29 6.37
N ILE B 361 -29.50 31.24 6.83
CA ILE B 361 -29.93 32.39 6.05
C ILE B 361 -29.71 33.64 6.88
N HIS B 362 -29.30 34.72 6.21
CA HIS B 362 -28.85 35.94 6.88
C HIS B 362 -29.64 37.17 6.44
N GLU B 363 -30.97 37.07 6.42
CA GLU B 363 -31.81 38.22 6.14
C GLU B 363 -33.03 38.16 7.06
N PRO B 364 -33.63 39.29 7.42
CA PRO B 364 -34.85 39.25 8.22
C PRO B 364 -36.03 38.72 7.43
N GLU B 365 -37.00 38.16 8.15
CA GLU B 365 -38.23 37.57 7.63
C GLU B 365 -38.01 36.32 6.80
N CYS B 366 -36.77 35.80 6.71
CA CYS B 366 -36.48 34.51 6.12
C CYS B 366 -35.51 33.67 6.93
N ARG B 367 -34.77 34.27 7.88
CA ARG B 367 -33.83 33.49 8.68
C ARG B 367 -34.54 32.51 9.62
N HIS B 368 -35.83 32.69 9.87
CA HIS B 368 -36.59 31.70 10.64
C HIS B 368 -36.65 30.36 9.93
N LEU B 369 -36.48 30.34 8.61
CA LEU B 369 -36.42 29.09 7.87
C LEU B 369 -35.16 28.29 8.16
N SER B 370 -34.10 28.95 8.63
CA SER B 370 -32.83 28.28 8.83
C SER B 370 -32.92 27.29 9.99
N ARG B 371 -31.95 26.37 10.00
CA ARG B 371 -31.72 25.46 11.12
C ARG B 371 -30.39 25.71 11.82
N LYS B 372 -29.38 26.13 11.08
CA LYS B 372 -28.10 26.54 11.66
C LYS B 372 -28.12 28.04 11.90
N PHE B 373 -27.79 28.45 13.13
CA PHE B 373 -27.80 29.85 13.53
C PHE B 373 -26.50 30.20 14.22
N THR B 374 -25.94 31.36 13.89
CA THR B 374 -24.74 31.85 14.56
C THR B 374 -25.16 32.61 15.82
N GLU B 375 -24.93 32.01 16.98
CA GLU B 375 -25.41 32.60 18.23
C GLU B 375 -24.65 33.88 18.56
N TRP B 376 -23.32 33.82 18.50
CA TRP B 376 -22.51 35.00 18.75
C TRP B 376 -21.20 34.85 18.01
N ALA B 377 -20.55 35.99 17.80
CA ALA B 377 -19.19 36.05 17.30
C ALA B 377 -18.38 36.97 18.20
N TYR B 378 -17.30 36.44 18.79
CA TYR B 378 -16.36 37.28 19.55
C TYR B 378 -15.24 37.54 18.54
N GLY B 379 -13.98 37.19 18.83
CA GLY B 379 -12.94 37.30 17.84
C GLY B 379 -12.81 35.94 17.18
N PRO B 380 -11.74 35.17 17.42
CA PRO B 380 -11.66 33.85 16.79
C PRO B 380 -12.83 32.93 17.13
N VAL B 381 -13.47 33.10 18.28
CA VAL B 381 -14.49 32.18 18.76
C VAL B 381 -15.84 32.55 18.17
N HIS B 382 -16.55 31.56 17.63
CA HIS B 382 -17.93 31.70 17.19
C HIS B 382 -18.76 30.59 17.83
N SER B 383 -20.04 30.88 18.04
CA SER B 383 -20.97 29.91 18.61
C SER B 383 -22.12 29.69 17.63
N SER B 384 -22.38 28.43 17.30
CA SER B 384 -23.46 28.04 16.40
C SER B 384 -24.50 27.24 17.17
N LEU B 385 -25.76 27.46 16.83
CA LEU B 385 -26.87 26.68 17.35
C LEU B 385 -27.52 25.92 16.21
N TYR B 386 -27.59 24.59 16.33
CA TYR B 386 -28.22 23.74 15.33
C TYR B 386 -29.62 23.37 15.82
N ASP B 387 -30.62 23.73 15.04
CA ASP B 387 -31.99 23.32 15.34
C ASP B 387 -32.12 21.82 15.12
N LEU B 388 -32.47 21.10 16.18
CA LEU B 388 -32.61 19.65 16.14
C LEU B 388 -34.07 19.22 16.29
N SER B 389 -35.01 20.07 15.90
CA SER B 389 -36.40 19.64 15.83
C SER B 389 -36.53 18.48 14.86
N CYS B 390 -37.16 17.40 15.31
CA CYS B 390 -37.39 16.18 14.56
C CYS B 390 -36.10 15.43 14.19
N ILE B 391 -34.98 15.74 14.83
CA ILE B 391 -33.76 14.95 14.68
C ILE B 391 -33.72 13.84 15.71
N ASP B 392 -34.04 14.15 16.98
CA ASP B 392 -34.08 13.17 18.05
C ASP B 392 -35.46 12.54 18.21
N THR B 393 -36.51 13.36 18.19
CA THR B 393 -37.88 12.86 18.30
C THR B 393 -38.83 13.79 17.55
N CYS B 394 -39.82 13.18 16.87
CA CYS B 394 -40.92 13.91 16.25
C CYS B 394 -42.26 13.22 16.45
N GLU B 395 -42.32 12.15 17.25
CA GLU B 395 -43.51 11.36 17.53
C GLU B 395 -43.95 10.47 16.37
N LYS B 396 -43.32 10.57 15.20
CA LYS B 396 -43.56 9.65 14.10
C LYS B 396 -42.30 8.89 13.72
N ASN B 397 -41.28 9.58 13.23
CA ASN B 397 -40.00 8.94 12.91
C ASN B 397 -38.91 9.99 12.75
N SER B 398 -37.97 10.07 13.69
CA SER B 398 -36.97 11.11 13.65
C SER B 398 -35.85 10.76 12.66
N VAL B 399 -35.01 11.75 12.36
CA VAL B 399 -33.96 11.58 11.36
C VAL B 399 -32.97 10.51 11.81
N LEU B 400 -32.58 10.52 13.09
CA LEU B 400 -31.66 9.50 13.59
C LEU B 400 -32.29 8.12 13.51
N GLU B 401 -33.57 8.00 13.85
CA GLU B 401 -34.26 6.72 13.72
C GLU B 401 -34.30 6.27 12.27
N VAL B 402 -34.53 7.20 11.34
CA VAL B 402 -34.59 6.87 9.93
C VAL B 402 -33.24 6.37 9.45
N ILE B 403 -32.16 7.06 9.81
CA ILE B 403 -30.83 6.69 9.32
C ILE B 403 -30.39 5.36 9.93
N ALA B 404 -30.47 5.26 11.26
CA ALA B 404 -29.94 4.08 11.94
C ALA B 404 -30.73 2.82 11.58
N TYR B 405 -32.06 2.92 11.55
CA TYR B 405 -32.92 1.79 11.27
C TYR B 405 -33.30 1.71 9.80
N SER B 406 -32.43 2.20 8.92
CA SER B 406 -32.67 2.07 7.49
C SER B 406 -32.71 0.60 7.09
N SER B 407 -33.28 0.34 5.92
CA SER B 407 -33.53 -1.02 5.46
C SER B 407 -32.30 -1.70 4.86
N SER B 408 -31.11 -1.12 5.02
CA SER B 408 -29.83 -1.70 4.58
C SER B 408 -29.62 -1.64 3.07
N GLU B 409 -30.63 -1.18 2.32
CA GLU B 409 -30.48 -0.86 0.90
C GLU B 409 -30.24 0.61 0.66
N THR B 410 -30.34 1.45 1.69
CA THR B 410 -30.10 2.88 1.53
C THR B 410 -28.65 3.10 1.10
N PRO B 411 -28.37 3.92 0.06
CA PRO B 411 -26.98 4.04 -0.42
C PRO B 411 -25.98 4.50 0.63
N ASN B 412 -26.31 5.54 1.40
CA ASN B 412 -25.34 6.23 2.26
C ASN B 412 -25.74 6.18 3.74
N ARG B 413 -26.30 5.05 4.20
CA ARG B 413 -26.70 4.98 5.60
C ARG B 413 -25.50 5.10 6.54
N HIS B 414 -24.32 4.66 6.11
CA HIS B 414 -23.13 4.79 6.93
C HIS B 414 -22.56 6.20 6.93
N ASP B 415 -22.75 6.93 5.84
CA ASP B 415 -22.15 8.25 5.68
C ASP B 415 -23.03 9.39 6.18
N MET B 416 -24.34 9.18 6.27
CA MET B 416 -25.25 10.26 6.65
C MET B 416 -25.00 10.74 8.07
N LEU B 417 -24.49 9.86 8.95
CA LEU B 417 -24.20 10.27 10.32
C LEU B 417 -22.95 11.11 10.45
N LEU B 418 -22.18 11.29 9.38
CA LEU B 418 -21.04 12.19 9.40
C LEU B 418 -21.45 13.65 9.21
N VAL B 419 -22.73 13.93 8.97
CA VAL B 419 -23.19 15.31 8.91
C VAL B 419 -23.07 15.92 10.31
N GLU B 420 -22.43 17.10 10.37
CA GLU B 420 -21.90 17.73 11.58
C GLU B 420 -22.83 17.66 12.80
N PRO B 421 -24.07 18.19 12.72
CA PRO B 421 -24.93 18.12 13.91
C PRO B 421 -25.26 16.71 14.36
N LEU B 422 -25.42 15.76 13.43
CA LEU B 422 -25.76 14.40 13.85
C LEU B 422 -24.59 13.74 14.56
N ASN B 423 -23.38 13.88 14.03
CA ASN B 423 -22.21 13.30 14.67
C ASN B 423 -21.98 13.90 16.05
N ARG B 424 -22.03 15.23 16.15
CA ARG B 424 -21.81 15.87 17.45
C ARG B 424 -22.93 15.54 18.42
N LEU B 425 -24.17 15.42 17.93
CA LEU B 425 -25.30 15.06 18.77
C LEU B 425 -25.16 13.65 19.33
N LEU B 426 -24.76 12.71 18.48
CA LEU B 426 -24.60 11.33 18.95
C LEU B 426 -23.44 11.23 19.93
N GLN B 427 -22.34 11.95 19.68
CA GLN B 427 -21.25 11.95 20.65
C GLN B 427 -21.69 12.56 21.97
N ASP B 428 -22.49 13.62 21.93
CA ASP B 428 -23.01 14.22 23.14
C ASP B 428 -23.90 13.25 23.91
N LYS B 429 -24.78 12.54 23.19
CA LYS B 429 -25.63 11.55 23.83
C LYS B 429 -24.80 10.44 24.46
N TRP B 430 -23.76 9.99 23.77
CA TRP B 430 -22.88 8.97 24.33
C TRP B 430 -22.23 9.42 25.61
N ASP B 431 -21.55 10.58 25.57
CA ASP B 431 -20.84 11.08 26.74
C ASP B 431 -21.79 11.43 27.88
N ARG B 432 -23.04 11.78 27.57
CA ARG B 432 -23.95 12.25 28.62
C ARG B 432 -24.42 11.10 29.51
N PHE B 433 -25.19 10.18 28.94
CA PHE B 433 -25.80 9.10 29.72
C PHE B 433 -25.67 7.72 29.11
N VAL B 434 -25.45 7.57 27.80
CA VAL B 434 -25.48 6.23 27.21
C VAL B 434 -24.19 5.47 27.49
N LYS B 435 -23.06 6.16 27.65
CA LYS B 435 -21.80 5.49 27.93
C LYS B 435 -21.88 4.67 29.21
N ARG B 436 -22.43 5.27 30.28
CA ARG B 436 -22.55 4.56 31.55
C ARG B 436 -23.51 3.39 31.45
N ILE B 437 -24.66 3.59 30.79
CA ILE B 437 -25.64 2.51 30.66
C ILE B 437 -25.06 1.36 29.84
N PHE B 438 -24.34 1.69 28.77
CA PHE B 438 -23.75 0.66 27.94
C PHE B 438 -22.68 -0.11 28.69
N TYR B 439 -21.83 0.59 29.45
CA TYR B 439 -20.81 -0.11 30.22
C TYR B 439 -21.44 -0.97 31.31
N PHE B 440 -22.54 -0.50 31.89
CA PHE B 440 -23.27 -1.32 32.86
C PHE B 440 -23.82 -2.58 32.20
N ASN B 441 -24.40 -2.45 31.01
CA ASN B 441 -24.91 -3.61 30.30
C ASN B 441 -23.77 -4.58 29.94
N PHE B 442 -22.62 -4.05 29.56
CA PHE B 442 -21.46 -4.88 29.29
C PHE B 442 -21.03 -5.64 30.54
N PHE B 443 -21.00 -4.95 31.68
CA PHE B 443 -20.66 -5.59 32.95
C PHE B 443 -21.66 -6.68 33.28
N VAL B 444 -22.95 -6.42 33.09
CA VAL B 444 -23.98 -7.40 33.40
C VAL B 444 -23.86 -8.62 32.50
N TYR B 445 -23.59 -8.39 31.21
CA TYR B 445 -23.40 -9.52 30.30
C TYR B 445 -22.16 -10.32 30.67
N CYS B 446 -21.09 -9.64 31.11
CA CYS B 446 -19.91 -10.35 31.58
C CYS B 446 -20.22 -11.21 32.79
N LEU B 447 -21.00 -10.67 33.74
CA LEU B 447 -21.40 -11.46 34.89
C LEU B 447 -22.26 -12.65 34.47
N TYR B 448 -23.15 -12.42 33.50
CA TYR B 448 -24.00 -13.50 33.00
C TYR B 448 -23.16 -14.61 32.39
N MET B 449 -22.16 -14.25 31.57
CA MET B 449 -21.34 -15.26 30.94
C MET B 449 -20.41 -15.95 31.93
N ILE B 450 -19.93 -15.23 32.96
CA ILE B 450 -19.14 -15.88 33.99
C ILE B 450 -19.98 -16.90 34.75
N ILE B 451 -21.20 -16.52 35.11
CA ILE B 451 -22.08 -17.44 35.85
C ILE B 451 -22.45 -18.63 34.97
N PHE B 452 -22.74 -18.38 33.70
CA PHE B 452 -23.04 -19.47 32.77
C PHE B 452 -21.84 -20.41 32.63
N THR B 453 -20.64 -19.84 32.52
CA THR B 453 -19.44 -20.66 32.42
C THR B 453 -19.25 -21.50 33.66
N ALA B 454 -19.46 -20.92 34.84
CA ALA B 454 -19.29 -21.68 36.07
C ALA B 454 -20.34 -22.78 36.18
N ALA B 455 -21.60 -22.47 35.87
CA ALA B 455 -22.66 -23.46 35.97
C ALA B 455 -22.46 -24.60 34.98
N ALA B 456 -22.01 -24.27 33.76
CA ALA B 456 -21.80 -25.31 32.76
C ALA B 456 -20.56 -26.14 33.08
N TYR B 457 -19.51 -25.51 33.62
CA TYR B 457 -18.29 -26.21 33.96
C TYR B 457 -18.54 -27.29 35.00
N TYR B 458 -19.32 -26.97 36.03
CA TYR B 458 -19.62 -27.89 37.11
C TYR B 458 -20.92 -28.64 36.89
N ARG B 459 -21.28 -28.92 35.64
CA ARG B 459 -22.49 -29.67 35.38
C ARG B 459 -22.37 -31.07 35.98
N PRO B 460 -23.47 -31.67 36.47
CA PRO B 460 -23.37 -33.05 36.93
C PRO B 460 -23.00 -34.00 35.79
N VAL B 461 -22.24 -35.03 36.13
CA VAL B 461 -21.77 -36.02 35.17
C VAL B 461 -22.53 -37.32 35.25
N GLU B 462 -23.50 -37.44 36.17
CA GLU B 462 -24.34 -38.63 36.22
C GLU B 462 -25.24 -38.67 34.99
N GLY B 463 -25.97 -39.76 34.80
CA GLY B 463 -26.76 -39.92 33.61
C GLY B 463 -28.18 -39.40 33.76
N LEU B 464 -28.85 -39.22 32.62
CA LEU B 464 -30.28 -38.97 32.54
C LEU B 464 -30.73 -37.77 33.38
N PRO B 465 -30.50 -36.54 32.93
CA PRO B 465 -31.09 -35.38 33.63
C PRO B 465 -32.60 -35.48 33.67
N PRO B 466 -33.28 -34.63 34.46
CA PRO B 466 -32.76 -33.62 35.37
C PRO B 466 -32.10 -34.23 36.60
N TYR B 467 -31.14 -33.52 37.18
CA TYR B 467 -30.36 -34.03 38.31
C TYR B 467 -30.99 -33.55 39.61
N LYS B 468 -31.25 -34.49 40.52
CA LYS B 468 -31.84 -34.15 41.80
C LYS B 468 -30.90 -33.22 42.56
N LEU B 469 -31.46 -32.13 43.09
CA LEU B 469 -30.66 -31.18 43.84
C LEU B 469 -30.21 -31.79 45.16
N LYS B 470 -28.91 -31.77 45.40
CA LYS B 470 -28.35 -32.24 46.66
C LYS B 470 -28.37 -31.12 47.69
N ASN B 471 -28.50 -31.50 48.96
CA ASN B 471 -28.56 -30.54 50.05
C ASN B 471 -27.14 -30.16 50.46
N THR B 472 -26.46 -29.45 49.56
CA THR B 472 -25.09 -29.01 49.77
C THR B 472 -24.87 -27.67 49.09
N VAL B 473 -23.92 -26.92 49.61
CA VAL B 473 -23.74 -25.52 49.22
C VAL B 473 -23.36 -25.41 47.75
N GLY B 474 -22.43 -26.26 47.30
CA GLY B 474 -21.99 -26.21 45.91
C GLY B 474 -23.12 -26.43 44.92
N ASP B 475 -24.03 -27.34 45.24
CA ASP B 475 -25.15 -27.59 44.34
C ASP B 475 -26.19 -26.48 44.39
N TYR B 476 -26.36 -25.81 45.53
CA TYR B 476 -27.21 -24.63 45.56
C TYR B 476 -26.65 -23.52 44.68
N PHE B 477 -25.34 -23.29 44.77
CA PHE B 477 -24.73 -22.30 43.88
C PHE B 477 -24.86 -22.73 42.42
N ARG B 478 -24.68 -24.01 42.14
CA ARG B 478 -24.79 -24.51 40.78
C ARG B 478 -26.18 -24.30 40.21
N VAL B 479 -27.22 -24.66 40.97
CA VAL B 479 -28.58 -24.53 40.46
C VAL B 479 -28.97 -23.07 40.35
N THR B 480 -28.49 -22.21 41.26
CA THR B 480 -28.70 -20.78 41.09
C THR B 480 -28.07 -20.27 39.80
N GLY B 481 -26.85 -20.71 39.51
CA GLY B 481 -26.21 -20.31 38.27
C GLY B 481 -26.94 -20.80 37.05
N GLU B 482 -27.46 -22.03 37.10
CA GLU B 482 -28.23 -22.56 35.99
C GLU B 482 -29.51 -21.76 35.78
N ILE B 483 -30.19 -21.41 36.87
CA ILE B 483 -31.41 -20.62 36.77
C ILE B 483 -31.11 -19.26 36.16
N LEU B 484 -30.03 -18.62 36.60
CA LEU B 484 -29.66 -17.33 36.04
C LEU B 484 -29.30 -17.45 34.56
N SER B 485 -28.63 -18.54 34.19
CA SER B 485 -28.27 -18.75 32.79
C SER B 485 -29.50 -18.89 31.92
N VAL B 486 -30.46 -19.70 32.36
CA VAL B 486 -31.70 -19.87 31.60
C VAL B 486 -32.49 -18.57 31.57
N SER B 487 -32.48 -17.82 32.67
CA SER B 487 -33.16 -16.52 32.71
C SER B 487 -32.58 -15.57 31.67
N GLY B 488 -31.25 -15.49 31.59
CA GLY B 488 -30.63 -14.64 30.59
C GLY B 488 -30.92 -15.12 29.18
N GLY B 489 -30.96 -16.44 28.99
CA GLY B 489 -31.34 -16.96 27.69
C GLY B 489 -32.73 -16.56 27.28
N VAL B 490 -33.68 -16.65 28.22
CA VAL B 490 -35.05 -16.22 27.94
C VAL B 490 -35.09 -14.72 27.64
N TYR B 491 -34.31 -13.94 28.39
CA TYR B 491 -34.25 -12.50 28.15
C TYR B 491 -33.80 -12.20 26.73
N PHE B 492 -32.71 -12.83 26.29
CA PHE B 492 -32.22 -12.56 24.94
C PHE B 492 -33.17 -13.12 23.88
N PHE B 493 -33.86 -14.22 24.18
CA PHE B 493 -34.86 -14.75 23.27
C PHE B 493 -35.97 -13.74 23.03
N PHE B 494 -36.55 -13.20 24.10
CA PHE B 494 -37.62 -12.23 23.94
C PHE B 494 -37.10 -10.91 23.39
N ARG B 495 -35.84 -10.55 23.68
CA ARG B 495 -35.26 -9.36 23.06
C ARG B 495 -35.17 -9.53 21.55
N GLY B 496 -34.76 -10.71 21.09
CA GLY B 496 -34.71 -10.95 19.65
C GLY B 496 -36.10 -10.91 19.02
N ILE B 497 -37.09 -11.46 19.70
CA ILE B 497 -38.46 -11.39 19.17
C ILE B 497 -38.92 -9.94 19.12
N GLN B 498 -38.61 -9.16 20.15
CA GLN B 498 -38.99 -7.75 20.15
C GLN B 498 -38.32 -7.00 19.02
N TYR B 499 -37.04 -7.29 18.75
CA TYR B 499 -36.36 -6.66 17.63
C TYR B 499 -37.04 -7.00 16.32
N PHE B 500 -37.36 -8.28 16.11
CA PHE B 500 -38.00 -8.71 14.87
C PHE B 500 -39.35 -8.01 14.70
N LEU B 501 -40.15 -7.96 15.76
CA LEU B 501 -41.48 -7.36 15.64
C LEU B 501 -41.42 -5.86 15.46
N GLN B 502 -40.52 -5.17 16.18
CA GLN B 502 -40.46 -3.72 16.12
C GLN B 502 -39.79 -3.22 14.85
N ARG B 503 -38.95 -4.03 14.20
CA ARG B 503 -38.29 -3.61 12.98
C ARG B 503 -38.95 -4.13 11.72
N ARG B 504 -39.64 -5.28 11.80
CA ARG B 504 -40.17 -5.97 10.63
C ARG B 504 -39.09 -6.14 9.56
N PRO B 505 -38.06 -6.95 9.83
CA PRO B 505 -37.03 -7.18 8.80
C PRO B 505 -37.64 -7.81 7.55
N SER B 506 -37.04 -7.48 6.40
CA SER B 506 -37.59 -7.82 5.11
C SER B 506 -37.24 -9.24 4.65
N LEU B 507 -36.67 -10.06 5.53
CA LEU B 507 -36.21 -11.42 5.28
C LEU B 507 -34.94 -11.48 4.41
N LYS B 508 -34.43 -10.35 3.95
CA LYS B 508 -33.09 -10.21 3.40
C LYS B 508 -32.19 -9.38 4.29
N SER B 509 -32.76 -8.39 4.99
CA SER B 509 -32.02 -7.63 5.99
C SER B 509 -31.59 -8.49 7.17
N LEU B 510 -32.19 -9.68 7.35
CA LEU B 510 -31.75 -10.57 8.41
C LEU B 510 -30.36 -11.14 8.12
N PHE B 511 -29.99 -11.27 6.84
CA PHE B 511 -28.78 -11.98 6.44
C PHE B 511 -27.73 -11.08 5.80
N VAL B 512 -28.06 -9.84 5.45
CA VAL B 512 -27.07 -8.84 5.07
C VAL B 512 -26.87 -7.80 6.15
N ASP B 513 -27.63 -7.85 7.25
CA ASP B 513 -27.55 -6.85 8.30
C ASP B 513 -28.05 -7.48 9.59
N SER B 514 -27.92 -6.72 10.69
CA SER B 514 -28.42 -7.14 12.00
C SER B 514 -27.80 -8.47 12.44
N TYR B 515 -26.49 -8.63 12.22
CA TYR B 515 -25.83 -9.87 12.56
C TYR B 515 -25.84 -10.12 14.07
N SER B 516 -25.63 -9.06 14.86
CA SER B 516 -25.55 -9.23 16.30
C SER B 516 -26.88 -9.70 16.90
N GLU B 517 -28.00 -9.19 16.39
CA GLU B 517 -29.30 -9.64 16.88
C GLU B 517 -29.51 -11.11 16.55
N ILE B 518 -29.12 -11.52 15.35
CA ILE B 518 -29.23 -12.93 14.97
C ILE B 518 -28.37 -13.79 15.86
N LEU B 519 -27.14 -13.36 16.15
CA LEU B 519 -26.24 -14.17 16.96
C LEU B 519 -26.73 -14.30 18.40
N PHE B 520 -27.18 -13.19 19.00
CA PHE B 520 -27.72 -13.28 20.34
C PHE B 520 -28.98 -14.13 20.38
N PHE B 521 -29.82 -14.02 19.35
CA PHE B 521 -31.02 -14.84 19.29
C PHE B 521 -30.67 -16.32 19.15
N VAL B 522 -29.67 -16.65 18.35
CA VAL B 522 -29.27 -18.04 18.18
C VAL B 522 -28.67 -18.59 19.46
N GLN B 523 -27.91 -17.76 20.18
CA GLN B 523 -27.41 -18.17 21.49
C GLN B 523 -28.57 -18.52 22.42
N SER B 524 -29.58 -17.65 22.47
CA SER B 524 -30.72 -17.94 23.31
C SER B 524 -31.48 -19.17 22.84
N LEU B 525 -31.55 -19.40 21.52
CA LEU B 525 -32.19 -20.60 21.01
C LEU B 525 -31.46 -21.85 21.46
N PHE B 526 -30.13 -21.82 21.44
CA PHE B 526 -29.36 -22.94 21.94
C PHE B 526 -29.61 -23.15 23.42
N MET B 527 -29.71 -22.07 24.18
CA MET B 527 -30.01 -22.20 25.61
C MET B 527 -31.37 -22.85 25.84
N LEU B 528 -32.37 -22.45 25.07
CA LEU B 528 -33.71 -22.99 25.27
C LEU B 528 -33.80 -24.44 24.82
N VAL B 529 -33.12 -24.78 23.72
CA VAL B 529 -33.06 -26.18 23.31
C VAL B 529 -32.34 -27.00 24.38
N SER B 530 -31.32 -26.43 25.00
CA SER B 530 -30.66 -27.10 26.11
C SER B 530 -31.62 -27.35 27.26
N VAL B 531 -32.47 -26.37 27.58
CA VAL B 531 -33.44 -26.57 28.66
C VAL B 531 -34.42 -27.69 28.29
N VAL B 532 -34.90 -27.68 27.04
CA VAL B 532 -35.86 -28.69 26.59
C VAL B 532 -35.25 -30.09 26.67
N LEU B 533 -34.02 -30.23 26.19
CA LEU B 533 -33.35 -31.53 26.26
C LEU B 533 -33.04 -31.91 27.70
N TYR B 534 -32.73 -30.94 28.55
CA TYR B 534 -32.45 -31.23 29.95
C TYR B 534 -33.66 -31.83 30.64
N PHE B 535 -34.83 -31.24 30.44
CA PHE B 535 -36.04 -31.79 31.03
C PHE B 535 -36.66 -32.89 30.18
N SER B 536 -36.15 -33.16 28.99
CA SER B 536 -36.55 -34.31 28.20
C SER B 536 -35.74 -35.56 28.49
N GLN B 537 -34.83 -35.51 29.47
CA GLN B 537 -34.02 -36.66 29.86
C GLN B 537 -33.11 -37.10 28.71
N ARG B 538 -32.40 -36.14 28.14
CA ARG B 538 -31.43 -36.39 27.07
C ARG B 538 -30.14 -35.68 27.42
N LYS B 539 -29.03 -36.42 27.32
CA LYS B 539 -27.70 -35.82 27.61
C LYS B 539 -27.30 -34.85 26.48
N GLU B 540 -27.99 -34.90 25.34
CA GLU B 540 -27.69 -33.98 24.24
C GLU B 540 -27.90 -32.52 24.61
N TYR B 541 -28.54 -32.24 25.74
CA TYR B 541 -28.59 -30.85 26.22
C TYR B 541 -27.19 -30.25 26.32
N VAL B 542 -26.20 -31.07 26.71
CA VAL B 542 -24.84 -30.56 26.80
C VAL B 542 -24.38 -30.07 25.43
N ALA B 543 -24.73 -30.81 24.37
CA ALA B 543 -24.38 -30.40 23.02
C ALA B 543 -24.93 -29.02 22.71
N SER B 544 -26.16 -28.74 23.12
CA SER B 544 -26.71 -27.41 22.91
C SER B 544 -26.00 -26.40 23.81
N MET B 545 -25.77 -26.77 25.07
CA MET B 545 -25.31 -25.79 26.06
C MET B 545 -23.95 -25.23 25.67
N VAL B 546 -23.02 -26.09 25.29
CA VAL B 546 -21.71 -25.62 24.88
C VAL B 546 -21.81 -24.74 23.64
N PHE B 547 -22.72 -25.07 22.71
CA PHE B 547 -22.89 -24.23 21.55
C PHE B 547 -23.44 -22.86 21.95
N SER B 548 -24.28 -22.82 22.97
CA SER B 548 -24.63 -21.52 23.53
C SER B 548 -23.41 -20.87 24.15
N LEU B 549 -22.68 -21.63 24.98
CA LEU B 549 -21.63 -21.06 25.81
C LEU B 549 -20.54 -20.44 24.95
N ALA B 550 -20.00 -21.20 24.01
CA ALA B 550 -19.00 -20.66 23.09
C ALA B 550 -19.55 -19.46 22.36
N MET B 551 -20.78 -19.59 21.85
CA MET B 551 -21.37 -18.48 21.10
C MET B 551 -21.51 -17.26 22.00
N GLY B 552 -21.91 -17.48 23.25
CA GLY B 552 -22.05 -16.36 24.16
C GLY B 552 -20.75 -15.60 24.31
N TRP B 553 -19.64 -16.32 24.43
CA TRP B 553 -18.36 -15.64 24.59
C TRP B 553 -17.99 -14.87 23.33
N THR B 554 -18.27 -15.45 22.15
CA THR B 554 -18.00 -14.69 20.93
C THR B 554 -18.91 -13.49 20.85
N ASN B 555 -20.14 -13.60 21.37
CA ASN B 555 -21.03 -12.45 21.37
C ASN B 555 -20.53 -11.35 22.29
N MET B 556 -19.56 -11.64 23.16
CA MET B 556 -18.91 -10.59 23.93
C MET B 556 -18.32 -9.52 23.02
N LEU B 557 -17.89 -9.89 21.81
CA LEU B 557 -17.35 -8.91 20.89
C LEU B 557 -18.37 -7.86 20.48
N TYR B 558 -19.67 -8.13 20.65
CA TYR B 558 -20.67 -7.09 20.45
C TYR B 558 -20.34 -5.85 21.25
N TYR B 559 -19.84 -6.02 22.47
CA TYR B 559 -19.57 -4.89 23.33
C TYR B 559 -18.25 -4.20 23.02
N THR B 560 -17.54 -4.59 21.95
CA THR B 560 -16.38 -3.82 21.53
C THR B 560 -16.78 -2.48 20.93
N ARG B 561 -18.01 -2.36 20.43
CA ARG B 561 -18.53 -1.04 20.14
C ARG B 561 -18.68 -0.26 21.43
N GLY B 562 -18.58 1.05 21.34
CA GLY B 562 -18.44 1.89 22.51
C GLY B 562 -17.00 2.10 22.92
N PHE B 563 -16.07 1.36 22.33
CA PHE B 563 -14.65 1.63 22.39
C PHE B 563 -14.18 1.82 20.96
N GLN B 564 -13.52 2.95 20.69
CA GLN B 564 -13.15 3.35 19.34
C GLN B 564 -12.38 2.26 18.61
N GLN B 565 -11.17 1.96 19.09
CA GLN B 565 -10.27 1.08 18.35
C GLN B 565 -10.77 -0.36 18.36
N MET B 566 -11.26 -0.84 19.50
CA MET B 566 -11.78 -2.19 19.57
C MET B 566 -13.04 -2.35 18.72
N GLY B 567 -13.91 -1.33 18.71
CA GLY B 567 -15.11 -1.42 17.90
C GLY B 567 -14.79 -1.45 16.41
N ILE B 568 -13.88 -0.59 15.98
CA ILE B 568 -13.47 -0.60 14.58
C ILE B 568 -12.79 -1.93 14.24
N TYR B 569 -12.03 -2.48 15.19
CA TYR B 569 -11.40 -3.78 14.98
C TYR B 569 -12.46 -4.88 14.79
N ALA B 570 -13.51 -4.86 15.61
CA ALA B 570 -14.56 -5.87 15.46
C ALA B 570 -15.29 -5.71 14.13
N VAL B 571 -15.49 -4.47 13.69
CA VAL B 571 -16.08 -4.24 12.38
C VAL B 571 -15.19 -4.82 11.28
N MET B 572 -13.88 -4.62 11.40
CA MET B 572 -12.96 -5.20 10.44
C MET B 572 -13.02 -6.73 10.47
N ILE B 573 -13.19 -7.32 11.66
CA ILE B 573 -13.34 -8.77 11.74
C ILE B 573 -14.58 -9.22 10.98
N GLU B 574 -15.67 -8.49 11.15
CA GLU B 574 -16.90 -8.78 10.41
C GLU B 574 -16.66 -8.76 8.91
N LYS B 575 -15.99 -7.70 8.43
CA LYS B 575 -15.76 -7.57 6.97
C LYS B 575 -14.84 -8.69 6.49
N MET B 576 -13.82 -9.05 7.28
CA MET B 576 -12.96 -10.16 6.89
C MET B 576 -13.75 -11.44 6.74
N ILE B 577 -14.61 -11.74 7.71
CA ILE B 577 -15.42 -12.96 7.66
C ILE B 577 -16.29 -12.95 6.42
N LEU B 578 -16.93 -11.82 6.13
CA LEU B 578 -17.92 -11.82 5.07
C LEU B 578 -17.29 -11.81 3.67
N ARG B 579 -16.11 -11.23 3.49
CA ARG B 579 -15.47 -11.21 2.18
C ARG B 579 -14.36 -12.25 2.04
N ASP B 580 -13.28 -12.10 2.82
CA ASP B 580 -12.07 -12.83 2.53
C ASP B 580 -12.19 -14.27 2.98
N LEU B 581 -12.70 -14.48 4.19
CA LEU B 581 -12.91 -15.83 4.68
C LEU B 581 -13.95 -16.56 3.85
N CYS B 582 -14.98 -15.85 3.35
CA CYS B 582 -15.98 -16.50 2.52
C CYS B 582 -15.36 -17.03 1.23
N ARG B 583 -14.65 -16.17 0.48
CA ARG B 583 -14.05 -16.63 -0.77
C ARG B 583 -13.03 -17.72 -0.52
N PHE B 584 -12.16 -17.51 0.46
CA PHE B 584 -11.13 -18.50 0.77
C PHE B 584 -11.75 -19.82 1.16
N MET B 585 -12.80 -19.81 1.98
CA MET B 585 -13.37 -21.06 2.44
C MET B 585 -14.05 -21.80 1.31
N PHE B 586 -14.70 -21.08 0.38
CA PHE B 586 -15.26 -21.78 -0.77
C PHE B 586 -14.17 -22.51 -1.55
N VAL B 587 -13.13 -21.79 -1.94
CA VAL B 587 -12.10 -22.41 -2.78
C VAL B 587 -11.34 -23.48 -2.00
N TYR B 588 -11.05 -23.20 -0.73
CA TYR B 588 -10.33 -24.15 0.11
C TYR B 588 -11.11 -25.42 0.31
N LEU B 589 -12.42 -25.31 0.56
CA LEU B 589 -13.22 -26.51 0.75
C LEU B 589 -13.34 -27.29 -0.54
N VAL B 590 -13.37 -26.61 -1.69
CA VAL B 590 -13.35 -27.34 -2.96
C VAL B 590 -12.07 -28.14 -3.09
N PHE B 591 -10.92 -27.50 -2.85
CA PHE B 591 -9.65 -28.21 -2.97
C PHE B 591 -9.54 -29.34 -1.94
N LEU B 592 -9.95 -29.07 -0.70
CA LEU B 592 -9.87 -30.06 0.36
C LEU B 592 -10.70 -31.28 0.03
N PHE B 593 -11.96 -31.07 -0.37
CA PHE B 593 -12.82 -32.19 -0.69
C PHE B 593 -12.29 -32.95 -1.90
N GLY B 594 -11.81 -32.23 -2.92
CA GLY B 594 -11.31 -32.93 -4.10
C GLY B 594 -10.12 -33.80 -3.81
N PHE B 595 -9.13 -33.25 -3.11
CA PHE B 595 -7.94 -34.04 -2.81
C PHE B 595 -8.21 -35.09 -1.76
N SER B 596 -9.14 -34.86 -0.84
CA SER B 596 -9.51 -35.89 0.12
C SER B 596 -10.20 -37.06 -0.57
N THR B 597 -11.07 -36.78 -1.53
CA THR B 597 -11.71 -37.86 -2.26
C THR B 597 -10.68 -38.63 -3.08
N ALA B 598 -9.74 -37.92 -3.72
CA ALA B 598 -8.70 -38.61 -4.48
C ALA B 598 -7.84 -39.48 -3.57
N VAL B 599 -7.46 -38.97 -2.40
CA VAL B 599 -6.58 -39.72 -1.51
C VAL B 599 -7.32 -40.93 -0.92
N VAL B 600 -8.55 -40.74 -0.47
CA VAL B 600 -9.27 -41.85 0.14
C VAL B 600 -9.64 -42.89 -0.91
N THR B 601 -9.81 -42.48 -2.18
CA THR B 601 -9.94 -43.46 -3.24
C THR B 601 -8.65 -44.23 -3.43
N LEU B 602 -7.51 -43.54 -3.38
CA LEU B 602 -6.23 -44.23 -3.51
C LEU B 602 -5.98 -45.15 -2.32
N ILE B 603 -6.36 -44.71 -1.12
CA ILE B 603 -6.17 -45.55 0.07
C ILE B 603 -6.98 -46.82 -0.06
N GLU B 604 -6.37 -47.94 0.31
CA GLU B 604 -6.98 -49.26 0.19
C GLU B 604 -6.61 -50.05 1.45
N ASP B 605 -7.57 -50.17 2.36
CA ASP B 605 -7.33 -50.87 3.60
C ASP B 605 -7.06 -52.35 3.34
N GLY B 606 -6.06 -52.89 4.02
CA GLY B 606 -5.72 -54.29 3.87
C GLY B 606 -4.41 -54.61 4.58
N LYS B 607 -4.11 -55.90 4.61
CA LYS B 607 -2.89 -56.40 5.23
C LYS B 607 -1.81 -56.66 4.18
N SER B 630 -6.86 -46.06 11.83
CA SER B 630 -7.29 -46.54 10.52
C SER B 630 -7.69 -45.39 9.61
N TYR B 631 -7.75 -45.69 8.31
CA TYR B 631 -8.12 -44.73 7.28
C TYR B 631 -9.01 -45.45 6.26
N ASN B 632 -9.17 -44.87 5.06
CA ASN B 632 -10.15 -45.29 4.07
C ASN B 632 -11.56 -44.86 4.46
N SER B 633 -11.66 -43.78 5.23
CA SER B 633 -12.90 -43.08 5.49
C SER B 633 -12.74 -41.65 5.01
N LEU B 634 -13.77 -41.12 4.36
CA LEU B 634 -13.67 -39.77 3.82
C LEU B 634 -13.47 -38.75 4.94
N TYR B 635 -14.09 -38.98 6.10
CA TYR B 635 -13.93 -38.05 7.21
C TYR B 635 -12.49 -38.02 7.70
N SER B 636 -11.90 -39.20 7.91
CA SER B 636 -10.52 -39.25 8.41
C SER B 636 -9.55 -38.61 7.43
N THR B 637 -9.73 -38.88 6.13
CA THR B 637 -8.85 -38.29 5.13
C THR B 637 -9.02 -36.79 5.06
N CYS B 638 -10.27 -36.31 5.13
CA CYS B 638 -10.51 -34.87 5.16
C CYS B 638 -9.86 -34.23 6.37
N LEU B 639 -9.92 -34.90 7.52
CA LEU B 639 -9.29 -34.36 8.72
C LEU B 639 -7.77 -34.32 8.58
N GLU B 640 -7.18 -35.38 8.03
CA GLU B 640 -5.73 -35.42 7.83
C GLU B 640 -5.28 -34.34 6.87
N LEU B 641 -6.06 -34.10 5.81
CA LEU B 641 -5.68 -33.06 4.86
C LEU B 641 -5.91 -31.67 5.45
N PHE B 642 -6.92 -31.53 6.32
CA PHE B 642 -7.12 -30.27 7.01
C PHE B 642 -5.97 -29.96 7.95
N LYS B 643 -5.38 -30.99 8.55
CA LYS B 643 -4.26 -30.79 9.46
C LYS B 643 -3.10 -30.04 8.81
N PHE B 644 -2.93 -30.19 7.49
CA PHE B 644 -1.90 -29.43 6.78
C PHE B 644 -2.12 -27.93 6.91
N THR B 645 -3.38 -27.49 6.92
CA THR B 645 -3.67 -26.07 7.03
C THR B 645 -3.17 -25.51 8.35
N ILE B 646 -3.28 -26.29 9.43
CA ILE B 646 -2.89 -25.84 10.76
C ILE B 646 -1.45 -26.21 11.08
N GLY B 647 -0.65 -26.58 10.08
CA GLY B 647 0.73 -26.89 10.31
C GLY B 647 0.97 -28.19 11.05
N MET B 648 0.07 -29.16 10.91
CA MET B 648 0.18 -30.45 11.59
C MET B 648 -0.05 -31.62 10.64
N GLY B 649 0.21 -31.42 9.35
CA GLY B 649 0.03 -32.49 8.38
C GLY B 649 1.20 -33.45 8.42
N ASP B 650 0.90 -34.74 8.62
CA ASP B 650 1.97 -35.71 8.77
C ASP B 650 2.74 -35.90 7.47
N LEU B 651 2.02 -35.93 6.34
CA LEU B 651 2.55 -36.19 5.00
C LEU B 651 2.92 -37.65 4.76
N GLU B 652 2.83 -38.49 5.79
CA GLU B 652 2.98 -39.93 5.68
C GLU B 652 2.00 -40.59 6.65
N PHE B 653 0.76 -40.07 6.68
CA PHE B 653 -0.18 -40.50 7.71
C PHE B 653 -0.67 -41.93 7.48
N THR B 654 -0.48 -42.48 6.30
CA THR B 654 -0.85 -43.87 6.04
C THR B 654 0.12 -44.47 5.04
N GLU B 655 0.21 -45.80 5.08
CA GLU B 655 0.89 -46.58 4.06
C GLU B 655 -0.06 -47.54 3.34
N ASN B 656 -1.35 -47.49 3.63
CA ASN B 656 -2.31 -48.46 3.10
C ASN B 656 -2.75 -48.02 1.71
N TYR B 657 -1.82 -48.17 0.78
CA TYR B 657 -2.08 -47.82 -0.62
C TYR B 657 -1.08 -48.56 -1.50
N ASP B 658 -1.44 -48.65 -2.77
CA ASP B 658 -0.47 -48.87 -3.82
C ASP B 658 -0.07 -47.52 -4.41
N PHE B 659 0.99 -47.52 -5.21
CA PHE B 659 1.39 -46.33 -5.95
C PHE B 659 1.74 -45.19 -5.01
N LYS B 660 2.79 -45.36 -4.21
CA LYS B 660 3.21 -44.32 -3.27
C LYS B 660 3.50 -43.01 -3.97
N ALA B 661 4.02 -43.07 -5.20
CA ALA B 661 4.26 -41.85 -5.96
C ALA B 661 2.97 -41.07 -6.18
N VAL B 662 1.87 -41.77 -6.44
CA VAL B 662 0.59 -41.09 -6.64
C VAL B 662 0.15 -40.42 -5.33
N PHE B 663 0.27 -41.13 -4.23
CA PHE B 663 -0.12 -40.60 -2.92
C PHE B 663 0.66 -39.34 -2.60
N ILE B 664 1.98 -39.38 -2.74
CA ILE B 664 2.78 -38.23 -2.36
C ILE B 664 2.59 -37.09 -3.36
N ILE B 665 2.39 -37.39 -4.64
CA ILE B 665 2.13 -36.34 -5.62
C ILE B 665 0.82 -35.63 -5.29
N LEU B 666 -0.22 -36.39 -4.93
CA LEU B 666 -1.49 -35.79 -4.53
C LEU B 666 -1.30 -34.91 -3.31
N LEU B 667 -0.60 -35.41 -2.29
CA LEU B 667 -0.43 -34.62 -1.08
C LEU B 667 0.40 -33.37 -1.34
N LEU B 668 1.46 -33.47 -2.13
CA LEU B 668 2.27 -32.30 -2.44
C LEU B 668 1.49 -31.27 -3.23
N ALA B 669 0.70 -31.72 -4.20
CA ALA B 669 -0.13 -30.80 -4.97
C ALA B 669 -1.14 -30.11 -4.06
N TYR B 670 -1.76 -30.86 -3.15
CA TYR B 670 -2.68 -30.28 -2.19
C TYR B 670 -1.98 -29.23 -1.32
N VAL B 671 -0.79 -29.57 -0.83
CA VAL B 671 -0.05 -28.66 0.05
C VAL B 671 0.31 -27.38 -0.68
N ILE B 672 0.80 -27.50 -1.91
CA ILE B 672 1.19 -26.32 -2.68
C ILE B 672 -0.03 -25.46 -2.98
N LEU B 673 -1.15 -26.09 -3.35
CA LEU B 673 -2.34 -25.33 -3.71
C LEU B 673 -2.98 -24.66 -2.50
N THR B 674 -3.01 -25.34 -1.35
CA THR B 674 -3.69 -24.82 -0.17
C THR B 674 -2.75 -24.09 0.79
N TYR B 675 -1.74 -24.79 1.29
CA TYR B 675 -0.90 -24.22 2.34
C TYR B 675 -0.02 -23.10 1.80
N ILE B 676 0.67 -23.34 0.69
CA ILE B 676 1.65 -22.38 0.21
C ILE B 676 0.97 -21.27 -0.59
N LEU B 677 -0.05 -21.61 -1.38
CA LEU B 677 -0.71 -20.64 -2.23
C LEU B 677 -1.91 -19.98 -1.54
N LEU B 678 -2.89 -20.77 -1.10
CA LEU B 678 -4.16 -20.16 -0.70
C LEU B 678 -4.07 -19.47 0.66
N LEU B 679 -3.35 -20.03 1.62
CA LEU B 679 -3.25 -19.38 2.92
C LEU B 679 -2.48 -18.07 2.83
N ASN B 680 -1.35 -18.08 2.13
CA ASN B 680 -0.59 -16.85 1.96
C ASN B 680 -1.35 -15.84 1.12
N MET B 681 -2.10 -16.33 0.13
CA MET B 681 -2.96 -15.46 -0.65
C MET B 681 -4.07 -14.88 0.22
N LEU B 682 -4.59 -15.64 1.17
CA LEU B 682 -5.56 -15.11 2.11
C LEU B 682 -4.95 -13.99 2.93
N ILE B 683 -3.70 -14.16 3.38
CA ILE B 683 -3.04 -13.08 4.11
C ILE B 683 -2.92 -11.84 3.24
N ALA B 684 -2.52 -12.03 1.98
CA ALA B 684 -2.39 -10.89 1.07
C ALA B 684 -3.73 -10.19 0.83
N LEU B 685 -4.79 -10.97 0.66
CA LEU B 685 -6.10 -10.39 0.44
C LEU B 685 -6.60 -9.65 1.67
N MET B 686 -6.32 -10.19 2.86
CA MET B 686 -6.63 -9.47 4.09
C MET B 686 -5.87 -8.15 4.14
N GLY B 687 -4.61 -8.15 3.70
CA GLY B 687 -3.86 -6.89 3.65
C GLY B 687 -4.53 -5.87 2.75
N GLU B 688 -4.94 -6.31 1.56
CA GLU B 688 -5.65 -5.41 0.64
C GLU B 688 -6.94 -4.90 1.27
N THR B 689 -7.69 -5.79 1.92
CA THR B 689 -8.96 -5.40 2.52
C THR B 689 -8.76 -4.37 3.62
N VAL B 690 -7.81 -4.60 4.54
CA VAL B 690 -7.58 -3.63 5.61
C VAL B 690 -7.13 -2.30 5.02
N ASN B 691 -6.37 -2.33 3.92
CA ASN B 691 -6.07 -1.06 3.25
C ASN B 691 -7.35 -0.40 2.75
N LYS B 692 -8.35 -1.20 2.34
CA LYS B 692 -9.56 -0.61 1.75
C LYS B 692 -10.59 -0.16 2.79
N ILE B 693 -10.77 -0.90 3.88
CA ILE B 693 -11.97 -0.74 4.73
C ILE B 693 -11.69 0.12 5.97
N ALA B 694 -10.71 1.01 5.91
CA ALA B 694 -10.45 1.86 7.08
C ALA B 694 -11.63 2.79 7.35
N GLN B 695 -11.93 3.67 6.39
CA GLN B 695 -12.99 4.65 6.60
C GLN B 695 -14.36 3.98 6.66
N GLU B 696 -14.56 2.95 5.84
CA GLU B 696 -15.80 2.20 5.90
C GLU B 696 -16.01 1.57 7.27
N SER B 697 -14.95 0.99 7.85
CA SER B 697 -15.07 0.42 9.18
C SER B 697 -15.36 1.48 10.23
N LYS B 698 -14.72 2.64 10.12
CA LYS B 698 -15.00 3.71 11.08
C LYS B 698 -16.44 4.17 10.99
N ASN B 699 -16.95 4.33 9.77
CA ASN B 699 -18.34 4.76 9.60
C ASN B 699 -19.31 3.71 10.10
N ILE B 700 -18.99 2.43 9.87
CA ILE B 700 -19.87 1.35 10.36
C ILE B 700 -19.86 1.32 11.88
N TRP B 701 -18.70 1.53 12.50
CA TRP B 701 -18.66 1.61 13.96
C TRP B 701 -19.49 2.77 14.48
N LYS B 702 -19.41 3.92 13.81
CA LYS B 702 -20.23 5.06 14.22
C LYS B 702 -21.71 4.73 14.10
N LEU B 703 -22.10 4.03 13.03
CA LEU B 703 -23.50 3.64 12.89
C LEU B 703 -23.92 2.66 13.97
N GLN B 704 -23.04 1.70 14.31
CA GLN B 704 -23.36 0.75 15.36
C GLN B 704 -23.55 1.45 16.71
N ARG B 705 -22.67 2.39 17.03
CA ARG B 705 -22.84 3.13 18.27
C ARG B 705 -24.08 4.01 18.22
N ALA B 706 -24.43 4.53 17.05
CA ALA B 706 -25.67 5.28 16.91
C ALA B 706 -26.89 4.40 17.19
N ILE B 707 -26.87 3.16 16.69
CA ILE B 707 -27.96 2.24 16.98
C ILE B 707 -28.01 1.94 18.47
N THR B 708 -26.85 1.76 19.09
CA THR B 708 -26.79 1.56 20.53
C THR B 708 -27.42 2.74 21.27
N ILE B 709 -27.09 3.95 20.85
CA ILE B 709 -27.61 5.16 21.51
C ILE B 709 -29.12 5.22 21.37
N LEU B 710 -29.62 4.98 20.17
CA LEU B 710 -31.05 5.07 19.95
C LEU B 710 -31.81 3.99 20.69
N ASP B 711 -31.26 2.77 20.75
CA ASP B 711 -31.92 1.71 21.50
C ASP B 711 -31.94 2.02 22.99
N THR B 712 -30.82 2.52 23.53
CA THR B 712 -30.79 2.87 24.95
C THR B 712 -31.76 3.99 25.26
N GLU B 713 -31.81 5.02 24.42
CA GLU B 713 -32.74 6.12 24.63
C GLU B 713 -34.18 5.65 24.49
N LYS B 714 -34.45 4.73 23.57
CA LYS B 714 -35.79 4.21 23.39
C LYS B 714 -36.25 3.42 24.61
N SER B 715 -35.35 2.61 25.18
CA SER B 715 -35.72 1.83 26.36
C SER B 715 -35.82 2.72 27.59
N PHE B 716 -34.73 3.43 27.90
CA PHE B 716 -34.53 4.51 28.88
C PHE B 716 -34.73 4.11 30.35
N LEU B 717 -35.39 2.98 30.62
CA LEU B 717 -35.22 2.20 31.85
C LEU B 717 -35.68 2.86 33.15
N LYS B 718 -35.92 4.18 33.18
CA LYS B 718 -36.28 4.87 34.42
C LYS B 718 -37.19 6.07 34.17
N CYS B 719 -37.87 6.11 33.02
CA CYS B 719 -38.72 7.25 32.65
C CYS B 719 -37.96 8.58 32.72
N MET B 720 -36.72 8.59 32.26
CA MET B 720 -35.90 9.79 32.31
C MET B 720 -36.14 10.67 31.08
N ARG B 721 -35.62 11.89 31.16
CA ARG B 721 -35.71 12.88 30.09
C ARG B 721 -34.36 13.50 29.81
N LYS B 722 -33.32 12.67 29.71
CA LYS B 722 -31.98 13.12 29.41
C LYS B 722 -31.71 13.25 27.91
N ALA B 723 -32.67 12.86 27.06
CA ALA B 723 -32.46 12.94 25.61
C ALA B 723 -32.46 14.38 25.10
N PHE B 724 -32.95 15.33 25.88
CA PHE B 724 -33.17 16.67 25.38
C PHE B 724 -31.87 17.47 25.35
N ARG B 725 -31.93 18.59 24.64
CA ARG B 725 -30.79 19.49 24.41
C ARG B 725 -30.77 20.56 25.50
N SER B 726 -29.99 21.63 25.29
CA SER B 726 -29.67 22.61 26.31
C SER B 726 -30.81 23.58 26.64
N GLY B 727 -32.04 23.27 26.25
CA GLY B 727 -33.21 24.04 26.63
C GLY B 727 -33.95 24.60 25.41
N LYS B 728 -35.14 25.09 25.69
CA LYS B 728 -35.96 25.78 24.69
C LYS B 728 -35.36 27.17 24.48
N LEU B 729 -34.26 27.22 23.73
CA LEU B 729 -33.60 28.48 23.47
C LEU B 729 -34.43 29.36 22.53
N LEU B 730 -34.39 30.66 22.78
CA LEU B 730 -35.06 31.65 21.93
C LEU B 730 -34.09 32.02 20.83
N GLN B 731 -34.28 31.42 19.65
CA GLN B 731 -33.25 31.51 18.60
C GLN B 731 -33.35 32.80 17.81
N VAL B 732 -34.46 33.01 17.10
CA VAL B 732 -34.66 34.18 16.25
C VAL B 732 -35.58 35.20 16.91
N GLY B 733 -35.97 35.00 18.16
CA GLY B 733 -36.88 35.89 18.82
C GLY B 733 -38.31 35.60 18.42
N PHE B 734 -38.66 35.94 17.18
CA PHE B 734 -40.02 35.76 16.68
C PHE B 734 -39.98 35.31 15.22
N THR B 735 -41.02 34.60 14.83
CA THR B 735 -41.32 34.32 13.43
C THR B 735 -41.89 35.59 12.80
N PRO B 736 -42.22 35.56 11.50
CA PRO B 736 -42.98 36.70 10.94
C PRO B 736 -44.30 36.95 11.65
N ASP B 737 -44.91 35.92 12.22
CA ASP B 737 -46.06 36.09 13.09
C ASP B 737 -45.59 36.61 14.45
N GLY B 738 -46.53 36.94 15.33
CA GLY B 738 -46.18 37.43 16.65
C GLY B 738 -45.66 36.38 17.61
N LYS B 739 -45.79 35.10 17.27
CA LYS B 739 -45.36 34.03 18.16
C LYS B 739 -43.84 34.01 18.26
N ASP B 740 -43.34 33.87 19.48
CA ASP B 740 -41.92 33.66 19.72
C ASP B 740 -41.55 32.20 19.47
N ASP B 741 -40.33 31.98 18.99
CA ASP B 741 -39.91 30.69 18.45
C ASP B 741 -38.85 30.06 19.33
N TYR B 742 -39.11 28.83 19.78
CA TYR B 742 -38.16 28.01 20.51
C TYR B 742 -37.94 26.71 19.76
N ARG B 743 -36.68 26.26 19.69
CA ARG B 743 -36.27 25.26 18.71
C ARG B 743 -35.61 24.02 19.29
N TRP B 744 -35.25 24.00 20.57
CA TRP B 744 -34.48 22.91 21.16
C TRP B 744 -33.17 22.70 20.39
N CYS B 745 -32.31 23.71 20.45
CA CYS B 745 -31.10 23.72 19.67
C CYS B 745 -29.93 23.11 20.44
N PHE B 746 -28.93 22.65 19.69
CA PHE B 746 -27.70 22.11 20.23
C PHE B 746 -26.55 23.05 19.89
N ARG B 747 -25.77 23.43 20.90
CA ARG B 747 -24.73 24.42 20.74
C ARG B 747 -23.41 23.76 20.36
N VAL B 748 -22.77 24.29 19.33
CA VAL B 748 -21.44 23.87 18.89
C VAL B 748 -20.56 25.10 18.79
N ASP B 749 -19.42 25.06 19.48
CA ASP B 749 -18.44 26.13 19.40
C ASP B 749 -17.47 25.85 18.25
N GLU B 750 -16.94 26.92 17.67
CA GLU B 750 -15.96 26.79 16.61
C GLU B 750 -15.00 27.96 16.67
N VAL B 751 -13.85 27.80 16.02
CA VAL B 751 -12.82 28.83 15.96
C VAL B 751 -12.41 29.03 14.52
N ASN B 752 -12.33 30.29 14.10
CA ASN B 752 -11.89 30.65 12.76
C ASN B 752 -11.00 31.88 12.86
N TRP B 753 -9.96 31.89 12.02
CA TRP B 753 -8.95 32.95 12.02
C TRP B 753 -8.99 33.80 10.76
N THR B 754 -10.01 33.64 9.92
CA THR B 754 -10.25 34.48 8.77
C THR B 754 -11.72 34.91 8.78
N THR B 755 -12.06 35.83 7.88
CA THR B 755 -13.41 36.40 7.79
C THR B 755 -13.88 36.89 9.16
N TRP B 756 -13.10 37.80 9.73
CA TRP B 756 -13.37 38.33 11.06
C TRP B 756 -14.65 39.16 11.06
N TYR C 198 47.23 37.00 -2.07
CA TYR C 198 47.22 36.29 -0.79
C TYR C 198 48.30 35.23 -0.73
N THR C 199 48.91 35.08 0.45
CA THR C 199 49.91 34.07 0.71
C THR C 199 49.54 33.12 1.83
N ASP C 200 48.55 33.44 2.65
CA ASP C 200 48.10 32.53 3.69
C ASP C 200 47.57 31.24 3.07
N SER C 201 47.89 30.11 3.71
CA SER C 201 47.56 28.81 3.16
C SER C 201 46.06 28.59 3.02
N TYR C 202 45.23 29.32 3.77
CA TYR C 202 43.79 29.17 3.69
C TYR C 202 43.18 29.93 2.51
N TYR C 203 43.84 31.01 2.07
CA TYR C 203 43.43 31.76 0.89
C TYR C 203 44.57 31.92 -0.12
N LYS C 204 45.55 31.02 -0.10
CA LYS C 204 46.73 31.14 -0.95
C LYS C 204 46.35 31.22 -2.42
N GLY C 205 46.93 32.19 -3.12
CA GLY C 205 46.73 32.37 -4.54
C GLY C 205 45.52 33.20 -4.91
N GLN C 206 44.69 33.59 -3.96
CA GLN C 206 43.56 34.46 -4.27
C GLN C 206 44.06 35.83 -4.71
N THR C 207 43.38 36.40 -5.70
CA THR C 207 43.77 37.68 -6.29
C THR C 207 42.55 38.59 -6.38
N ALA C 208 42.80 39.85 -6.76
CA ALA C 208 41.72 40.81 -6.92
C ALA C 208 40.74 40.36 -7.99
N LEU C 209 41.22 39.68 -9.03
CA LEU C 209 40.33 39.20 -10.08
C LEU C 209 39.37 38.15 -9.53
N HIS C 210 39.87 37.23 -8.69
CA HIS C 210 39.00 36.23 -8.08
C HIS C 210 37.94 36.89 -7.22
N ILE C 211 38.31 37.91 -6.44
CA ILE C 211 37.35 38.62 -5.60
C ILE C 211 36.32 39.33 -6.47
N ALA C 212 36.78 39.99 -7.54
CA ALA C 212 35.87 40.73 -8.42
C ALA C 212 34.86 39.80 -9.08
N ILE C 213 35.31 38.61 -9.50
CA ILE C 213 34.37 37.66 -10.09
C ILE C 213 33.42 37.12 -9.04
N GLU C 214 33.95 36.77 -7.87
CA GLU C 214 33.11 36.20 -6.81
C GLU C 214 32.07 37.23 -6.36
N ARG C 215 32.45 38.49 -6.27
CA ARG C 215 31.51 39.55 -5.91
C ARG C 215 30.54 39.89 -7.04
N ARG C 216 30.70 39.28 -8.23
CA ARG C 216 29.79 39.49 -9.35
C ARG C 216 29.79 40.96 -9.80
N ASN C 217 30.98 41.54 -9.86
CA ASN C 217 31.17 42.93 -10.31
C ASN C 217 31.76 42.89 -11.70
N MET C 218 30.90 43.02 -12.72
CA MET C 218 31.36 42.97 -14.10
C MET C 218 32.34 44.12 -14.40
N THR C 219 32.04 45.32 -13.92
CA THR C 219 32.88 46.47 -14.21
C THR C 219 34.27 46.29 -13.61
N LEU C 220 34.34 45.81 -12.37
CA LEU C 220 35.64 45.62 -11.73
C LEU C 220 36.44 44.53 -12.43
N VAL C 221 35.77 43.46 -12.88
CA VAL C 221 36.47 42.41 -13.61
C VAL C 221 37.04 42.97 -14.92
N THR C 222 36.23 43.75 -15.64
CA THR C 222 36.70 44.35 -16.89
C THR C 222 37.90 45.26 -16.65
N LEU C 223 37.81 46.10 -15.62
CA LEU C 223 38.91 47.01 -15.32
C LEU C 223 40.17 46.25 -14.90
N LEU C 224 40.02 45.21 -14.08
CA LEU C 224 41.18 44.45 -13.64
C LEU C 224 41.85 43.74 -14.79
N VAL C 225 41.07 43.15 -15.71
CA VAL C 225 41.66 42.52 -16.88
C VAL C 225 42.33 43.56 -17.76
N GLU C 226 41.71 44.74 -17.88
CA GLU C 226 42.33 45.82 -18.65
C GLU C 226 43.66 46.24 -18.05
N ASN C 227 43.75 46.28 -16.72
CA ASN C 227 44.97 46.72 -16.06
C ASN C 227 46.09 45.69 -16.12
N GLY C 228 45.83 44.48 -16.61
CA GLY C 228 46.82 43.44 -16.68
C GLY C 228 46.73 42.39 -15.61
N ALA C 229 45.56 42.18 -15.01
CA ALA C 229 45.39 41.11 -14.04
C ALA C 229 45.64 39.76 -14.70
N ASP C 230 46.37 38.90 -13.99
CA ASP C 230 46.75 37.60 -14.53
C ASP C 230 45.52 36.69 -14.55
N VAL C 231 45.10 36.29 -15.75
CA VAL C 231 43.96 35.39 -15.88
C VAL C 231 44.31 33.93 -15.57
N GLN C 232 45.60 33.62 -15.39
CA GLN C 232 46.04 32.28 -15.04
C GLN C 232 46.52 32.19 -13.59
N ALA C 233 46.04 33.07 -12.72
CA ALA C 233 46.44 33.05 -11.33
C ALA C 233 45.77 31.90 -10.60
N ALA C 234 46.38 30.71 -10.66
CA ALA C 234 45.78 29.52 -10.09
C ALA C 234 45.76 29.63 -8.57
N ALA C 235 44.57 29.69 -7.99
CA ALA C 235 44.44 29.72 -6.54
C ALA C 235 44.78 28.37 -5.94
N ASN C 236 45.38 28.40 -4.75
CA ASN C 236 45.80 27.19 -4.05
C ASN C 236 45.37 27.17 -2.59
N GLY C 237 44.60 28.15 -2.14
CA GLY C 237 44.17 28.17 -0.75
C GLY C 237 43.27 26.98 -0.42
N ASP C 238 43.40 26.50 0.82
CA ASP C 238 42.61 25.36 1.26
C ASP C 238 41.13 25.70 1.37
N PHE C 239 40.75 26.97 1.44
CA PHE C 239 39.33 27.28 1.43
C PHE C 239 38.73 26.82 0.13
N PHE C 240 39.35 27.18 -0.98
CA PHE C 240 38.79 26.87 -2.29
C PHE C 240 39.07 25.41 -2.67
N GLY C 248 34.15 25.21 2.39
CA GLY C 248 34.95 25.58 1.24
C GLY C 248 34.16 25.56 -0.06
N PHE C 249 34.81 25.97 -1.16
CA PHE C 249 34.16 25.98 -2.46
C PHE C 249 35.23 25.76 -3.53
N TYR C 250 35.30 24.54 -4.05
CA TYR C 250 36.21 24.21 -5.13
C TYR C 250 35.55 24.59 -6.45
N PHE C 251 36.26 25.38 -7.26
CA PHE C 251 35.75 25.85 -8.55
C PHE C 251 36.68 25.57 -9.71
N GLY C 252 37.84 24.92 -9.47
CA GLY C 252 38.84 24.71 -10.50
C GLY C 252 40.04 25.64 -10.41
N GLU C 253 40.09 26.51 -9.39
CA GLU C 253 41.27 27.32 -9.06
C GLU C 253 41.57 28.43 -10.06
N LEU C 254 40.81 28.54 -11.15
CA LEU C 254 41.07 29.51 -12.21
C LEU C 254 39.94 30.53 -12.32
N PRO C 255 40.23 31.79 -12.68
CA PRO C 255 39.13 32.76 -12.84
C PRO C 255 38.09 32.35 -13.88
N LEU C 256 38.50 31.73 -14.98
CA LEU C 256 37.54 31.28 -15.96
C LEU C 256 36.63 30.20 -15.38
N SER C 257 37.21 29.24 -14.66
CA SER C 257 36.41 28.24 -13.99
C SER C 257 35.56 28.83 -12.88
N LEU C 258 36.05 29.88 -12.21
CA LEU C 258 35.24 30.56 -11.21
C LEU C 258 34.00 31.18 -11.85
N ALA C 259 34.19 31.87 -12.98
CA ALA C 259 33.06 32.49 -13.67
C ALA C 259 32.10 31.43 -14.18
N ALA C 260 32.62 30.32 -14.70
CA ALA C 260 31.76 29.23 -15.17
C ALA C 260 30.96 28.63 -14.02
N CYS C 261 31.60 28.43 -12.86
CA CYS C 261 30.95 27.77 -11.74
C CYS C 261 29.91 28.65 -11.06
N THR C 262 29.97 29.98 -11.25
CA THR C 262 29.02 30.90 -10.64
C THR C 262 27.93 31.36 -11.61
N ASN C 263 27.80 30.72 -12.77
CA ASN C 263 26.74 31.03 -13.73
C ASN C 263 26.86 32.47 -14.25
N GLN C 264 28.09 32.96 -14.37
CA GLN C 264 28.36 34.29 -14.93
C GLN C 264 28.87 34.10 -16.35
N LEU C 265 27.92 33.94 -17.28
CA LEU C 265 28.28 33.67 -18.67
C LEU C 265 29.03 34.84 -19.29
N ALA C 266 28.62 36.08 -18.95
CA ALA C 266 29.28 37.25 -19.52
C ALA C 266 30.74 37.30 -19.14
N ILE C 267 31.06 37.01 -17.87
CA ILE C 267 32.46 37.03 -17.45
C ILE C 267 33.22 35.88 -18.08
N VAL C 268 32.59 34.72 -18.25
CA VAL C 268 33.24 33.61 -18.93
C VAL C 268 33.64 33.99 -20.34
N LYS C 269 32.72 34.58 -21.10
CA LYS C 269 33.03 35.02 -22.45
C LYS C 269 34.12 36.08 -22.45
N PHE C 270 34.02 37.07 -21.57
CA PHE C 270 35.00 38.13 -21.52
C PHE C 270 36.39 37.59 -21.20
N LEU C 271 36.50 36.78 -20.15
CA LEU C 271 37.79 36.21 -19.78
C LEU C 271 38.35 35.32 -20.89
N LEU C 272 37.48 34.63 -21.63
CA LEU C 272 37.97 33.72 -22.65
C LEU C 272 38.41 34.43 -23.93
N GLN C 273 37.77 35.54 -24.28
CA GLN C 273 38.09 36.25 -25.54
C GLN C 273 38.12 37.76 -25.32
N ASN C 274 38.83 38.22 -24.29
CA ASN C 274 39.12 39.64 -24.14
C ASN C 274 40.23 40.06 -25.11
N SER C 275 40.45 41.37 -25.21
CA SER C 275 41.43 41.94 -26.12
C SER C 275 42.81 42.10 -25.50
N TRP C 276 42.97 41.80 -24.21
CA TRP C 276 44.21 42.04 -23.47
C TRP C 276 44.99 40.77 -23.16
N GLN C 277 44.35 39.79 -22.54
CA GLN C 277 45.02 38.55 -22.15
C GLN C 277 43.97 37.45 -22.09
N PRO C 278 43.68 36.79 -23.21
CA PRO C 278 42.67 35.73 -23.20
C PRO C 278 43.08 34.57 -22.31
N ALA C 279 42.08 33.99 -21.64
CA ALA C 279 42.32 32.83 -20.81
C ALA C 279 42.47 31.58 -21.66
N ASP C 280 43.37 30.69 -21.27
CA ASP C 280 43.60 29.45 -21.99
C ASP C 280 42.48 28.47 -21.67
N ILE C 281 41.73 28.06 -22.70
CA ILE C 281 40.61 27.15 -22.48
C ILE C 281 41.10 25.79 -21.97
N SER C 282 42.29 25.38 -22.40
CA SER C 282 42.85 24.09 -22.02
C SER C 282 43.64 24.16 -20.71
N ALA C 283 43.56 25.27 -19.98
CA ALA C 283 44.29 25.41 -18.72
C ALA C 283 43.86 24.34 -17.73
N ARG C 284 44.84 23.80 -17.01
CA ARG C 284 44.63 22.73 -16.05
C ARG C 284 45.12 23.17 -14.68
N ASP C 285 44.31 22.91 -13.66
CA ASP C 285 44.62 23.33 -12.30
C ASP C 285 45.60 22.32 -11.67
N SER C 286 45.77 22.40 -10.35
CA SER C 286 46.72 21.54 -9.67
C SER C 286 46.37 20.07 -9.80
N VAL C 287 45.08 19.75 -9.90
CA VAL C 287 44.62 18.37 -10.04
C VAL C 287 44.39 17.99 -11.51
N GLY C 288 44.81 18.83 -12.45
CA GLY C 288 44.64 18.55 -13.85
C GLY C 288 43.29 18.91 -14.42
N ASN C 289 42.36 19.39 -13.60
CA ASN C 289 41.00 19.66 -14.05
C ASN C 289 40.96 20.90 -14.94
N THR C 290 40.24 20.80 -16.05
CA THR C 290 39.94 21.93 -16.92
C THR C 290 38.64 22.58 -16.46
N VAL C 291 38.15 23.55 -17.25
CA VAL C 291 36.89 24.21 -16.91
C VAL C 291 35.74 23.22 -16.92
N LEU C 292 35.75 22.28 -17.87
CA LEU C 292 34.67 21.31 -17.98
C LEU C 292 34.70 20.34 -16.80
N HIS C 293 35.89 19.93 -16.36
CA HIS C 293 36.00 19.13 -15.14
C HIS C 293 35.45 19.87 -13.94
N ALA C 294 35.73 21.18 -13.84
CA ALA C 294 35.18 21.99 -12.76
C ALA C 294 33.67 22.04 -12.84
N LEU C 295 33.11 22.17 -14.05
CA LEU C 295 31.66 22.17 -14.19
C LEU C 295 31.05 20.84 -13.75
N VAL C 296 31.70 19.74 -14.11
CA VAL C 296 31.22 18.43 -13.69
C VAL C 296 31.27 18.32 -12.16
N GLU C 297 32.36 18.80 -11.56
CA GLU C 297 32.56 18.64 -10.13
C GLU C 297 31.51 19.38 -9.31
N VAL C 298 31.08 20.57 -9.77
CA VAL C 298 30.11 21.36 -9.01
C VAL C 298 28.68 20.88 -9.19
N ALA C 299 28.44 19.90 -10.05
CA ALA C 299 27.09 19.37 -10.21
C ALA C 299 26.70 18.53 -9.00
N ASP C 300 25.41 18.60 -8.64
CA ASP C 300 24.86 17.79 -7.56
C ASP C 300 23.52 17.15 -7.95
N ASN C 301 23.18 17.12 -9.24
CA ASN C 301 22.03 16.41 -9.78
C ASN C 301 20.69 17.01 -9.36
N THR C 302 20.68 18.21 -8.77
CA THR C 302 19.44 18.92 -8.54
C THR C 302 18.99 19.61 -9.84
N VAL C 303 17.70 19.97 -9.88
CA VAL C 303 17.12 20.47 -11.11
C VAL C 303 17.77 21.78 -11.53
N ASP C 304 17.84 22.75 -10.61
CA ASP C 304 18.36 24.06 -10.97
C ASP C 304 19.86 24.01 -11.24
N ASN C 305 20.60 23.30 -10.39
CA ASN C 305 22.05 23.19 -10.61
C ASN C 305 22.36 22.41 -11.88
N THR C 306 21.57 21.37 -12.17
CA THR C 306 21.76 20.64 -13.40
C THR C 306 21.50 21.53 -14.62
N LYS C 307 20.43 22.33 -14.58
CA LYS C 307 20.15 23.23 -15.70
C LYS C 307 21.29 24.23 -15.89
N PHE C 308 21.78 24.80 -14.79
CA PHE C 308 22.88 25.76 -14.89
C PHE C 308 24.13 25.11 -15.45
N VAL C 309 24.49 23.94 -14.93
CA VAL C 309 25.71 23.26 -15.39
C VAL C 309 25.58 22.89 -16.86
N THR C 310 24.41 22.42 -17.27
CA THR C 310 24.19 22.07 -18.67
C THR C 310 24.36 23.27 -19.58
N SER C 311 23.71 24.39 -19.25
CA SER C 311 23.79 25.56 -20.10
C SER C 311 25.23 26.08 -20.18
N MET C 312 25.90 26.18 -19.05
CA MET C 312 27.27 26.70 -19.04
C MET C 312 28.21 25.77 -19.79
N TYR C 313 28.05 24.46 -19.61
CA TYR C 313 28.88 23.49 -20.32
C TYR C 313 28.71 23.62 -21.83
N ASN C 314 27.46 23.70 -22.29
CA ASN C 314 27.21 23.81 -23.72
C ASN C 314 27.82 25.10 -24.28
N GLU C 315 27.60 26.22 -23.59
CA GLU C 315 28.13 27.48 -24.10
C GLU C 315 29.66 27.49 -24.12
N ILE C 316 30.29 27.00 -23.06
CA ILE C 316 31.75 27.00 -23.01
C ILE C 316 32.32 26.09 -24.08
N LEU C 317 31.73 24.90 -24.27
CA LEU C 317 32.25 23.99 -25.28
C LEU C 317 32.12 24.59 -26.67
N ILE C 318 30.98 25.21 -26.98
CA ILE C 318 30.80 25.79 -28.30
C ILE C 318 31.77 26.94 -28.53
N LEU C 319 31.93 27.82 -27.54
CA LEU C 319 32.82 28.94 -27.71
C LEU C 319 34.28 28.48 -27.82
N GLY C 320 34.67 27.49 -27.03
CA GLY C 320 36.02 26.95 -27.14
C GLY C 320 36.28 26.32 -28.49
N ALA C 321 35.27 25.63 -29.04
CA ALA C 321 35.41 25.08 -30.38
C ALA C 321 35.57 26.18 -31.42
N LYS C 322 34.81 27.27 -31.27
CA LYS C 322 34.95 28.38 -32.20
C LYS C 322 36.33 29.01 -32.12
N LEU C 323 36.84 29.20 -30.91
CA LEU C 323 38.14 29.86 -30.74
C LEU C 323 39.31 28.94 -31.10
N HIS C 324 39.17 27.64 -30.84
CA HIS C 324 40.20 26.65 -31.15
C HIS C 324 39.54 25.46 -31.85
N PRO C 325 39.22 25.59 -33.15
CA PRO C 325 38.59 24.46 -33.85
C PRO C 325 39.44 23.20 -33.89
N THR C 326 40.76 23.32 -33.78
CA THR C 326 41.66 22.16 -33.79
C THR C 326 41.80 21.49 -32.43
N LEU C 327 41.27 22.07 -31.36
CA LEU C 327 41.42 21.54 -30.02
C LEU C 327 40.27 20.60 -29.69
N LYS C 328 40.61 19.38 -29.27
CA LYS C 328 39.63 18.43 -28.74
C LYS C 328 39.56 18.61 -27.23
N LEU C 329 38.72 19.55 -26.81
CA LEU C 329 38.72 20.00 -25.43
C LEU C 329 38.30 18.91 -24.47
N GLU C 330 37.31 18.09 -24.85
CA GLU C 330 36.79 17.06 -23.96
C GLU C 330 37.72 15.87 -23.83
N GLU C 331 38.69 15.71 -24.73
CA GLU C 331 39.64 14.61 -24.63
C GLU C 331 40.71 14.82 -23.56
N ILE C 332 40.82 16.02 -23.00
CA ILE C 332 41.86 16.29 -22.01
C ILE C 332 41.48 15.59 -20.70
N THR C 333 42.42 14.81 -20.17
CA THR C 333 42.24 14.14 -18.89
C THR C 333 42.82 14.97 -17.75
N ASN C 334 42.29 14.75 -16.56
CA ASN C 334 42.81 15.38 -15.35
C ASN C 334 43.94 14.51 -14.81
N ARG C 335 44.41 14.82 -13.59
CA ARG C 335 45.52 14.06 -13.01
C ARG C 335 45.15 12.60 -12.79
N LYS C 336 43.87 12.30 -12.59
CA LYS C 336 43.43 10.93 -12.40
C LYS C 336 43.23 10.17 -13.71
N GLY C 337 43.41 10.81 -14.85
CA GLY C 337 43.19 10.16 -16.13
C GLY C 337 41.76 10.15 -16.59
N LEU C 338 40.90 11.00 -16.02
CA LEU C 338 39.48 11.03 -16.35
C LEU C 338 39.17 12.23 -17.23
N THR C 339 38.45 12.00 -18.31
CA THR C 339 37.86 13.07 -19.10
C THR C 339 36.62 13.57 -18.37
N PRO C 340 36.07 14.72 -18.79
CA PRO C 340 34.85 15.22 -18.14
C PRO C 340 33.69 14.23 -18.16
N LEU C 341 33.56 13.46 -19.24
CA LEU C 341 32.53 12.43 -19.28
C LEU C 341 32.85 11.29 -18.31
N ALA C 342 34.11 10.85 -18.30
CA ALA C 342 34.52 9.82 -17.34
C ALA C 342 34.38 10.32 -15.91
N LEU C 343 34.66 11.60 -15.67
CA LEU C 343 34.48 12.16 -14.34
C LEU C 343 33.02 12.21 -13.95
N ALA C 344 32.14 12.62 -14.88
CA ALA C 344 30.72 12.63 -14.61
C ALA C 344 30.20 11.25 -14.27
N ALA C 345 30.66 10.24 -15.02
CA ALA C 345 30.26 8.86 -14.71
C ALA C 345 30.83 8.40 -13.38
N SER C 346 32.10 8.73 -13.11
CA SER C 346 32.76 8.23 -11.90
C SER C 346 32.13 8.81 -10.64
N SER C 347 31.79 10.09 -10.65
CA SER C 347 31.29 10.79 -9.48
C SER C 347 29.77 10.72 -9.35
N GLY C 348 29.09 10.02 -10.24
CA GLY C 348 27.64 9.91 -10.14
C GLY C 348 26.90 11.15 -10.56
N LYS C 349 27.50 12.00 -11.39
CA LYS C 349 26.83 13.21 -11.87
C LYS C 349 25.92 12.84 -13.03
N ILE C 350 24.78 12.25 -12.66
CA ILE C 350 23.88 11.67 -13.66
C ILE C 350 23.29 12.75 -14.56
N GLY C 351 23.05 13.95 -14.03
CA GLY C 351 22.48 15.01 -14.84
C GLY C 351 23.37 15.44 -15.98
N VAL C 352 24.61 15.82 -15.65
CA VAL C 352 25.54 16.26 -16.70
C VAL C 352 25.92 15.09 -17.60
N LEU C 353 25.98 13.88 -17.04
CA LEU C 353 26.22 12.69 -17.85
C LEU C 353 25.14 12.51 -18.90
N ALA C 354 23.88 12.58 -18.46
CA ALA C 354 22.75 12.42 -19.39
C ALA C 354 22.74 13.53 -20.42
N TYR C 355 23.09 14.76 -20.02
CA TYR C 355 23.22 15.83 -20.99
C TYR C 355 24.27 15.51 -22.04
N ILE C 356 25.47 15.13 -21.59
CA ILE C 356 26.59 14.93 -22.52
C ILE C 356 26.26 13.81 -23.51
N LEU C 357 25.76 12.68 -22.99
CA LEU C 357 25.52 11.54 -23.86
C LEU C 357 24.42 11.83 -24.87
N GLN C 358 23.42 12.64 -24.51
CA GLN C 358 22.30 12.98 -25.37
C GLN C 358 22.46 14.37 -25.98
N ARG C 359 23.68 14.89 -26.06
CA ARG C 359 23.89 16.25 -26.54
C ARG C 359 23.64 16.34 -28.03
N GLU C 360 22.83 17.31 -28.43
CA GLU C 360 22.48 17.53 -29.84
C GLU C 360 22.50 19.02 -30.14
N ILE C 361 23.12 19.38 -31.26
CA ILE C 361 23.23 20.76 -31.72
C ILE C 361 22.77 20.81 -33.17
N HIS C 362 22.07 21.89 -33.53
CA HIS C 362 21.41 21.99 -34.82
C HIS C 362 21.86 23.22 -35.60
N GLU C 363 23.17 23.42 -35.71
CA GLU C 363 23.73 24.46 -36.56
C GLU C 363 25.03 23.95 -37.17
N PRO C 364 25.41 24.42 -38.35
CA PRO C 364 26.71 24.04 -38.90
C PRO C 364 27.85 24.69 -38.12
N GLU C 365 29.02 24.06 -38.20
CA GLU C 365 30.25 24.43 -37.51
C GLU C 365 30.19 24.21 -36.01
N CYS C 366 29.09 23.66 -35.47
CA CYS C 366 29.00 23.28 -34.07
C CYS C 366 28.37 21.91 -33.87
N ARG C 367 27.64 21.37 -34.86
CA ARG C 367 27.04 20.05 -34.71
C ARG C 367 28.07 18.94 -34.60
N HIS C 368 29.31 19.18 -35.00
CA HIS C 368 30.35 18.18 -34.80
C HIS C 368 30.60 17.90 -33.33
N LEU C 369 30.31 18.87 -32.46
CA LEU C 369 30.46 18.67 -31.02
C LEU C 369 29.41 17.74 -30.44
N SER C 370 28.28 17.56 -31.12
CA SER C 370 27.20 16.75 -30.60
C SER C 370 27.58 15.28 -30.61
N ARG C 371 26.89 14.51 -29.77
CA ARG C 371 26.97 13.05 -29.73
C ARG C 371 25.69 12.39 -30.22
N LYS C 372 24.54 12.98 -29.92
CA LYS C 372 23.27 12.55 -30.49
C LYS C 372 23.04 13.30 -31.79
N PHE C 373 22.82 12.57 -32.87
CA PHE C 373 22.60 13.14 -34.19
C PHE C 373 21.38 12.49 -34.83
N THR C 374 20.54 13.31 -35.47
CA THR C 374 19.35 12.82 -36.16
C THR C 374 19.75 12.42 -37.57
N GLU C 375 19.81 11.12 -37.83
CA GLU C 375 20.28 10.64 -39.12
C GLU C 375 19.30 10.99 -40.22
N TRP C 376 18.01 10.74 -39.99
CA TRP C 376 16.99 11.10 -40.96
C TRP C 376 15.67 11.30 -40.25
N ALA C 377 14.79 12.03 -40.93
CA ALA C 377 13.42 12.19 -40.51
C ALA C 377 12.52 11.98 -41.72
N TYR C 378 11.62 11.01 -41.63
CA TYR C 378 10.60 10.78 -42.68
C TYR C 378 9.36 11.52 -42.11
N GLY C 379 8.21 10.86 -41.95
CA GLY C 379 7.09 11.49 -41.30
C GLY C 379 7.14 11.10 -39.83
N PRO C 380 6.24 10.24 -39.34
CA PRO C 380 6.33 9.88 -37.91
C PRO C 380 7.66 9.26 -37.50
N VAL C 381 8.39 8.63 -38.42
CA VAL C 381 9.60 7.88 -38.08
C VAL C 381 10.80 8.82 -38.10
N HIS C 382 11.60 8.77 -37.04
CA HIS C 382 12.89 9.45 -36.96
C HIS C 382 13.97 8.44 -36.60
N SER C 383 15.20 8.70 -37.06
CA SER C 383 16.33 7.84 -36.74
C SER C 383 17.45 8.70 -36.16
N SER C 384 17.93 8.32 -34.98
CA SER C 384 18.99 9.01 -34.28
C SER C 384 20.22 8.13 -34.21
N LEU C 385 21.39 8.75 -34.29
CA LEU C 385 22.67 8.08 -34.11
C LEU C 385 23.33 8.65 -32.86
N TYR C 386 23.61 7.78 -31.89
CA TYR C 386 24.32 8.16 -30.68
C TYR C 386 25.79 7.82 -30.86
N ASP C 387 26.63 8.84 -30.80
CA ASP C 387 28.07 8.62 -30.76
C ASP C 387 28.42 7.99 -29.42
N LEU C 388 29.10 6.85 -29.46
CA LEU C 388 29.43 6.10 -28.26
C LEU C 388 30.91 5.79 -28.20
N SER C 389 31.75 6.71 -28.68
CA SER C 389 33.17 6.60 -28.42
C SER C 389 33.42 6.70 -26.93
N CYS C 390 34.28 5.81 -26.42
CA CYS C 390 34.66 5.77 -25.01
C CYS C 390 33.49 5.39 -24.10
N ILE C 391 32.46 4.74 -24.62
CA ILE C 391 31.36 4.24 -23.81
C ILE C 391 31.58 2.78 -23.44
N ASP C 392 31.99 1.96 -24.41
CA ASP C 392 32.40 0.57 -24.16
C ASP C 392 33.86 0.33 -24.43
N THR C 393 34.44 0.97 -25.45
CA THR C 393 35.86 0.91 -25.74
C THR C 393 36.44 2.32 -25.65
N CYS C 394 37.40 2.51 -24.76
CA CYS C 394 38.09 3.78 -24.57
C CYS C 394 39.60 3.67 -24.57
N GLU C 395 40.16 2.50 -24.24
CA GLU C 395 41.59 2.21 -24.14
C GLU C 395 42.24 2.78 -22.89
N LYS C 396 41.51 3.60 -22.11
CA LYS C 396 41.92 3.96 -20.76
C LYS C 396 40.87 3.57 -19.74
N ASN C 397 39.63 4.06 -19.89
CA ASN C 397 38.52 3.66 -19.04
C ASN C 397 37.22 4.15 -19.68
N SER C 398 36.28 3.23 -19.90
CA SER C 398 35.04 3.55 -20.59
C SER C 398 33.95 3.94 -19.61
N VAL C 399 32.90 4.57 -20.13
CA VAL C 399 31.79 5.01 -19.29
C VAL C 399 31.10 3.82 -18.63
N LEU C 400 30.87 2.74 -19.40
CA LEU C 400 30.26 1.56 -18.83
C LEU C 400 31.16 0.93 -17.78
N GLU C 401 32.47 0.87 -18.04
CA GLU C 401 33.39 0.35 -17.04
C GLU C 401 33.39 1.20 -15.79
N VAL C 402 33.33 2.52 -15.95
CA VAL C 402 33.34 3.41 -14.80
C VAL C 402 32.07 3.25 -13.97
N ILE C 403 30.91 3.16 -14.64
CA ILE C 403 29.65 3.04 -13.92
C ILE C 403 29.55 1.69 -13.22
N ALA C 404 29.82 0.62 -13.97
CA ALA C 404 29.62 -0.73 -13.43
C ALA C 404 30.60 -1.02 -12.30
N TYR C 405 31.86 -0.63 -12.46
CA TYR C 405 32.90 -0.91 -11.48
C TYR C 405 33.08 0.24 -10.50
N SER C 406 32.06 1.06 -10.28
CA SER C 406 32.13 2.12 -9.29
C SER C 406 32.34 1.52 -7.91
N SER C 407 32.80 2.36 -6.98
CA SER C 407 33.22 1.92 -5.66
C SER C 407 32.06 1.71 -4.69
N SER C 408 30.80 1.73 -5.15
CA SER C 408 29.58 1.50 -4.40
C SER C 408 29.19 2.70 -3.53
N GLU C 409 30.02 3.74 -3.43
CA GLU C 409 29.65 4.99 -2.79
C GLU C 409 29.16 6.05 -3.78
N THR C 410 29.22 5.76 -5.08
CA THR C 410 28.75 6.71 -6.07
C THR C 410 27.25 6.94 -5.91
N PRO C 411 26.76 8.19 -5.89
CA PRO C 411 25.33 8.41 -5.60
C PRO C 411 24.35 7.69 -6.52
N ASN C 412 24.58 7.71 -7.83
CA ASN C 412 23.61 7.26 -8.82
C ASN C 412 24.12 6.09 -9.66
N ARG C 413 24.93 5.21 -9.06
CA ARG C 413 25.47 4.07 -9.81
C ARG C 413 24.38 3.17 -10.37
N HIS C 414 23.25 3.04 -9.65
CA HIS C 414 22.14 2.25 -10.15
C HIS C 414 21.36 2.96 -11.25
N ASP C 415 21.32 4.29 -11.21
CA ASP C 415 20.47 5.07 -12.12
C ASP C 415 21.18 5.53 -13.38
N MET C 416 22.52 5.58 -13.37
CA MET C 416 23.23 6.12 -14.53
C MET C 416 23.04 5.26 -15.77
N LEU C 417 22.81 3.95 -15.61
CA LEU C 417 22.58 3.08 -16.75
C LEU C 417 21.19 3.24 -17.35
N LEU C 418 20.29 3.99 -16.72
CA LEU C 418 18.99 4.27 -17.32
C LEU C 418 19.06 5.37 -18.38
N VAL C 419 20.22 6.00 -18.56
CA VAL C 419 20.39 6.96 -19.65
C VAL C 419 20.27 6.21 -20.98
N GLU C 420 19.42 6.74 -21.88
CA GLU C 420 18.91 6.07 -23.07
C GLU C 420 19.97 5.31 -23.87
N PRO C 421 21.05 5.95 -24.34
CA PRO C 421 22.04 5.19 -25.11
C PRO C 421 22.69 4.06 -24.34
N LEU C 422 22.95 4.22 -23.04
CA LEU C 422 23.60 3.15 -22.30
C LEU C 422 22.68 1.94 -22.13
N ASN C 423 21.43 2.18 -21.80
CA ASN C 423 20.47 1.09 -21.65
C ASN C 423 20.28 0.35 -22.98
N ARG C 424 20.11 1.10 -24.07
CA ARG C 424 19.92 0.45 -25.36
C ARG C 424 21.17 -0.28 -25.81
N LEU C 425 22.35 0.29 -25.54
CA LEU C 425 23.60 -0.37 -25.90
C LEU C 425 23.77 -1.67 -25.12
N LEU C 426 23.48 -1.66 -23.82
CA LEU C 426 23.62 -2.87 -23.04
C LEU C 426 22.63 -3.94 -23.47
N GLN C 427 21.40 -3.54 -23.78
CA GLN C 427 20.43 -4.51 -24.29
C GLN C 427 20.89 -5.08 -25.63
N ASP C 428 21.47 -4.24 -26.49
CA ASP C 428 21.98 -4.71 -27.77
C ASP C 428 23.11 -5.71 -27.56
N LYS C 429 24.03 -5.41 -26.65
CA LYS C 429 25.11 -6.33 -26.37
C LYS C 429 24.59 -7.65 -25.80
N TRP C 430 23.59 -7.58 -24.94
CA TRP C 430 23.00 -8.80 -24.40
C TRP C 430 22.39 -9.66 -25.48
N ASP C 431 21.50 -9.08 -26.29
CA ASP C 431 20.83 -9.85 -27.33
C ASP C 431 21.79 -10.33 -28.40
N ARG C 432 22.90 -9.62 -28.62
CA ARG C 432 23.78 -9.96 -29.73
C ARG C 432 24.57 -11.23 -29.45
N PHE C 433 25.45 -11.18 -28.44
CA PHE C 433 26.35 -12.30 -28.15
C PHE C 433 26.43 -12.69 -26.68
N VAL C 434 26.11 -11.82 -25.72
CA VAL C 434 26.35 -12.16 -24.33
C VAL C 434 25.27 -13.10 -23.79
N LYS C 435 24.05 -13.02 -24.31
CA LYS C 435 22.98 -13.90 -23.85
C LYS C 435 23.35 -15.37 -24.03
N ARG C 436 23.85 -15.73 -25.20
CA ARG C 436 24.22 -17.12 -25.46
C ARG C 436 25.40 -17.56 -24.59
N ILE C 437 26.41 -16.70 -24.44
CA ILE C 437 27.57 -17.05 -23.62
C ILE C 437 27.15 -17.22 -22.17
N PHE C 438 26.28 -16.34 -21.68
CA PHE C 438 25.83 -16.43 -20.30
C PHE C 438 25.01 -17.69 -20.07
N TYR C 439 24.11 -18.02 -21.01
CA TYR C 439 23.34 -19.25 -20.85
C TYR C 439 24.23 -20.48 -20.92
N PHE C 440 25.27 -20.43 -21.76
CA PHE C 440 26.23 -21.52 -21.80
C PHE C 440 26.96 -21.67 -20.46
N ASN C 441 27.38 -20.54 -19.88
CA ASN C 441 28.03 -20.59 -18.57
C ASN C 441 27.08 -21.12 -17.50
N PHE C 442 25.82 -20.74 -17.57
CA PHE C 442 24.81 -21.26 -16.65
C PHE C 442 24.67 -22.77 -16.80
N PHE C 443 24.62 -23.25 -18.03
CA PHE C 443 24.54 -24.68 -18.30
C PHE C 443 25.77 -25.41 -17.76
N VAL C 444 26.95 -24.83 -17.98
CA VAL C 444 28.18 -25.46 -17.51
C VAL C 444 28.22 -25.51 -15.99
N TYR C 445 27.80 -24.42 -15.33
CA TYR C 445 27.74 -24.43 -13.87
C TYR C 445 26.73 -25.45 -13.36
N CYS C 446 25.60 -25.59 -14.04
CA CYS C 446 24.63 -26.61 -13.67
C CYS C 446 25.23 -28.01 -13.80
N LEU C 447 25.97 -28.27 -14.88
CA LEU C 447 26.64 -29.55 -15.02
C LEU C 447 27.67 -29.76 -13.92
N TYR C 448 28.41 -28.71 -13.59
CA TYR C 448 29.40 -28.80 -12.52
C TYR C 448 28.74 -29.15 -11.20
N MET C 449 27.62 -28.50 -10.87
CA MET C 449 26.95 -28.78 -9.61
C MET C 449 26.30 -30.15 -9.61
N ILE C 450 25.79 -30.61 -10.75
CA ILE C 450 25.24 -31.97 -10.80
C ILE C 450 26.34 -32.99 -10.60
N ILE C 451 27.50 -32.80 -11.23
CA ILE C 451 28.60 -33.73 -11.06
C ILE C 451 29.11 -33.69 -9.63
N PHE C 452 29.22 -32.50 -9.05
CA PHE C 452 29.64 -32.38 -7.65
C PHE C 452 28.66 -33.08 -6.73
N THR C 453 27.36 -32.89 -6.98
CA THR C 453 26.34 -33.54 -6.16
C THR C 453 26.45 -35.06 -6.27
N ALA C 454 26.63 -35.57 -7.48
CA ALA C 454 26.74 -37.01 -7.64
C ALA C 454 28.00 -37.56 -6.97
N ALA C 455 29.13 -36.87 -7.14
CA ALA C 455 30.38 -37.34 -6.54
C ALA C 455 30.32 -37.30 -5.03
N ALA C 456 29.71 -36.25 -4.46
CA ALA C 456 29.62 -36.15 -3.02
C ALA C 456 28.61 -37.13 -2.45
N TYR C 457 27.50 -37.36 -3.17
CA TYR C 457 26.48 -38.28 -2.71
C TYR C 457 27.03 -39.69 -2.57
N TYR C 458 27.80 -40.14 -3.56
CA TYR C 458 28.37 -41.48 -3.59
C TYR C 458 29.76 -41.54 -2.99
N ARG C 459 30.07 -40.67 -2.03
CA ARG C 459 31.36 -40.72 -1.38
C ARG C 459 31.50 -42.06 -0.65
N PRO C 460 32.69 -42.66 -0.62
CA PRO C 460 32.86 -43.87 0.17
C PRO C 460 32.75 -43.59 1.65
N VAL C 461 32.30 -44.59 2.40
CA VAL C 461 32.01 -44.46 3.83
C VAL C 461 33.03 -45.19 4.69
N GLU C 462 34.10 -45.72 4.10
CA GLU C 462 35.18 -46.29 4.88
C GLU C 462 35.92 -45.16 5.61
N GLY C 463 36.85 -45.54 6.46
CA GLY C 463 37.55 -44.56 7.27
C GLY C 463 38.82 -44.04 6.62
N LEU C 464 39.28 -42.90 7.16
CA LEU C 464 40.62 -42.38 6.88
C LEU C 464 40.91 -42.21 5.40
N PRO C 465 40.42 -41.17 4.73
CA PRO C 465 40.84 -40.89 3.35
C PRO C 465 42.35 -40.72 3.27
N PRO C 466 42.92 -40.72 2.05
CA PRO C 466 42.30 -40.92 0.74
C PRO C 466 41.88 -42.37 0.52
N TYR C 467 40.88 -42.57 -0.32
CA TYR C 467 40.31 -43.90 -0.55
C TYR C 467 40.92 -44.50 -1.81
N LYS C 468 41.48 -45.71 -1.68
CA LYS C 468 42.08 -46.38 -2.81
C LYS C 468 41.04 -46.60 -3.90
N LEU C 469 41.41 -46.26 -5.13
CA LEU C 469 40.49 -46.43 -6.25
C LEU C 469 40.30 -47.91 -6.53
N LYS C 470 39.06 -48.35 -6.59
CA LYS C 470 38.73 -49.72 -6.95
C LYS C 470 38.62 -49.85 -8.47
N ASN C 471 38.94 -51.02 -8.98
CA ASN C 471 38.91 -51.29 -10.42
C ASN C 471 37.48 -51.66 -10.82
N THR C 472 36.59 -50.68 -10.73
CA THR C 472 35.20 -50.86 -11.08
C THR C 472 34.65 -49.57 -11.67
N VAL C 473 33.62 -49.72 -12.51
CA VAL C 473 33.13 -48.60 -13.31
C VAL C 473 32.60 -47.48 -12.45
N GLY C 474 31.82 -47.82 -11.42
CA GLY C 474 31.25 -46.79 -10.56
C GLY C 474 32.30 -45.93 -9.89
N ASP C 475 33.40 -46.55 -9.47
CA ASP C 475 34.45 -45.79 -8.81
C ASP C 475 35.25 -44.95 -9.81
N TYR C 476 35.40 -45.41 -11.05
CA TYR C 476 36.01 -44.55 -12.06
C TYR C 476 35.15 -43.32 -12.32
N PHE C 477 33.83 -43.50 -12.43
CA PHE C 477 32.95 -42.33 -12.58
C PHE C 477 33.03 -41.44 -11.35
N ARG C 478 33.08 -42.03 -10.16
CA ARG C 478 33.15 -41.25 -8.94
C ARG C 478 34.41 -40.40 -8.88
N VAL C 479 35.57 -41.01 -9.17
CA VAL C 479 36.83 -40.27 -9.08
C VAL C 479 36.89 -39.22 -10.18
N THR C 480 36.35 -39.50 -11.36
CA THR C 480 36.25 -38.47 -12.39
C THR C 480 35.41 -37.30 -11.92
N GLY C 481 34.27 -37.58 -11.28
CA GLY C 481 33.44 -36.51 -10.76
C GLY C 481 34.14 -35.70 -9.69
N GLU C 482 34.89 -36.38 -8.81
CA GLU C 482 35.63 -35.68 -7.78
C GLU C 482 36.71 -34.78 -8.38
N ILE C 483 37.41 -35.28 -9.40
CA ILE C 483 38.43 -34.48 -10.06
C ILE C 483 37.81 -33.25 -10.71
N LEU C 484 36.68 -33.43 -11.38
CA LEU C 484 36.00 -32.30 -12.00
C LEU C 484 35.53 -31.30 -10.95
N SER C 485 35.05 -31.80 -9.80
CA SER C 485 34.60 -30.92 -8.74
C SER C 485 35.75 -30.07 -8.20
N VAL C 486 36.89 -30.71 -7.94
CA VAL C 486 38.04 -29.97 -7.45
C VAL C 486 38.56 -29.00 -8.52
N SER C 487 38.50 -29.41 -9.80
CA SER C 487 38.91 -28.52 -10.88
C SER C 487 38.05 -27.28 -10.92
N GLY C 488 36.73 -27.43 -10.80
CA GLY C 488 35.86 -26.28 -10.78
C GLY C 488 36.09 -25.41 -9.55
N GLY C 489 36.38 -26.04 -8.42
CA GLY C 489 36.73 -25.27 -7.23
C GLY C 489 37.98 -24.42 -7.43
N VAL C 490 39.01 -25.01 -8.04
CA VAL C 490 40.23 -24.26 -8.34
C VAL C 490 39.93 -23.14 -9.31
N TYR C 491 39.09 -23.40 -10.31
CA TYR C 491 38.71 -22.37 -11.26
C TYR C 491 38.07 -21.18 -10.57
N PHE C 492 37.09 -21.43 -9.71
CA PHE C 492 36.43 -20.32 -9.02
C PHE C 492 37.36 -19.64 -8.02
N PHE C 493 38.28 -20.40 -7.42
CA PHE C 493 39.27 -19.81 -6.53
C PHE C 493 40.14 -18.78 -7.27
N PHE C 494 40.70 -19.20 -8.41
CA PHE C 494 41.53 -18.27 -9.16
C PHE C 494 40.71 -17.15 -9.80
N ARG C 495 39.45 -17.41 -10.14
CA ARG C 495 38.59 -16.34 -10.62
C ARG C 495 38.36 -15.29 -9.55
N GLY C 496 38.16 -15.72 -8.30
CA GLY C 496 38.02 -14.76 -7.21
C GLY C 496 39.28 -13.97 -6.98
N ILE C 497 40.44 -14.63 -7.06
CA ILE C 497 41.70 -13.89 -6.93
C ILE C 497 41.85 -12.88 -8.06
N GLN C 498 41.50 -13.28 -9.28
CA GLN C 498 41.58 -12.36 -10.41
C GLN C 498 40.66 -11.16 -10.21
N TYR C 499 39.45 -11.39 -9.71
CA TYR C 499 38.54 -10.29 -9.42
C TYR C 499 39.15 -9.34 -8.40
N PHE C 500 39.68 -9.89 -7.31
CA PHE C 500 40.26 -9.06 -6.25
C PHE C 500 41.42 -8.23 -6.78
N LEU C 501 42.30 -8.84 -7.58
CA LEU C 501 43.46 -8.12 -8.08
C LEU C 501 43.08 -7.09 -9.13
N GLN C 502 42.18 -7.44 -10.05
CA GLN C 502 41.83 -6.51 -11.12
C GLN C 502 41.02 -5.34 -10.61
N ARG C 503 40.20 -5.55 -9.58
CA ARG C 503 39.36 -4.48 -9.06
C ARG C 503 39.98 -3.74 -7.89
N ARG C 504 40.85 -4.39 -7.13
CA ARG C 504 41.39 -3.84 -5.88
C ARG C 504 40.27 -3.31 -4.99
N PRO C 505 39.39 -4.17 -4.46
CA PRO C 505 38.35 -3.68 -3.55
C PRO C 505 38.94 -2.99 -2.33
N SER C 506 38.22 -2.01 -1.83
CA SER C 506 38.70 -1.13 -0.78
C SER C 506 38.55 -1.72 0.63
N LEU C 507 38.14 -2.98 0.74
CA LEU C 507 37.88 -3.71 1.98
C LEU C 507 36.60 -3.25 2.68
N LYS C 508 35.91 -2.25 2.15
CA LYS C 508 34.53 -1.92 2.51
C LYS C 508 33.57 -2.23 1.37
N SER C 509 34.04 -2.09 0.12
CA SER C 509 33.25 -2.51 -1.04
C SER C 509 33.01 -4.01 -1.07
N LEU C 510 33.78 -4.80 -0.30
CA LEU C 510 33.53 -6.23 -0.21
C LEU C 510 32.24 -6.52 0.56
N PHE C 511 31.88 -5.68 1.52
CA PHE C 511 30.78 -5.95 2.44
C PHE C 511 29.56 -5.10 2.19
N VAL C 512 29.62 -4.15 1.25
CA VAL C 512 28.44 -3.49 0.69
C VAL C 512 28.21 -3.84 -0.76
N ASP C 513 29.12 -4.61 -1.38
CA ASP C 513 29.04 -4.91 -2.79
C ASP C 513 29.81 -6.20 -3.05
N SER C 514 29.74 -6.71 -4.28
CA SER C 514 30.50 -7.88 -4.70
C SER C 514 30.16 -9.11 -3.86
N TYR C 515 28.87 -9.28 -3.54
CA TYR C 515 28.45 -10.44 -2.75
C TYR C 515 28.65 -11.73 -3.52
N SER C 516 28.31 -11.75 -4.80
CA SER C 516 28.40 -12.98 -5.57
C SER C 516 29.84 -13.46 -5.72
N GLU C 517 30.78 -12.54 -5.93
CA GLU C 517 32.18 -12.94 -6.03
C GLU C 517 32.67 -13.53 -4.73
N ILE C 518 32.28 -12.93 -3.60
CA ILE C 518 32.67 -13.47 -2.30
C ILE C 518 32.05 -14.85 -2.08
N LEU C 519 30.78 -15.02 -2.46
CA LEU C 519 30.13 -16.31 -2.24
C LEU C 519 30.76 -17.41 -3.08
N PHE C 520 31.05 -17.12 -4.36
CA PHE C 520 31.72 -18.12 -5.19
C PHE C 520 33.13 -18.41 -4.67
N PHE C 521 33.82 -17.37 -4.20
CA PHE C 521 35.15 -17.57 -3.66
C PHE C 521 35.11 -18.41 -2.40
N VAL C 522 34.14 -18.18 -1.52
CA VAL C 522 34.03 -18.95 -0.29
C VAL C 522 33.66 -20.40 -0.59
N GLN C 523 32.80 -20.60 -1.60
CA GLN C 523 32.52 -21.96 -2.05
C GLN C 523 33.80 -22.67 -2.46
N SER C 524 34.62 -21.99 -3.27
CA SER C 524 35.88 -22.61 -3.68
C SER C 524 36.83 -22.81 -2.51
N LEU C 525 36.80 -21.90 -1.53
CA LEU C 525 37.63 -22.09 -0.34
C LEU C 525 37.21 -23.34 0.42
N PHE C 526 35.90 -23.55 0.57
CA PHE C 526 35.43 -24.78 1.21
C PHE C 526 35.86 -26.00 0.42
N MET C 527 35.81 -25.93 -0.91
CA MET C 527 36.26 -27.05 -1.74
C MET C 527 37.74 -27.35 -1.51
N LEU C 528 38.56 -26.30 -1.46
CA LEU C 528 40.00 -26.52 -1.30
C LEU C 528 40.34 -27.01 0.10
N VAL C 529 39.64 -26.50 1.13
CA VAL C 529 39.82 -27.04 2.47
C VAL C 529 39.39 -28.50 2.51
N SER C 530 38.34 -28.84 1.77
CA SER C 530 37.94 -30.25 1.69
C SER C 530 39.05 -31.09 1.06
N VAL C 531 39.70 -30.58 0.02
CA VAL C 531 40.81 -31.33 -0.59
C VAL C 531 41.94 -31.51 0.42
N VAL C 532 42.29 -30.44 1.13
CA VAL C 532 43.39 -30.49 2.09
C VAL C 532 43.09 -31.50 3.19
N LEU C 533 41.88 -31.47 3.74
CA LEU C 533 41.50 -32.43 4.76
C LEU C 533 41.41 -33.85 4.20
N TYR C 534 40.99 -33.99 2.94
CA TYR C 534 40.91 -35.32 2.33
C TYR C 534 42.28 -35.97 2.25
N PHE C 535 43.28 -35.22 1.77
CA PHE C 535 44.64 -35.77 1.71
C PHE C 535 45.38 -35.65 3.03
N SER C 536 44.83 -34.96 4.03
CA SER C 536 45.38 -34.96 5.37
C SER C 536 44.86 -36.12 6.23
N GLN C 537 44.06 -37.02 5.67
CA GLN C 537 43.53 -38.17 6.40
C GLN C 537 42.62 -37.74 7.55
N ARG C 538 41.70 -36.85 7.24
CA ARG C 538 40.71 -36.36 8.19
C ARG C 538 39.33 -36.48 7.55
N LYS C 539 38.40 -37.10 8.29
CA LYS C 539 37.01 -37.24 7.77
C LYS C 539 36.31 -35.89 7.78
N GLU C 540 36.86 -34.89 8.50
CA GLU C 540 36.25 -33.56 8.51
C GLU C 540 36.21 -32.91 7.14
N TYR C 541 36.90 -33.47 6.14
CA TYR C 541 36.71 -32.99 4.78
C TYR C 541 35.25 -32.99 4.38
N VAL C 542 34.49 -34.00 4.84
CA VAL C 542 33.06 -34.03 4.53
C VAL C 542 32.38 -32.78 5.03
N ALA C 543 32.75 -32.33 6.23
CA ALA C 543 32.19 -31.12 6.80
C ALA C 543 32.40 -29.94 5.86
N SER C 544 33.60 -29.82 5.28
CA SER C 544 33.82 -28.75 4.32
C SER C 544 33.00 -29.00 3.06
N MET C 545 33.01 -30.23 2.56
CA MET C 545 32.48 -30.51 1.23
C MET C 545 31.00 -30.17 1.16
N VAL C 546 30.22 -30.61 2.15
CA VAL C 546 28.79 -30.35 2.15
C VAL C 546 28.54 -28.86 2.18
N PHE C 547 29.32 -28.10 2.95
CA PHE C 547 29.14 -26.65 2.96
C PHE C 547 29.33 -26.09 1.56
N SER C 548 30.42 -26.50 0.90
CA SER C 548 30.63 -26.08 -0.48
C SER C 548 29.45 -26.49 -1.34
N LEU C 549 29.00 -27.74 -1.17
CA LEU C 549 27.88 -28.23 -1.94
C LEU C 549 26.66 -27.37 -1.70
N ALA C 550 26.35 -27.10 -0.43
CA ALA C 550 25.19 -26.27 -0.14
C ALA C 550 25.36 -24.89 -0.76
N MET C 551 26.55 -24.31 -0.58
CA MET C 551 26.76 -22.97 -1.11
C MET C 551 26.68 -22.98 -2.62
N GLY C 552 27.19 -24.05 -3.23
CA GLY C 552 27.16 -24.13 -4.68
C GLY C 552 25.75 -24.04 -5.19
N TRP C 553 24.83 -24.76 -4.57
CA TRP C 553 23.46 -24.73 -5.07
C TRP C 553 22.83 -23.37 -4.84
N THR C 554 23.11 -22.75 -3.69
CA THR C 554 22.59 -21.41 -3.49
C THR C 554 23.22 -20.43 -4.46
N ASN C 555 24.49 -20.66 -4.82
CA ASN C 555 25.12 -19.79 -5.80
C ASN C 555 24.50 -19.96 -7.18
N MET C 556 23.72 -21.01 -7.40
CA MET C 556 22.93 -21.10 -8.63
C MET C 556 22.06 -19.87 -8.84
N LEU C 557 21.59 -19.26 -7.75
CA LEU C 557 20.76 -18.06 -7.88
C LEU C 557 21.50 -16.90 -8.53
N TYR C 558 22.84 -16.92 -8.54
CA TYR C 558 23.59 -15.93 -9.29
C TYR C 558 23.09 -15.85 -10.73
N TYR C 559 22.78 -16.99 -11.32
CA TYR C 559 22.37 -17.01 -12.72
C TYR C 559 20.92 -16.63 -12.93
N THR C 560 20.20 -16.19 -11.89
CA THR C 560 18.87 -15.65 -12.11
C THR C 560 18.91 -14.30 -12.83
N ARG C 561 20.03 -13.59 -12.76
CA ARG C 561 20.24 -12.47 -13.66
C ARG C 561 20.35 -13.01 -15.07
N GLY C 562 19.94 -12.18 -16.03
CA GLY C 562 19.73 -12.63 -17.39
C GLY C 562 18.31 -13.06 -17.67
N PHE C 563 17.52 -13.30 -16.62
CA PHE C 563 16.07 -13.44 -16.70
C PHE C 563 15.50 -12.33 -15.82
N GLN C 564 14.70 -11.45 -16.43
CA GLN C 564 14.31 -10.21 -15.76
C GLN C 564 13.54 -10.48 -14.48
N GLN C 565 12.52 -11.34 -14.55
CA GLN C 565 11.69 -11.58 -13.38
C GLN C 565 12.47 -12.31 -12.29
N MET C 566 13.19 -13.37 -12.65
CA MET C 566 13.97 -14.10 -11.66
C MET C 566 15.13 -13.27 -11.14
N GLY C 567 15.77 -12.48 -12.00
CA GLY C 567 16.87 -11.64 -11.52
C GLY C 567 16.40 -10.57 -10.56
N ILE C 568 15.29 -9.90 -10.87
CA ILE C 568 14.73 -8.91 -9.95
C ILE C 568 14.29 -9.59 -8.67
N TYR C 569 13.77 -10.82 -8.76
CA TYR C 569 13.41 -11.57 -7.56
C TYR C 569 14.62 -11.86 -6.70
N ALA C 570 15.74 -12.25 -7.31
CA ALA C 570 16.95 -12.52 -6.54
C ALA C 570 17.48 -11.24 -5.90
N VAL C 571 17.39 -10.12 -6.60
CA VAL C 571 17.77 -8.84 -6.02
C VAL C 571 16.90 -8.53 -4.80
N MET C 572 15.59 -8.79 -4.91
CA MET C 572 14.72 -8.57 -3.77
C MET C 572 15.08 -9.50 -2.62
N ILE C 573 15.48 -10.73 -2.92
CA ILE C 573 15.93 -11.64 -1.85
C ILE C 573 17.14 -11.05 -1.14
N GLU C 574 18.09 -10.54 -1.92
CA GLU C 574 19.27 -9.90 -1.34
C GLU C 574 18.88 -8.75 -0.40
N LYS C 575 17.97 -7.89 -0.88
CA LYS C 575 17.55 -6.72 -0.08
C LYS C 575 16.87 -7.21 1.20
N MET C 576 15.99 -8.21 1.10
CA MET C 576 15.31 -8.73 2.28
C MET C 576 16.33 -9.24 3.29
N ILE C 577 17.33 -9.99 2.83
CA ILE C 577 18.35 -10.52 3.73
C ILE C 577 19.08 -9.38 4.42
N LEU C 578 19.46 -8.36 3.66
CA LEU C 578 20.33 -7.34 4.24
C LEU C 578 19.58 -6.41 5.18
N ARG C 579 18.30 -6.11 4.93
CA ARG C 579 17.54 -5.23 5.80
C ARG C 579 16.67 -5.99 6.81
N ASP C 580 15.67 -6.71 6.32
CA ASP C 580 14.61 -7.19 7.19
C ASP C 580 15.08 -8.38 8.00
N LEU C 581 15.75 -9.33 7.34
CA LEU C 581 16.26 -10.48 8.06
C LEU C 581 17.35 -10.07 9.04
N CYS C 582 18.16 -9.06 8.71
CA CYS C 582 19.18 -8.60 9.63
C CYS C 582 18.56 -8.06 10.92
N ARG C 583 17.63 -7.11 10.79
CA ARG C 583 17.01 -6.52 11.98
C ARG C 583 16.25 -7.57 12.78
N PHE C 584 15.47 -8.39 12.07
CA PHE C 584 14.69 -9.43 12.74
C PHE C 584 15.61 -10.39 13.47
N MET C 585 16.70 -10.81 12.85
CA MET C 585 17.56 -11.81 13.48
C MET C 585 18.27 -11.23 14.69
N PHE C 586 18.64 -9.95 14.66
CA PHE C 586 19.22 -9.36 15.86
C PHE C 586 18.22 -9.41 17.02
N VAL C 587 17.02 -8.89 16.80
CA VAL C 587 16.05 -8.83 17.89
C VAL C 587 15.62 -10.24 18.31
N TYR C 588 15.41 -11.11 17.34
CA TYR C 588 14.99 -12.48 17.61
C TYR C 588 16.04 -13.23 18.41
N LEU C 589 17.31 -13.09 18.04
CA LEU C 589 18.35 -13.79 18.78
C LEU C 589 18.49 -13.23 20.18
N VAL C 590 18.26 -11.93 20.36
CA VAL C 590 18.25 -11.37 21.71
C VAL C 590 17.15 -12.02 22.54
N PHE C 591 15.94 -12.06 22.01
CA PHE C 591 14.82 -12.67 22.75
C PHE C 591 15.06 -14.16 23.00
N LEU C 592 15.53 -14.87 21.97
CA LEU C 592 15.75 -16.30 22.09
C LEU C 592 16.79 -16.61 23.15
N PHE C 593 17.93 -15.92 23.11
CA PHE C 593 18.97 -16.16 24.10
C PHE C 593 18.49 -15.79 25.50
N GLY C 594 17.78 -14.66 25.63
CA GLY C 594 17.31 -14.26 26.95
C GLY C 594 16.36 -15.26 27.56
N PHE C 595 15.35 -15.66 26.81
CA PHE C 595 14.38 -16.60 27.36
C PHE C 595 14.96 -18.00 27.48
N SER C 596 15.90 -18.39 26.63
CA SER C 596 16.57 -19.67 26.79
C SER C 596 17.40 -19.70 28.06
N THR C 597 18.12 -18.61 28.36
CA THR C 597 18.88 -18.55 29.60
C THR C 597 17.96 -18.59 30.80
N ALA C 598 16.84 -17.86 30.75
CA ALA C 598 15.89 -17.89 31.86
C ALA C 598 15.32 -19.29 32.06
N VAL C 599 14.96 -19.96 30.97
CA VAL C 599 14.34 -21.29 31.07
C VAL C 599 15.34 -22.31 31.56
N VAL C 600 16.56 -22.31 31.00
CA VAL C 600 17.55 -23.30 31.41
C VAL C 600 18.01 -23.04 32.84
N THR C 601 18.00 -21.79 33.29
CA THR C 601 18.21 -21.52 34.70
C THR C 601 17.09 -22.10 35.54
N LEU C 602 15.84 -21.96 35.09
CA LEU C 602 14.72 -22.52 35.83
C LEU C 602 14.78 -24.05 35.82
N ILE C 603 15.18 -24.64 34.70
CA ILE C 603 15.25 -26.10 34.62
C ILE C 603 16.29 -26.62 35.60
N GLU C 604 15.94 -27.69 36.30
CA GLU C 604 16.81 -28.30 37.30
C GLU C 604 16.74 -29.81 37.11
N ASP C 605 17.81 -30.38 36.56
CA ASP C 605 17.82 -31.79 36.20
C ASP C 605 17.99 -32.65 37.46
N GLY C 606 17.87 -33.96 37.28
CA GLY C 606 18.02 -34.93 38.35
C GLY C 606 16.70 -35.52 38.78
N LYS C 607 16.79 -36.48 39.70
CA LYS C 607 15.62 -37.18 40.21
C LYS C 607 15.09 -36.50 41.46
N SER C 630 17.39 -35.35 27.64
CA SER C 630 17.65 -34.52 28.82
C SER C 630 17.69 -33.05 28.46
N TYR C 631 17.68 -32.20 29.50
CA TYR C 631 17.72 -30.75 29.36
C TYR C 631 18.63 -30.21 30.46
N ASN C 632 18.54 -28.90 30.74
CA ASN C 632 19.49 -28.17 31.57
C ASN C 632 20.82 -27.96 30.86
N SER C 633 20.76 -27.90 29.53
CA SER C 633 21.86 -27.45 28.69
C SER C 633 21.36 -26.25 27.89
N LEU C 634 22.20 -25.22 27.78
CA LEU C 634 21.78 -24.01 27.08
C LEU C 634 21.49 -24.31 25.61
N TYR C 635 22.25 -25.23 25.01
CA TYR C 635 22.02 -25.59 23.62
C TYR C 635 20.66 -26.24 23.44
N SER C 636 20.33 -27.23 24.27
CA SER C 636 19.05 -27.92 24.13
C SER C 636 17.88 -26.97 24.35
N THR C 637 17.97 -26.09 25.35
CA THR C 637 16.90 -25.14 25.59
C THR C 637 16.77 -24.13 24.46
N CYS C 638 17.90 -23.66 23.92
CA CYS C 638 17.85 -22.77 22.77
C CYS C 638 17.20 -23.46 21.59
N LEU C 639 17.51 -24.74 21.36
CA LEU C 639 16.91 -25.47 20.26
C LEU C 639 15.40 -25.65 20.46
N GLU C 640 14.99 -25.98 21.68
CA GLU C 640 13.57 -26.14 21.97
C GLU C 640 12.82 -24.84 21.79
N LEU C 641 13.41 -23.72 22.20
CA LEU C 641 12.74 -22.44 22.01
C LEU C 641 12.74 -22.02 20.55
N PHE C 642 13.79 -22.38 19.80
CA PHE C 642 13.79 -22.13 18.37
C PHE C 642 12.70 -22.91 17.66
N LYS C 643 12.40 -24.11 18.15
CA LYS C 643 11.35 -24.93 17.51
C LYS C 643 10.01 -24.21 17.48
N PHE C 644 9.76 -23.29 18.42
CA PHE C 644 8.52 -22.52 18.38
C PHE C 644 8.44 -21.67 17.12
N THR C 645 9.57 -21.17 16.64
CA THR C 645 9.57 -20.33 15.44
C THR C 645 9.10 -21.12 14.23
N ILE C 646 9.47 -22.39 14.14
CA ILE C 646 9.14 -23.22 12.99
C ILE C 646 7.84 -23.99 13.21
N GLY C 647 7.06 -23.59 14.22
CA GLY C 647 5.79 -24.23 14.45
C GLY C 647 5.88 -25.62 15.02
N MET C 648 6.95 -25.93 15.76
CA MET C 648 7.16 -27.25 16.34
C MET C 648 7.54 -27.17 17.81
N GLY C 649 7.15 -26.09 18.49
CA GLY C 649 7.44 -25.97 19.91
C GLY C 649 6.50 -26.81 20.74
N ASP C 650 7.05 -27.63 21.63
CA ASP C 650 6.22 -28.55 22.39
C ASP C 650 5.36 -27.82 23.41
N LEU C 651 5.96 -26.82 24.09
CA LEU C 651 5.34 -26.05 25.16
C LEU C 651 5.26 -26.83 26.48
N GLU C 652 5.64 -28.11 26.47
CA GLU C 652 5.77 -28.93 27.66
C GLU C 652 6.96 -29.87 27.49
N PHE C 653 8.06 -29.35 26.95
CA PHE C 653 9.18 -30.21 26.57
C PHE C 653 9.92 -30.78 27.77
N THR C 654 9.70 -30.23 28.97
CA THR C 654 10.32 -30.78 30.16
C THR C 654 9.40 -30.56 31.35
N GLU C 655 9.57 -31.41 32.36
CA GLU C 655 8.97 -31.20 33.67
C GLU C 655 10.01 -31.02 34.76
N ASN C 656 11.30 -30.96 34.42
CA ASN C 656 12.37 -30.92 35.40
C ASN C 656 12.57 -29.49 35.88
N TYR C 657 11.60 -29.05 36.67
CA TYR C 657 11.64 -27.72 37.25
C TYR C 657 10.74 -27.68 38.47
N ASP C 658 10.96 -26.66 39.28
CA ASP C 658 9.96 -26.18 40.22
C ASP C 658 9.24 -24.99 39.58
N PHE C 659 8.13 -24.59 40.19
CA PHE C 659 7.43 -23.38 39.78
C PHE C 659 6.96 -23.49 38.33
N LYS C 660 6.06 -24.44 38.05
CA LYS C 660 5.54 -24.63 36.71
C LYS C 660 4.91 -23.36 36.15
N ALA C 661 4.31 -22.55 37.01
CA ALA C 661 3.75 -21.28 36.56
C ALA C 661 4.83 -20.39 35.96
N VAL C 662 6.02 -20.38 36.56
CA VAL C 662 7.11 -19.57 36.04
C VAL C 662 7.53 -20.08 34.67
N PHE C 663 7.67 -21.40 34.54
CA PHE C 663 8.07 -22.01 33.28
C PHE C 663 7.09 -21.66 32.16
N ILE C 664 5.80 -21.86 32.42
CA ILE C 664 4.81 -21.62 31.38
C ILE C 664 4.68 -20.12 31.10
N ILE C 665 4.80 -19.26 32.11
CA ILE C 665 4.75 -17.82 31.86
C ILE C 665 5.92 -17.40 30.98
N LEU C 666 7.12 -17.91 31.26
CA LEU C 666 8.27 -17.61 30.42
C LEU C 666 8.04 -18.07 28.99
N LEU C 667 7.56 -19.30 28.81
CA LEU C 667 7.34 -19.80 27.46
C LEU C 667 6.27 -19.02 26.73
N LEU C 668 5.18 -18.68 27.41
CA LEU C 668 4.12 -17.91 26.77
C LEU C 668 4.59 -16.52 26.39
N ALA C 669 5.36 -15.87 27.27
CA ALA C 669 5.90 -14.56 26.94
C ALA C 669 6.84 -14.65 25.75
N TYR C 670 7.68 -15.68 25.70
CA TYR C 670 8.55 -15.88 24.55
C TYR C 670 7.74 -16.07 23.28
N VAL C 671 6.70 -16.90 23.35
CA VAL C 671 5.88 -17.19 22.17
C VAL C 671 5.19 -15.93 21.68
N ILE C 672 4.62 -15.15 22.59
CA ILE C 672 3.92 -13.93 22.19
C ILE C 672 4.91 -12.94 21.58
N LEU C 673 6.08 -12.78 22.20
CA LEU C 673 7.04 -11.81 21.70
C LEU C 673 7.62 -12.22 20.35
N THR C 674 7.96 -13.49 20.17
CA THR C 674 8.64 -13.94 18.96
C THR C 674 7.67 -14.46 17.90
N TYR C 675 6.91 -15.49 18.23
CA TYR C 675 6.07 -16.15 17.23
C TYR C 675 4.93 -15.25 16.78
N ILE C 676 4.20 -14.67 17.73
CA ILE C 676 2.99 -13.93 17.38
C ILE C 676 3.34 -12.51 16.95
N LEU C 677 4.22 -11.84 17.70
CA LEU C 677 4.57 -10.45 17.41
C LEU C 677 5.67 -10.36 16.36
N LEU C 678 6.85 -10.92 16.65
CA LEU C 678 8.04 -10.57 15.89
C LEU C 678 8.05 -11.21 14.51
N LEU C 679 7.56 -12.45 14.40
CA LEU C 679 7.57 -13.12 13.10
C LEU C 679 6.50 -12.53 12.16
N ASN C 680 5.31 -12.28 12.69
CA ASN C 680 4.30 -11.62 11.88
C ASN C 680 4.73 -10.20 11.56
N MET C 681 5.46 -9.56 12.48
CA MET C 681 6.04 -8.25 12.19
C MET C 681 7.08 -8.35 11.09
N LEU C 682 7.85 -9.43 11.05
CA LEU C 682 8.77 -9.63 9.94
C LEU C 682 8.02 -9.71 8.62
N ILE C 683 6.90 -10.44 8.61
CA ILE C 683 6.10 -10.52 7.39
C ILE C 683 5.62 -9.13 6.97
N ALA C 684 5.12 -8.35 7.94
CA ALA C 684 4.63 -7.01 7.64
C ALA C 684 5.74 -6.09 7.13
N LEU C 685 6.92 -6.16 7.75
CA LEU C 685 8.02 -5.30 7.34
C LEU C 685 8.57 -5.71 5.99
N MET C 686 8.59 -7.00 5.70
CA MET C 686 8.95 -7.44 4.35
C MET C 686 7.95 -6.94 3.33
N GLY C 687 6.66 -6.92 3.66
CA GLY C 687 5.70 -6.30 2.77
C GLY C 687 5.99 -4.83 2.55
N GLU C 688 6.31 -4.10 3.61
CA GLU C 688 6.66 -2.70 3.48
C GLU C 688 7.89 -2.53 2.60
N THR C 689 8.89 -3.39 2.77
CA THR C 689 10.11 -3.29 1.99
C THR C 689 9.85 -3.56 0.51
N VAL C 690 9.17 -4.67 0.20
CA VAL C 690 8.92 -5.01 -1.20
C VAL C 690 8.05 -3.96 -1.87
N ASN C 691 7.19 -3.30 -1.10
CA ASN C 691 6.37 -2.25 -1.69
C ASN C 691 7.21 -1.10 -2.25
N LYS C 692 8.43 -0.90 -1.73
CA LYS C 692 9.24 0.27 -2.04
C LYS C 692 10.64 -0.07 -2.55
N ILE C 693 10.83 -1.22 -3.21
CA ILE C 693 12.11 -1.52 -3.87
C ILE C 693 11.88 -2.08 -5.27
N ALA C 694 10.73 -1.77 -5.88
CA ALA C 694 10.49 -2.22 -7.24
C ALA C 694 11.50 -1.61 -8.20
N GLN C 695 11.56 -0.27 -8.25
CA GLN C 695 12.45 0.39 -9.18
C GLN C 695 13.91 0.19 -8.77
N GLU C 696 14.19 0.20 -7.47
CA GLU C 696 15.55 -0.04 -7.01
C GLU C 696 16.01 -1.44 -7.39
N SER C 697 15.14 -2.44 -7.23
CA SER C 697 15.51 -3.80 -7.61
C SER C 697 15.70 -3.92 -9.11
N LYS C 698 14.84 -3.28 -9.91
CA LYS C 698 15.01 -3.34 -11.36
C LYS C 698 16.33 -2.69 -11.78
N ASN C 699 16.67 -1.54 -11.19
CA ASN C 699 17.91 -0.87 -11.52
C ASN C 699 19.12 -1.71 -11.10
N ILE C 700 19.05 -2.35 -9.93
CA ILE C 700 20.16 -3.18 -9.48
C ILE C 700 20.32 -4.40 -10.38
N TRP C 701 19.20 -5.00 -10.81
CA TRP C 701 19.29 -6.10 -11.76
C TRP C 701 19.92 -5.65 -13.08
N LYS C 702 19.53 -4.47 -13.56
CA LYS C 702 20.12 -3.97 -14.79
C LYS C 702 21.63 -3.74 -14.62
N LEU C 703 22.04 -3.24 -13.45
CA LEU C 703 23.46 -3.06 -13.18
C LEU C 703 24.18 -4.40 -13.13
N GLN C 704 23.56 -5.41 -12.52
CA GLN C 704 24.17 -6.74 -12.47
C GLN C 704 24.35 -7.31 -13.87
N ARG C 705 23.32 -7.17 -14.72
CA ARG C 705 23.45 -7.66 -16.08
C ARG C 705 24.49 -6.85 -16.85
N ALA C 706 24.61 -5.56 -16.55
CA ALA C 706 25.66 -4.74 -17.17
C ALA C 706 27.04 -5.24 -16.78
N ILE C 707 27.22 -5.60 -15.51
CA ILE C 707 28.50 -6.16 -15.07
C ILE C 707 28.76 -7.49 -15.78
N THR C 708 27.71 -8.31 -15.93
CA THR C 708 27.85 -9.55 -16.68
C THR C 708 28.30 -9.28 -18.11
N ILE C 709 27.69 -8.28 -18.76
CA ILE C 709 28.02 -7.96 -20.14
C ILE C 709 29.46 -7.50 -20.24
N LEU C 710 29.89 -6.63 -19.34
CA LEU C 710 31.25 -6.12 -19.40
C LEU C 710 32.27 -7.22 -19.12
N ASP C 711 31.98 -8.10 -18.17
CA ASP C 711 32.92 -9.19 -17.89
C ASP C 711 33.02 -10.15 -19.07
N THR C 712 31.88 -10.49 -19.68
CA THR C 712 31.90 -11.39 -20.84
C THR C 712 32.65 -10.75 -22.01
N GLU C 713 32.40 -9.46 -22.26
CA GLU C 713 33.09 -8.77 -23.34
C GLU C 713 34.58 -8.68 -23.06
N LYS C 714 34.96 -8.41 -21.81
CA LYS C 714 36.37 -8.31 -21.46
C LYS C 714 37.08 -9.65 -21.63
N SER C 715 36.41 -10.74 -21.25
CA SER C 715 37.05 -12.05 -21.39
C SER C 715 37.11 -12.48 -22.85
N PHE C 716 35.95 -12.54 -23.50
CA PHE C 716 35.67 -12.75 -24.94
C PHE C 716 36.11 -14.11 -25.48
N LEU C 717 37.00 -14.82 -24.79
CA LEU C 717 37.10 -16.27 -24.81
C LEU C 717 37.58 -16.91 -26.12
N LYS C 718 37.54 -16.19 -27.25
CA LYS C 718 37.95 -16.75 -28.54
C LYS C 718 38.53 -15.69 -29.47
N CYS C 719 39.05 -14.59 -28.91
CA CYS C 719 39.56 -13.46 -29.69
C CYS C 719 38.46 -12.82 -30.54
N MET C 720 37.19 -12.96 -30.16
CA MET C 720 36.10 -12.39 -30.93
C MET C 720 36.05 -10.87 -30.77
N ARG C 721 35.45 -10.22 -31.76
CA ARG C 721 35.32 -8.77 -31.82
C ARG C 721 33.87 -8.37 -32.11
N LYS C 722 32.94 -8.98 -31.38
CA LYS C 722 31.53 -8.65 -31.49
C LYS C 722 31.12 -7.45 -30.65
N ALA C 723 32.04 -6.83 -29.92
CA ALA C 723 31.71 -5.68 -29.08
C ALA C 723 31.35 -4.44 -29.89
N PHE C 724 31.63 -4.43 -31.19
CA PHE C 724 31.48 -3.22 -31.98
C PHE C 724 30.01 -2.92 -32.24
N ARG C 725 29.76 -1.81 -32.95
CA ARG C 725 28.45 -1.22 -33.14
C ARG C 725 28.17 -1.03 -34.63
N SER C 726 27.14 -0.26 -34.98
CA SER C 726 26.60 -0.22 -36.34
C SER C 726 27.61 0.16 -37.43
N GLY C 727 28.81 0.60 -37.07
CA GLY C 727 29.89 0.82 -38.00
C GLY C 727 30.37 2.25 -38.00
N LYS C 728 31.41 2.49 -38.80
CA LYS C 728 31.97 3.82 -38.94
C LYS C 728 31.03 4.70 -39.75
N LEU C 729 29.92 5.09 -39.15
CA LEU C 729 28.95 5.93 -39.84
C LEU C 729 29.45 7.36 -39.96
N LEU C 730 29.16 7.98 -41.10
CA LEU C 730 29.52 9.38 -41.36
C LEU C 730 28.40 10.24 -40.78
N GLN C 731 28.53 10.60 -39.51
CA GLN C 731 27.44 11.24 -38.79
C GLN C 731 27.17 12.66 -39.27
N VAL C 732 28.17 13.55 -39.09
CA VAL C 732 28.02 14.97 -39.40
C VAL C 732 28.65 15.33 -40.72
N GLY C 733 29.15 14.37 -41.48
CA GLY C 733 29.85 14.67 -42.71
C GLY C 733 31.28 15.06 -42.46
N PHE C 734 31.49 16.29 -41.97
CA PHE C 734 32.82 16.85 -41.82
C PHE C 734 32.92 17.66 -40.54
N THR C 735 34.13 17.73 -40.00
CA THR C 735 34.47 18.65 -38.94
C THR C 735 34.59 20.05 -39.54
N PRO C 736 34.87 21.08 -38.74
CA PRO C 736 35.23 22.38 -39.34
C PRO C 736 36.43 22.30 -40.27
N ASP C 737 37.34 21.37 -40.02
CA ASP C 737 38.41 21.06 -40.97
C ASP C 737 37.82 20.27 -42.13
N GLY C 738 38.64 20.00 -43.15
CA GLY C 738 38.15 19.25 -44.29
C GLY C 738 37.99 17.76 -44.04
N LYS C 739 38.46 17.26 -42.90
CA LYS C 739 38.40 15.83 -42.63
C LYS C 739 36.97 15.35 -42.48
N ASP C 740 36.67 14.21 -43.08
CA ASP C 740 35.40 13.54 -42.89
C ASP C 740 35.43 12.74 -41.58
N ASP C 741 34.33 12.82 -40.83
CA ASP C 741 34.28 12.39 -39.43
C ASP C 741 33.43 11.13 -39.32
N TYR C 742 34.04 10.03 -38.84
CA TYR C 742 33.36 8.78 -38.56
C TYR C 742 33.39 8.52 -37.06
N ARG C 743 32.25 8.13 -36.51
CA ARG C 743 32.00 8.23 -35.08
C ARG C 743 31.74 6.92 -34.37
N TRP C 744 31.47 5.82 -35.09
CA TRP C 744 31.10 4.55 -34.48
C TRP C 744 29.84 4.72 -33.62
N CYS C 745 28.72 4.99 -34.30
CA CYS C 745 27.48 5.32 -33.63
C CYS C 745 26.59 4.09 -33.48
N PHE C 746 25.62 4.21 -32.56
CA PHE C 746 24.55 3.24 -32.39
C PHE C 746 23.24 3.86 -32.83
N ARG C 747 22.50 3.16 -33.67
CA ARG C 747 21.27 3.68 -34.26
C ARG C 747 20.08 3.33 -33.39
N VAL C 748 19.27 4.34 -33.06
CA VAL C 748 18.03 4.17 -32.32
C VAL C 748 16.93 4.83 -33.14
N ASP C 749 15.90 4.06 -33.46
CA ASP C 749 14.74 4.57 -34.19
C ASP C 749 13.62 4.91 -33.22
N GLU C 750 12.84 5.92 -33.57
CA GLU C 750 11.73 6.34 -32.73
C GLU C 750 10.60 6.87 -33.59
N VAL C 751 9.43 7.00 -32.99
CA VAL C 751 8.25 7.52 -33.65
C VAL C 751 7.65 8.62 -32.79
N ASN C 752 7.32 9.75 -33.43
CA ASN C 752 6.70 10.88 -32.75
C ASN C 752 5.58 11.41 -33.62
N TRP C 753 4.38 11.46 -33.08
CA TRP C 753 3.18 11.86 -33.80
C TRP C 753 2.79 13.32 -33.56
N THR C 754 3.55 14.05 -32.76
CA THR C 754 3.39 15.49 -32.58
C THR C 754 4.73 16.16 -32.85
N THR C 755 4.71 17.49 -32.87
CA THR C 755 5.89 18.31 -33.17
C THR C 755 6.50 17.89 -34.51
N TRP C 756 5.71 18.04 -35.56
CA TRP C 756 6.14 17.71 -36.91
C TRP C 756 7.11 18.76 -37.45
N TYR D 198 -17.65 46.08 34.29
CA TYR D 198 -18.28 44.79 34.48
C TYR D 198 -17.78 44.11 35.75
N THR D 199 -18.70 43.84 36.68
CA THR D 199 -18.41 43.10 37.90
C THR D 199 -18.84 41.64 37.84
N ASP D 200 -19.65 41.26 36.85
CA ASP D 200 -20.05 39.87 36.69
C ASP D 200 -18.83 39.00 36.46
N SER D 201 -18.84 37.80 37.06
CA SER D 201 -17.68 36.93 37.02
C SER D 201 -17.35 36.48 35.60
N TYR D 202 -18.35 36.38 34.72
CA TYR D 202 -18.07 35.96 33.36
C TYR D 202 -17.38 37.05 32.55
N TYR D 203 -17.77 38.31 32.77
CA TYR D 203 -17.19 39.47 32.08
C TYR D 203 -16.40 40.37 33.02
N LYS D 204 -15.95 39.85 34.16
CA LYS D 204 -15.24 40.67 35.16
C LYS D 204 -14.03 41.36 34.54
N GLY D 205 -13.93 42.67 34.76
CA GLY D 205 -12.83 43.47 34.29
C GLY D 205 -13.01 44.04 32.90
N GLN D 206 -14.03 43.64 32.16
CA GLN D 206 -14.25 44.19 30.83
C GLN D 206 -14.58 45.67 30.91
N THR D 207 -14.07 46.43 29.95
CA THR D 207 -14.28 47.87 29.87
C THR D 207 -14.65 48.24 28.44
N ALA D 208 -14.92 49.54 28.23
CA ALA D 208 -15.30 50.02 26.91
C ALA D 208 -14.19 49.81 25.90
N LEU D 209 -12.93 49.94 26.32
CA LEU D 209 -11.82 49.77 25.40
C LEU D 209 -11.74 48.33 24.90
N HIS D 210 -11.95 47.36 25.78
CA HIS D 210 -11.93 45.95 25.37
C HIS D 210 -13.03 45.68 24.35
N ILE D 211 -14.22 46.21 24.59
CA ILE D 211 -15.34 46.02 23.67
C ILE D 211 -15.05 46.68 22.33
N ALA D 212 -14.50 47.91 22.36
CA ALA D 212 -14.20 48.62 21.13
C ALA D 212 -13.16 47.89 20.29
N ILE D 213 -12.15 47.31 20.94
CA ILE D 213 -11.16 46.53 20.20
C ILE D 213 -11.79 45.26 19.67
N GLU D 214 -12.58 44.57 20.49
CA GLU D 214 -13.19 43.30 20.06
C GLU D 214 -14.16 43.55 18.90
N ARG D 215 -14.89 44.66 18.94
CA ARG D 215 -15.78 44.99 17.82
C ARG D 215 -15.03 45.43 16.57
N ARG D 216 -13.71 45.62 16.65
CA ARG D 216 -12.89 46.02 15.50
C ARG D 216 -13.30 47.39 14.97
N ASN D 217 -13.53 48.32 15.89
CA ASN D 217 -13.87 49.71 15.58
C ASN D 217 -12.66 50.57 15.91
N MET D 218 -11.87 50.90 14.89
CA MET D 218 -10.67 51.69 15.10
C MET D 218 -10.98 53.06 15.67
N THR D 219 -11.99 53.74 15.11
CA THR D 219 -12.31 55.09 15.55
C THR D 219 -12.74 55.13 17.00
N LEU D 220 -13.57 54.17 17.42
CA LEU D 220 -14.01 54.13 18.80
C LEU D 220 -12.84 53.86 19.73
N VAL D 221 -11.92 52.99 19.33
CA VAL D 221 -10.75 52.69 20.16
C VAL D 221 -9.90 53.95 20.35
N THR D 222 -9.62 54.66 19.24
CA THR D 222 -8.81 55.87 19.35
C THR D 222 -9.51 56.93 20.19
N LEU D 223 -10.82 57.10 20.00
CA LEU D 223 -11.56 58.08 20.79
C LEU D 223 -11.57 57.72 22.26
N LEU D 224 -11.76 56.44 22.59
CA LEU D 224 -11.77 56.01 23.97
C LEU D 224 -10.43 56.24 24.64
N VAL D 225 -9.34 55.93 23.93
CA VAL D 225 -8.01 56.18 24.50
C VAL D 225 -7.79 57.67 24.68
N GLU D 226 -8.20 58.48 23.70
CA GLU D 226 -8.07 59.92 23.84
C GLU D 226 -8.93 60.48 24.98
N ASN D 227 -10.06 59.85 25.26
CA ASN D 227 -10.97 60.32 26.31
C ASN D 227 -10.52 59.90 27.71
N GLY D 228 -9.43 59.16 27.84
CA GLY D 228 -8.92 58.75 29.13
C GLY D 228 -9.17 57.31 29.50
N ALA D 229 -9.48 56.45 28.54
CA ALA D 229 -9.65 55.04 28.83
C ALA D 229 -8.32 54.45 29.29
N ASP D 230 -8.39 53.59 30.32
CA ASP D 230 -7.18 53.00 30.90
C ASP D 230 -6.71 51.89 29.97
N VAL D 231 -5.54 52.10 29.36
CA VAL D 231 -4.95 51.09 28.48
C VAL D 231 -4.42 49.88 29.24
N GLN D 232 -4.31 49.96 30.57
CA GLN D 232 -3.82 48.87 31.41
C GLN D 232 -4.94 48.10 32.09
N ALA D 233 -6.19 48.31 31.69
CA ALA D 233 -7.31 47.59 32.29
C ALA D 233 -7.16 46.09 32.11
N ALA D 234 -7.38 45.35 33.20
CA ALA D 234 -7.19 43.90 33.23
C ALA D 234 -8.56 43.24 33.20
N ALA D 235 -8.86 42.54 32.10
CA ALA D 235 -10.10 41.78 32.00
C ALA D 235 -9.89 40.41 32.65
N ASN D 236 -10.60 40.16 33.75
CA ASN D 236 -10.41 38.97 34.57
C ASN D 236 -11.63 38.06 34.58
N GLY D 237 -12.51 38.16 33.57
CA GLY D 237 -13.68 37.32 33.52
C GLY D 237 -13.36 35.92 33.03
N ASP D 238 -14.23 34.97 33.38
CA ASP D 238 -14.01 33.57 33.00
C ASP D 238 -14.00 33.44 31.50
N PHE D 239 -14.78 34.27 30.83
CA PHE D 239 -14.81 34.24 29.38
C PHE D 239 -13.44 34.59 28.83
N PHE D 240 -12.79 35.57 29.44
CA PHE D 240 -11.50 36.02 28.92
C PHE D 240 -10.33 35.11 29.28
N LYS D 241 -10.60 33.86 29.65
CA LYS D 241 -9.53 32.93 30.03
C LYS D 241 -9.70 31.61 29.30
N GLY D 248 -14.70 30.14 26.10
CA GLY D 248 -14.24 31.51 26.10
C GLY D 248 -13.06 31.73 25.17
N PHE D 249 -12.38 32.86 25.34
CA PHE D 249 -11.22 33.21 24.54
C PHE D 249 -10.20 33.91 25.41
N TYR D 250 -8.99 33.37 25.45
CA TYR D 250 -7.89 33.96 26.20
C TYR D 250 -7.02 34.78 25.26
N PHE D 251 -6.70 36.01 25.66
CA PHE D 251 -5.91 36.92 24.85
C PHE D 251 -4.80 37.62 25.61
N GLY D 252 -4.64 37.35 26.92
CA GLY D 252 -3.68 38.03 27.75
C GLY D 252 -4.26 39.07 28.68
N GLU D 253 -5.58 39.26 28.68
CA GLU D 253 -6.33 40.09 29.63
C GLU D 253 -6.09 41.59 29.47
N LEU D 254 -5.29 42.03 28.49
CA LEU D 254 -4.95 43.43 28.32
C LEU D 254 -5.36 43.93 26.93
N PRO D 255 -5.69 45.22 26.77
CA PRO D 255 -6.05 45.71 25.43
C PRO D 255 -4.95 45.53 24.38
N LEU D 256 -3.69 45.71 24.77
CA LEU D 256 -2.61 45.53 23.80
C LEU D 256 -2.53 44.08 23.33
N SER D 257 -2.60 43.13 24.27
CA SER D 257 -2.60 41.73 23.89
C SER D 257 -3.90 41.34 23.21
N LEU D 258 -5.00 42.04 23.51
CA LEU D 258 -6.25 41.80 22.78
C LEU D 258 -6.09 42.17 21.31
N ALA D 259 -5.55 43.36 21.06
CA ALA D 259 -5.35 43.80 19.68
C ALA D 259 -4.35 42.90 18.96
N ALA D 260 -3.30 42.48 19.66
CA ALA D 260 -2.33 41.56 19.06
C ALA D 260 -2.98 40.22 18.72
N CYS D 261 -3.80 39.69 19.63
CA CYS D 261 -4.38 38.37 19.42
C CYS D 261 -5.49 38.36 18.38
N THR D 262 -6.05 39.53 18.03
CA THR D 262 -7.11 39.64 17.03
C THR D 262 -6.59 40.12 15.68
N ASN D 263 -5.27 40.16 15.47
CA ASN D 263 -4.68 40.54 14.19
C ASN D 263 -5.01 41.98 13.80
N GLN D 264 -5.16 42.85 14.80
CA GLN D 264 -5.40 44.28 14.57
C GLN D 264 -4.09 45.02 14.81
N LEU D 265 -3.25 45.05 13.77
CA LEU D 265 -1.92 45.65 13.91
C LEU D 265 -2.01 47.15 14.16
N ALA D 266 -2.98 47.82 13.53
CA ALA D 266 -3.11 49.26 13.69
C ALA D 266 -3.40 49.62 15.15
N ILE D 267 -4.30 48.87 15.79
CA ILE D 267 -4.62 49.13 17.19
C ILE D 267 -3.43 48.82 18.07
N VAL D 268 -2.66 47.77 17.73
CA VAL D 268 -1.47 47.44 18.50
C VAL D 268 -0.48 48.59 18.46
N LYS D 269 -0.22 49.13 17.26
CA LYS D 269 0.71 50.25 17.13
C LYS D 269 0.20 51.47 17.89
N PHE D 270 -1.10 51.77 17.76
CA PHE D 270 -1.66 52.92 18.46
C PHE D 270 -1.55 52.76 19.97
N LEU D 271 -2.03 51.63 20.50
CA LEU D 271 -2.01 51.41 21.96
C LEU D 271 -0.60 51.41 22.50
N LEU D 272 0.37 50.93 21.72
CA LEU D 272 1.74 50.92 22.19
C LEU D 272 2.36 52.31 22.15
N GLN D 273 2.06 53.09 21.13
CA GLN D 273 2.73 54.37 20.88
C GLN D 273 1.73 55.46 20.52
N ASN D 274 0.66 55.58 21.31
CA ASN D 274 -0.23 56.74 21.22
C ASN D 274 0.33 57.88 22.05
N SER D 275 -0.13 59.10 21.75
CA SER D 275 0.34 60.28 22.45
C SER D 275 -0.25 60.41 23.85
N TRP D 276 -1.47 59.91 24.06
CA TRP D 276 -2.15 60.14 25.32
C TRP D 276 -1.57 59.26 26.43
N GLN D 277 -1.56 57.95 26.22
CA GLN D 277 -1.13 57.00 27.25
C GLN D 277 -0.62 55.71 26.60
N PRO D 278 0.67 55.60 26.28
CA PRO D 278 1.15 54.35 25.69
C PRO D 278 1.04 53.18 26.66
N ALA D 279 0.74 52.01 26.11
CA ALA D 279 0.60 50.81 26.93
C ALA D 279 1.97 50.23 27.26
N ASP D 280 2.07 49.65 28.45
CA ASP D 280 3.32 49.03 28.90
C ASP D 280 3.46 47.68 28.22
N ILE D 281 4.45 47.54 27.34
CA ILE D 281 4.62 46.30 26.61
C ILE D 281 5.05 45.15 27.51
N SER D 282 5.70 45.45 28.64
CA SER D 282 6.14 44.44 29.59
C SER D 282 5.08 44.09 30.63
N ALA D 283 3.88 44.64 30.50
CA ALA D 283 2.82 44.37 31.47
C ALA D 283 2.48 42.89 31.50
N ARG D 284 2.21 42.39 32.70
CA ARG D 284 1.97 40.96 32.94
C ARG D 284 0.58 40.77 33.50
N ASP D 285 -0.12 39.76 32.99
CA ASP D 285 -1.51 39.51 33.36
C ASP D 285 -1.55 38.71 34.66
N SER D 286 -2.73 38.17 34.98
CA SER D 286 -2.90 37.45 36.23
C SER D 286 -2.02 36.21 36.35
N VAL D 287 -1.59 35.63 35.22
CA VAL D 287 -0.74 34.46 35.20
C VAL D 287 0.70 34.81 34.85
N GLY D 288 1.05 36.09 34.80
CA GLY D 288 2.39 36.51 34.47
C GLY D 288 2.66 36.63 32.98
N ASN D 289 1.71 36.29 32.12
CA ASN D 289 1.94 36.30 30.69
C ASN D 289 1.97 37.73 30.15
N THR D 290 2.87 37.97 29.21
CA THR D 290 2.98 39.23 28.49
C THR D 290 2.26 39.11 27.15
N VAL D 291 2.45 40.10 26.28
CA VAL D 291 1.83 40.07 24.96
C VAL D 291 2.37 38.90 24.15
N LEU D 292 3.67 38.64 24.25
CA LEU D 292 4.27 37.54 23.47
C LEU D 292 3.78 36.19 23.98
N HIS D 293 3.64 36.05 25.31
CA HIS D 293 3.06 34.83 25.85
C HIS D 293 1.64 34.62 25.36
N ALA D 294 0.85 35.70 25.30
CA ALA D 294 -0.51 35.60 24.77
C ALA D 294 -0.49 35.19 23.30
N LEU D 295 0.44 35.76 22.51
CA LEU D 295 0.52 35.40 21.10
C LEU D 295 0.89 33.94 20.92
N VAL D 296 1.80 33.43 21.75
CA VAL D 296 2.14 32.01 21.70
C VAL D 296 0.93 31.17 22.08
N GLU D 297 0.20 31.60 23.11
CA GLU D 297 -0.89 30.78 23.63
C GLU D 297 -2.03 30.64 22.62
N VAL D 298 -2.32 31.70 21.86
CA VAL D 298 -3.42 31.66 20.90
C VAL D 298 -3.06 30.91 19.63
N ALA D 299 -1.81 30.49 19.46
CA ALA D 299 -1.44 29.71 18.29
C ALA D 299 -2.06 28.31 18.37
N ASP D 300 -2.31 27.72 17.20
CA ASP D 300 -2.79 26.35 17.13
C ASP D 300 -2.14 25.56 15.99
N ASN D 301 -1.05 26.06 15.41
CA ASN D 301 -0.24 25.35 14.42
C ASN D 301 -0.95 25.18 13.08
N THR D 302 -2.07 25.85 12.86
CA THR D 302 -2.69 25.89 11.54
C THR D 302 -1.97 26.92 10.66
N VAL D 303 -2.17 26.81 9.35
CA VAL D 303 -1.40 27.62 8.41
C VAL D 303 -1.72 29.10 8.59
N ASP D 304 -3.00 29.46 8.58
CA ASP D 304 -3.38 30.86 8.65
C ASP D 304 -3.09 31.45 10.02
N ASN D 305 -3.43 30.70 11.08
CA ASN D 305 -3.16 31.18 12.42
C ASN D 305 -1.66 31.27 12.69
N THR D 306 -0.88 30.32 12.18
CA THR D 306 0.57 30.42 12.32
C THR D 306 1.11 31.64 11.61
N LYS D 307 0.63 31.91 10.39
CA LYS D 307 1.09 33.12 9.68
C LYS D 307 0.74 34.37 10.45
N PHE D 308 -0.49 34.46 10.97
CA PHE D 308 -0.89 35.64 11.72
C PHE D 308 -0.06 35.80 12.99
N VAL D 309 0.13 34.72 13.74
CA VAL D 309 0.87 34.80 15.00
C VAL D 309 2.33 35.18 14.71
N THR D 310 2.90 34.61 13.66
CA THR D 310 4.28 34.95 13.30
C THR D 310 4.42 36.43 12.96
N SER D 311 3.53 36.95 12.11
CA SER D 311 3.63 38.34 11.70
C SER D 311 3.45 39.27 12.90
N MET D 312 2.44 38.99 13.73
CA MET D 312 2.19 39.86 14.89
C MET D 312 3.33 39.79 15.89
N TYR D 313 3.89 38.60 16.11
CA TYR D 313 5.02 38.45 17.02
C TYR D 313 6.22 39.26 16.54
N ASN D 314 6.52 39.17 15.25
CA ASN D 314 7.64 39.92 14.70
C ASN D 314 7.41 41.42 14.86
N GLU D 315 6.21 41.88 14.51
CA GLU D 315 5.93 43.32 14.58
C GLU D 315 5.98 43.84 16.01
N ILE D 316 5.36 43.12 16.94
CA ILE D 316 5.33 43.60 18.32
C ILE D 316 6.74 43.57 18.92
N LEU D 317 7.54 42.55 18.58
CA LEU D 317 8.90 42.52 19.10
C LEU D 317 9.73 43.67 18.56
N ILE D 318 9.61 43.97 17.27
CA ILE D 318 10.37 45.08 16.69
C ILE D 318 9.93 46.41 17.30
N LEU D 319 8.62 46.60 17.47
CA LEU D 319 8.13 47.84 18.06
C LEU D 319 8.58 47.97 19.51
N GLY D 320 8.61 46.85 20.25
CA GLY D 320 9.12 46.89 21.60
C GLY D 320 10.59 47.26 21.66
N ALA D 321 11.37 46.74 20.71
CA ALA D 321 12.78 47.11 20.65
C ALA D 321 12.94 48.60 20.35
N LYS D 322 12.13 49.13 19.44
CA LYS D 322 12.23 50.55 19.11
C LYS D 322 11.82 51.43 20.29
N LEU D 323 10.75 51.04 21.00
CA LEU D 323 10.28 51.86 22.11
C LEU D 323 11.19 51.73 23.33
N HIS D 324 11.70 50.52 23.58
CA HIS D 324 12.57 50.24 24.73
C HIS D 324 13.77 49.43 24.22
N PRO D 325 14.77 50.08 23.62
CA PRO D 325 15.95 49.33 23.18
C PRO D 325 16.71 48.64 24.30
N THR D 326 16.57 49.09 25.54
CA THR D 326 17.24 48.47 26.68
C THR D 326 16.46 47.31 27.28
N LEU D 327 15.23 47.07 26.84
CA LEU D 327 14.38 46.04 27.43
C LEU D 327 14.61 44.70 26.75
N LYS D 328 14.85 43.67 27.56
CA LYS D 328 14.93 42.28 27.07
C LYS D 328 13.54 41.67 27.18
N LEU D 329 12.73 41.94 26.16
CA LEU D 329 11.31 41.60 26.23
C LEU D 329 11.08 40.10 26.29
N GLU D 330 11.82 39.33 25.49
CA GLU D 330 11.61 37.89 25.44
C GLU D 330 12.13 37.18 26.68
N GLU D 331 13.07 37.79 27.41
CA GLU D 331 13.60 37.15 28.62
C GLU D 331 12.60 37.14 29.76
N ILE D 332 11.51 37.90 29.66
CA ILE D 332 10.54 37.96 30.75
C ILE D 332 9.80 36.63 30.84
N THR D 333 9.77 36.06 32.04
CA THR D 333 9.06 34.82 32.30
C THR D 333 7.70 35.11 32.93
N ASN D 334 6.78 34.16 32.74
CA ASN D 334 5.49 34.21 33.39
C ASN D 334 5.63 33.60 34.79
N ARG D 335 4.52 33.45 35.51
CA ARG D 335 4.58 32.93 36.87
C ARG D 335 5.06 31.48 36.92
N LYS D 336 4.92 30.74 35.83
CA LYS D 336 5.46 29.39 35.75
C LYS D 336 6.96 29.37 35.48
N GLY D 337 7.57 30.52 35.17
CA GLY D 337 8.98 30.57 34.88
C GLY D 337 9.35 30.29 33.43
N LEU D 338 8.40 30.41 32.51
CA LEU D 338 8.61 30.11 31.10
C LEU D 338 8.65 31.41 30.30
N THR D 339 9.66 31.54 29.46
CA THR D 339 9.71 32.60 28.46
C THR D 339 8.78 32.24 27.32
N PRO D 340 8.49 33.18 26.40
CA PRO D 340 7.64 32.83 25.25
C PRO D 340 8.18 31.68 24.42
N LEU D 341 9.50 31.56 24.30
CA LEU D 341 10.09 30.41 23.61
C LEU D 341 9.87 29.13 24.41
N ALA D 342 10.11 29.19 25.73
CA ALA D 342 9.85 28.02 26.56
C ALA D 342 8.37 27.67 26.57
N LEU D 343 7.50 28.68 26.51
CA LEU D 343 6.07 28.40 26.45
C LEU D 343 5.70 27.73 25.13
N ALA D 344 6.27 28.22 24.01
CA ALA D 344 6.01 27.60 22.72
C ALA D 344 6.48 26.16 22.70
N ALA D 345 7.65 25.89 23.28
CA ALA D 345 8.15 24.52 23.34
C ALA D 345 7.28 23.65 24.24
N SER D 346 6.91 24.17 25.41
CA SER D 346 6.19 23.37 26.40
C SER D 346 4.81 22.96 25.91
N SER D 347 4.08 23.87 25.29
CA SER D 347 2.70 23.64 24.88
C SER D 347 2.59 23.10 23.46
N GLY D 348 3.69 22.84 22.78
CA GLY D 348 3.65 22.23 21.46
C GLY D 348 3.30 23.14 20.33
N LYS D 349 3.58 24.44 20.47
CA LYS D 349 3.32 25.39 19.38
C LYS D 349 4.52 25.37 18.43
N ILE D 350 4.52 24.34 17.57
CA ILE D 350 5.66 24.08 16.70
C ILE D 350 5.84 25.20 15.69
N GLY D 351 4.76 25.81 15.23
CA GLY D 351 4.87 26.88 14.25
C GLY D 351 5.62 28.09 14.77
N VAL D 352 5.16 28.64 15.89
CA VAL D 352 5.82 29.82 16.44
C VAL D 352 7.20 29.47 16.96
N LEU D 353 7.38 28.25 17.45
CA LEU D 353 8.71 27.79 17.86
C LEU D 353 9.68 27.80 16.68
N ALA D 354 9.26 27.22 15.56
CA ALA D 354 10.10 27.18 14.38
C ALA D 354 10.39 28.58 13.88
N TYR D 355 9.39 29.47 13.92
CA TYR D 355 9.64 30.86 13.55
C TYR D 355 10.70 31.49 14.45
N ILE D 356 10.55 31.35 15.77
CA ILE D 356 11.45 32.02 16.71
C ILE D 356 12.88 31.53 16.51
N LEU D 357 13.05 30.20 16.48
CA LEU D 357 14.40 29.66 16.40
C LEU D 357 15.10 30.01 15.09
N GLN D 358 14.33 30.14 14.01
CA GLN D 358 14.86 30.48 12.70
C GLN D 358 14.68 31.95 12.34
N ARG D 359 14.38 32.80 13.32
CA ARG D 359 14.07 34.20 13.05
C ARG D 359 15.29 34.93 12.50
N GLU D 360 15.10 35.63 11.38
CA GLU D 360 16.15 36.40 10.72
C GLU D 360 15.61 37.76 10.32
N ILE D 361 16.38 38.80 10.60
CA ILE D 361 16.03 40.18 10.28
C ILE D 361 17.21 40.82 9.56
N HIS D 362 16.92 41.67 8.57
CA HIS D 362 17.93 42.20 7.67
C HIS D 362 17.93 43.73 7.64
N GLU D 363 17.94 44.36 8.81
CA GLU D 363 18.10 45.80 8.91
C GLU D 363 18.91 46.14 10.15
N PRO D 364 19.65 47.24 10.16
CA PRO D 364 20.35 47.64 11.39
C PRO D 364 19.39 48.09 12.47
N GLU D 365 19.82 47.96 13.72
CA GLU D 365 19.07 48.30 14.93
C GLU D 365 17.88 47.38 15.19
N CYS D 366 17.70 46.34 14.36
CA CYS D 366 16.73 45.29 14.64
C CYS D 366 17.29 43.89 14.40
N ARG D 367 18.40 43.74 13.69
CA ARG D 367 18.99 42.43 13.46
C ARG D 367 19.48 41.79 14.75
N HIS D 368 19.74 42.58 15.80
CA HIS D 368 20.13 42.00 17.08
C HIS D 368 19.02 41.15 17.67
N LEU D 369 17.77 41.41 17.30
CA LEU D 369 16.65 40.59 17.78
C LEU D 369 16.67 39.20 17.18
N SER D 370 17.25 39.03 15.99
CA SER D 370 17.20 37.76 15.31
C SER D 370 18.06 36.71 16.03
N ARG D 371 17.76 35.44 15.75
CA ARG D 371 18.55 34.31 16.21
C ARG D 371 19.31 33.61 15.10
N LYS D 372 18.75 33.57 13.89
CA LYS D 372 19.45 33.09 12.72
C LYS D 372 20.14 34.27 12.04
N PHE D 373 21.43 34.14 11.77
CA PHE D 373 22.22 35.21 11.17
C PHE D 373 23.13 34.61 10.11
N THR D 374 23.11 35.20 8.92
CA THR D 374 23.96 34.76 7.81
C THR D 374 25.38 35.28 8.06
N GLU D 375 26.30 34.37 8.42
CA GLU D 375 27.66 34.79 8.74
C GLU D 375 28.37 35.32 7.50
N TRP D 376 28.28 34.58 6.39
CA TRP D 376 28.89 35.05 5.16
C TRP D 376 28.14 34.44 3.98
N ALA D 377 28.18 35.19 2.87
CA ALA D 377 27.69 34.72 1.58
C ALA D 377 28.83 34.82 0.57
N TYR D 378 29.30 33.65 0.11
CA TYR D 378 30.29 33.61 -0.99
C TYR D 378 29.42 33.42 -2.24
N GLY D 379 29.68 32.43 -3.09
CA GLY D 379 28.81 32.14 -4.20
C GLY D 379 27.82 31.09 -3.72
N PRO D 380 27.87 29.84 -4.21
CA PRO D 380 26.89 28.86 -3.70
C PRO D 380 26.94 28.66 -2.19
N VAL D 381 28.08 28.85 -1.54
CA VAL D 381 28.24 28.56 -0.12
C VAL D 381 27.68 29.72 0.69
N HIS D 382 26.83 29.40 1.66
CA HIS D 382 26.33 30.37 2.64
C HIS D 382 26.48 29.78 4.03
N SER D 383 26.94 30.59 4.97
CA SER D 383 27.12 30.17 6.36
C SER D 383 26.11 30.88 7.24
N SER D 384 25.35 30.11 8.01
CA SER D 384 24.37 30.62 8.95
C SER D 384 24.82 30.33 10.37
N LEU D 385 24.49 31.24 11.27
CA LEU D 385 24.71 31.09 12.70
C LEU D 385 23.36 31.14 13.39
N TYR D 386 23.03 30.08 14.13
CA TYR D 386 21.82 30.04 14.92
C TYR D 386 22.16 30.39 16.36
N ASP D 387 21.43 31.33 16.94
CA ASP D 387 21.58 31.61 18.36
C ASP D 387 20.93 30.48 19.15
N LEU D 388 21.75 29.74 19.90
CA LEU D 388 21.30 28.59 20.67
C LEU D 388 21.26 28.87 22.16
N SER D 389 21.17 30.14 22.55
CA SER D 389 20.99 30.47 23.95
C SER D 389 19.67 29.92 24.46
N CYS D 390 19.72 29.32 25.65
CA CYS D 390 18.55 28.75 26.33
C CYS D 390 17.94 27.58 25.57
N ILE D 391 18.70 26.97 24.65
CA ILE D 391 18.21 25.80 23.91
C ILE D 391 18.68 24.50 24.58
N ASP D 392 19.94 24.45 25.00
CA ASP D 392 20.48 23.33 25.78
C ASP D 392 20.87 23.74 27.18
N THR D 393 21.41 24.95 27.36
CA THR D 393 21.72 25.51 28.67
C THR D 393 20.93 26.79 28.85
N CYS D 394 20.07 26.82 29.88
CA CYS D 394 19.27 27.99 30.21
C CYS D 394 19.34 28.38 31.67
N GLU D 395 19.69 27.46 32.57
CA GLU D 395 19.79 27.64 34.02
C GLU D 395 18.43 27.67 34.72
N LYS D 396 17.33 27.76 33.96
CA LYS D 396 15.99 27.52 34.50
C LYS D 396 15.33 26.34 33.81
N ASN D 397 15.20 26.37 32.48
CA ASN D 397 14.64 25.26 31.71
C ASN D 397 14.89 25.55 30.24
N SER D 398 15.58 24.63 29.57
CA SER D 398 15.99 24.83 28.19
C SER D 398 14.94 24.26 27.24
N VAL D 399 15.04 24.67 25.97
CA VAL D 399 14.07 24.24 24.97
C VAL D 399 14.15 22.74 24.75
N LEU D 400 15.38 22.20 24.67
CA LEU D 400 15.52 20.76 24.51
C LEU D 400 15.00 20.01 25.72
N GLU D 401 15.28 20.51 26.92
CA GLU D 401 14.74 19.89 28.13
C GLU D 401 13.23 19.94 28.14
N VAL D 402 12.65 21.07 27.71
CA VAL D 402 11.21 21.23 27.70
C VAL D 402 10.57 20.27 26.70
N ILE D 403 11.14 20.16 25.50
CA ILE D 403 10.56 19.29 24.48
C ILE D 403 10.70 17.83 24.89
N ALA D 404 11.90 17.42 25.28
CA ALA D 404 12.16 16.02 25.57
C ALA D 404 11.37 15.53 26.78
N TYR D 405 11.30 16.36 27.83
CA TYR D 405 10.64 15.98 29.06
C TYR D 405 9.19 16.46 29.11
N SER D 406 8.57 16.65 27.95
CA SER D 406 7.17 17.04 27.91
C SER D 406 6.31 15.93 28.53
N SER D 407 5.09 16.30 28.90
CA SER D 407 4.20 15.44 29.67
C SER D 407 3.45 14.41 28.81
N SER D 408 3.84 14.20 27.56
CA SER D 408 3.30 13.22 26.63
C SER D 408 1.93 13.62 26.06
N GLU D 409 1.32 14.71 26.54
CA GLU D 409 0.11 15.27 25.95
C GLU D 409 0.40 16.46 25.05
N THR D 410 1.64 16.91 24.96
CA THR D 410 2.00 18.02 24.09
C THR D 410 1.74 17.60 22.64
N PRO D 411 1.02 18.40 21.83
CA PRO D 411 0.63 17.91 20.49
C PRO D 411 1.80 17.54 19.58
N ASN D 412 2.91 18.27 19.63
CA ASN D 412 4.00 18.13 18.66
C ASN D 412 5.32 17.78 19.33
N ARG D 413 5.29 17.01 20.42
CA ARG D 413 6.52 16.65 21.12
C ARG D 413 7.49 15.88 20.24
N HIS D 414 6.98 15.07 19.32
CA HIS D 414 7.83 14.31 18.41
C HIS D 414 8.29 15.13 17.21
N ASP D 415 7.53 16.14 16.82
CA ASP D 415 7.83 16.92 15.62
C ASP D 415 8.65 18.18 15.91
N MET D 416 8.64 18.67 17.15
CA MET D 416 9.35 19.91 17.45
C MET D 416 10.86 19.77 17.27
N LEU D 417 11.40 18.56 17.42
CA LEU D 417 12.83 18.35 17.24
C LEU D 417 13.24 18.35 15.77
N LEU D 418 12.30 18.37 14.83
CA LEU D 418 12.65 18.50 13.43
C LEU D 418 12.97 19.93 13.03
N VAL D 419 12.82 20.90 13.94
CA VAL D 419 13.23 22.26 13.65
C VAL D 419 14.75 22.29 13.49
N GLU D 420 15.22 22.90 12.40
CA GLU D 420 16.59 22.79 11.87
C GLU D 420 17.69 22.89 12.92
N PRO D 421 17.79 23.98 13.69
CA PRO D 421 18.88 24.05 14.68
C PRO D 421 18.81 22.97 15.74
N LEU D 422 17.62 22.55 16.17
CA LEU D 422 17.53 21.52 17.19
C LEU D 422 18.03 20.17 16.67
N ASN D 423 17.59 19.79 15.47
CA ASN D 423 18.04 18.53 14.89
C ASN D 423 19.54 18.54 14.66
N ARG D 424 20.07 19.62 14.08
CA ARG D 424 21.50 19.66 13.82
C ARG D 424 22.30 19.70 15.12
N LEU D 425 21.81 20.42 16.13
CA LEU D 425 22.52 20.46 17.40
C LEU D 425 22.52 19.10 18.08
N LEU D 426 21.39 18.39 18.05
CA LEU D 426 21.35 17.08 18.68
C LEU D 426 22.27 16.10 17.95
N GLN D 427 22.30 16.16 16.62
CA GLN D 427 23.24 15.30 15.89
C GLN D 427 24.68 15.67 16.22
N ASP D 428 24.97 16.96 16.36
CA ASP D 428 26.31 17.38 16.75
C ASP D 428 26.69 16.85 18.12
N LYS D 429 25.77 16.94 19.07
CA LYS D 429 26.02 16.43 20.41
C LYS D 429 26.25 14.92 20.38
N TRP D 430 25.46 14.21 19.58
CA TRP D 430 25.63 12.76 19.46
C TRP D 430 27.03 12.42 18.93
N ASP D 431 27.38 13.00 17.76
CA ASP D 431 28.67 12.68 17.16
C ASP D 431 29.84 13.15 17.99
N ARG D 432 29.65 14.19 18.82
CA ARG D 432 30.78 14.77 19.54
C ARG D 432 31.23 13.88 20.68
N PHE D 433 30.37 13.72 21.70
CA PHE D 433 30.73 12.98 22.91
C PHE D 433 29.70 11.97 23.37
N VAL D 434 28.42 12.08 23.00
CA VAL D 434 27.42 11.18 23.58
C VAL D 434 27.45 9.81 22.91
N LYS D 435 27.84 9.73 21.64
CA LYS D 435 27.90 8.43 20.96
C LYS D 435 28.85 7.47 21.68
N ARG D 436 30.04 7.93 22.03
CA ARG D 436 31.00 7.07 22.72
C ARG D 436 30.50 6.69 24.12
N ILE D 437 29.93 7.63 24.85
CA ILE D 437 29.43 7.33 26.19
C ILE D 437 28.29 6.32 26.12
N PHE D 438 27.39 6.49 25.15
CA PHE D 438 26.27 5.57 25.00
C PHE D 438 26.76 4.18 24.63
N TYR D 439 27.71 4.08 23.70
CA TYR D 439 28.23 2.78 23.33
C TYR D 439 28.96 2.13 24.51
N PHE D 440 29.63 2.94 25.33
CA PHE D 440 30.26 2.40 26.52
C PHE D 440 29.21 1.86 27.50
N ASN D 441 28.13 2.61 27.69
CA ASN D 441 27.05 2.14 28.56
C ASN D 441 26.44 0.86 28.02
N PHE D 442 26.28 0.76 26.70
CA PHE D 442 25.76 -0.46 26.10
C PHE D 442 26.71 -1.63 26.35
N PHE D 443 28.02 -1.40 26.20
CA PHE D 443 29.00 -2.43 26.48
C PHE D 443 28.94 -2.86 27.94
N VAL D 444 28.79 -1.91 28.85
CA VAL D 444 28.73 -2.23 30.27
C VAL D 444 27.48 -3.04 30.57
N TYR D 445 26.35 -2.68 29.96
CA TYR D 445 25.13 -3.46 30.16
C TYR D 445 25.27 -4.86 29.56
N CYS D 446 25.95 -4.97 28.42
CA CYS D 446 26.25 -6.28 27.86
C CYS D 446 27.02 -7.12 28.86
N LEU D 447 28.07 -6.55 29.46
CA LEU D 447 28.85 -7.29 30.44
C LEU D 447 28.02 -7.65 31.66
N TYR D 448 27.17 -6.73 32.10
CA TYR D 448 26.32 -7.00 33.24
C TYR D 448 25.39 -8.17 32.97
N MET D 449 24.77 -8.18 31.79
CA MET D 449 23.85 -9.27 31.47
C MET D 449 24.58 -10.57 31.24
N ILE D 450 25.78 -10.54 30.67
CA ILE D 450 26.55 -11.78 30.50
C ILE D 450 26.93 -12.34 31.86
N ILE D 451 27.37 -11.49 32.78
CA ILE D 451 27.75 -11.95 34.11
C ILE D 451 26.52 -12.47 34.86
N PHE D 452 25.39 -11.77 34.75
CA PHE D 452 24.16 -12.23 35.37
C PHE D 452 23.74 -13.57 34.80
N THR D 453 23.83 -13.74 33.48
CA THR D 453 23.47 -15.00 32.85
C THR D 453 24.38 -16.12 33.34
N ALA D 454 25.69 -15.87 33.43
CA ALA D 454 26.60 -16.90 33.91
C ALA D 454 26.34 -17.26 35.36
N ALA D 455 26.12 -16.25 36.21
CA ALA D 455 25.88 -16.51 37.63
C ALA D 455 24.57 -17.25 37.85
N ALA D 456 23.54 -16.91 37.09
CA ALA D 456 22.25 -17.57 37.24
C ALA D 456 22.29 -18.98 36.66
N TYR D 457 23.01 -19.17 35.55
CA TYR D 457 23.11 -20.48 34.93
C TYR D 457 23.75 -21.49 35.86
N TYR D 458 24.84 -21.10 36.52
CA TYR D 458 25.57 -21.97 37.44
C TYR D 458 25.12 -21.83 38.87
N ARG D 459 23.84 -21.52 39.09
CA ARG D 459 23.33 -21.45 40.44
C ARG D 459 23.44 -22.84 41.09
N PRO D 460 23.74 -22.92 42.38
CA PRO D 460 23.73 -24.24 43.03
C PRO D 460 22.32 -24.79 43.11
N VAL D 461 22.23 -26.12 43.09
CA VAL D 461 20.97 -26.84 43.05
C VAL D 461 20.63 -27.50 44.38
N GLU D 462 21.43 -27.30 45.42
CA GLU D 462 21.08 -27.80 46.74
C GLU D 462 19.87 -27.02 47.27
N GLY D 463 19.35 -27.45 48.40
CA GLY D 463 18.16 -26.85 48.94
C GLY D 463 18.42 -25.67 49.85
N LEU D 464 17.37 -24.86 50.04
CA LEU D 464 17.31 -23.85 51.10
C LEU D 464 18.49 -22.88 51.09
N PRO D 465 18.49 -21.88 50.20
CA PRO D 465 19.52 -20.82 50.29
C PRO D 465 19.53 -20.15 51.66
N PRO D 466 20.55 -19.34 51.97
CA PRO D 466 21.75 -19.06 51.18
C PRO D 466 22.72 -20.24 51.17
N TYR D 467 23.55 -20.31 50.15
CA TYR D 467 24.45 -21.44 49.94
C TYR D 467 25.84 -21.08 50.45
N LYS D 468 26.38 -21.93 51.32
CA LYS D 468 27.71 -21.68 51.87
C LYS D 468 28.73 -21.67 50.74
N LEU D 469 29.58 -20.65 50.73
CA LEU D 469 30.60 -20.53 49.70
C LEU D 469 31.63 -21.63 49.88
N LYS D 470 31.87 -22.40 48.81
CA LYS D 470 32.90 -23.42 48.82
C LYS D 470 34.25 -22.80 48.46
N ASN D 471 35.31 -23.36 49.04
CA ASN D 471 36.66 -22.85 48.80
C ASN D 471 37.20 -23.43 47.50
N THR D 472 36.61 -22.96 46.40
CA THR D 472 36.99 -23.40 45.06
C THR D 472 36.80 -22.26 44.08
N VAL D 473 37.58 -22.30 43.00
CA VAL D 473 37.67 -21.17 42.08
C VAL D 473 36.32 -20.88 41.42
N GLY D 474 35.63 -21.94 40.96
CA GLY D 474 34.35 -21.75 40.29
C GLY D 474 33.34 -21.05 41.17
N ASP D 475 33.30 -21.38 42.46
CA ASP D 475 32.35 -20.74 43.36
C ASP D 475 32.75 -19.32 43.70
N TYR D 476 34.05 -19.01 43.73
CA TYR D 476 34.46 -17.62 43.88
C TYR D 476 34.01 -16.79 42.68
N PHE D 477 34.19 -17.31 41.47
CA PHE D 477 33.69 -16.59 40.31
C PHE D 477 32.17 -16.48 40.35
N ARG D 478 31.48 -17.53 40.78
CA ARG D 478 30.02 -17.49 40.86
C ARG D 478 29.54 -16.42 41.83
N VAL D 479 30.12 -16.39 43.03
CA VAL D 479 29.66 -15.42 44.03
C VAL D 479 30.03 -14.00 43.60
N THR D 480 31.18 -13.82 42.93
CA THR D 480 31.49 -12.52 42.38
C THR D 480 30.45 -12.10 41.34
N GLY D 481 30.05 -13.02 40.47
CA GLY D 481 29.03 -12.70 39.50
C GLY D 481 27.70 -12.37 40.14
N GLU D 482 27.34 -13.10 41.20
CA GLU D 482 26.09 -12.80 41.90
C GLU D 482 26.14 -11.43 42.56
N ILE D 483 27.28 -11.07 43.16
CA ILE D 483 27.43 -9.76 43.78
C ILE D 483 27.30 -8.66 42.72
N LEU D 484 27.95 -8.86 41.57
CA LEU D 484 27.84 -7.86 40.51
C LEU D 484 26.42 -7.76 39.99
N SER D 485 25.72 -8.89 39.90
CA SER D 485 24.34 -8.87 39.43
C SER D 485 23.45 -8.08 40.39
N VAL D 486 23.59 -8.34 41.69
CA VAL D 486 22.79 -7.60 42.67
C VAL D 486 23.19 -6.12 42.69
N SER D 487 24.47 -5.83 42.49
CA SER D 487 24.93 -4.45 42.43
C SER D 487 24.28 -3.71 41.27
N GLY D 488 24.25 -4.34 40.09
CA GLY D 488 23.58 -3.71 38.96
C GLY D 488 22.09 -3.56 39.18
N GLY D 489 21.48 -4.53 39.84
CA GLY D 489 20.07 -4.39 40.19
C GLY D 489 19.82 -3.21 41.10
N VAL D 490 20.66 -3.02 42.11
CA VAL D 490 20.53 -1.88 43.00
C VAL D 490 20.74 -0.59 42.22
N TYR D 491 21.71 -0.57 41.31
CA TYR D 491 21.96 0.61 40.49
C TYR D 491 20.72 1.00 39.70
N PHE D 492 20.11 0.03 39.02
CA PHE D 492 18.92 0.36 38.23
C PHE D 492 17.73 0.71 39.10
N PHE D 493 17.64 0.11 40.29
CA PHE D 493 16.58 0.47 41.24
C PHE D 493 16.68 1.94 41.63
N PHE D 494 17.87 2.37 42.05
CA PHE D 494 18.02 3.76 42.45
C PHE D 494 17.94 4.70 41.24
N ARG D 495 18.36 4.24 40.06
CA ARG D 495 18.17 5.05 38.86
C ARG D 495 16.69 5.27 38.57
N GLY D 496 15.87 4.24 38.74
CA GLY D 496 14.44 4.41 38.56
C GLY D 496 13.84 5.37 39.56
N ILE D 497 14.28 5.26 40.82
CA ILE D 497 13.78 6.21 41.83
C ILE D 497 14.21 7.63 41.48
N GLN D 498 15.45 7.80 41.02
CA GLN D 498 15.92 9.12 40.63
C GLN D 498 15.10 9.68 39.47
N TYR D 499 14.77 8.82 38.48
CA TYR D 499 13.93 9.28 37.38
C TYR D 499 12.58 9.73 37.88
N PHE D 500 11.95 8.93 38.75
CA PHE D 500 10.64 9.28 39.27
C PHE D 500 10.67 10.60 40.03
N LEU D 501 11.69 10.79 40.86
CA LEU D 501 11.76 12.02 41.66
C LEU D 501 12.10 13.23 40.80
N GLN D 502 13.02 13.09 39.86
CA GLN D 502 13.45 14.23 39.05
C GLN D 502 12.44 14.62 37.98
N ARG D 503 11.54 13.70 37.61
CA ARG D 503 10.50 14.02 36.63
C ARG D 503 9.15 14.27 37.25
N ARG D 504 8.86 13.70 38.43
CA ARG D 504 7.53 13.71 39.01
C ARG D 504 6.46 13.32 37.99
N PRO D 505 6.46 12.06 37.52
CA PRO D 505 5.40 11.62 36.61
C PRO D 505 4.02 11.76 37.24
N SER D 506 3.04 12.10 36.40
CA SER D 506 1.70 12.43 36.85
C SER D 506 0.82 11.20 37.03
N LEU D 507 1.39 10.00 37.09
CA LEU D 507 0.71 8.72 37.23
C LEU D 507 -0.06 8.32 35.97
N LYS D 508 -0.02 9.11 34.90
CA LYS D 508 -0.43 8.72 33.56
C LYS D 508 0.75 8.55 32.63
N SER D 509 1.76 9.42 32.74
CA SER D 509 2.97 9.29 31.93
C SER D 509 3.77 8.04 32.26
N LEU D 510 3.50 7.39 33.39
CA LEU D 510 4.13 6.10 33.68
C LEU D 510 3.61 5.01 32.77
N PHE D 511 2.39 5.14 32.23
CA PHE D 511 1.74 4.08 31.47
C PHE D 511 1.54 4.41 30.00
N VAL D 512 1.54 5.70 29.61
CA VAL D 512 1.56 6.10 28.21
C VAL D 512 2.95 6.51 27.75
N ASP D 513 3.93 6.53 28.65
CA ASP D 513 5.28 6.99 28.32
C ASP D 513 6.26 6.34 29.29
N SER D 514 7.55 6.58 29.06
CA SER D 514 8.60 6.14 29.99
C SER D 514 8.60 4.62 30.16
N TYR D 515 8.33 3.89 29.08
CA TYR D 515 8.27 2.44 29.16
C TYR D 515 9.61 1.84 29.55
N SER D 516 10.71 2.38 28.99
CA SER D 516 12.02 1.81 29.29
C SER D 516 12.38 1.98 30.76
N GLU D 517 12.07 3.12 31.36
CA GLU D 517 12.34 3.32 32.78
C GLU D 517 11.54 2.33 33.62
N ILE D 518 10.27 2.12 33.27
CA ILE D 518 9.44 1.14 33.99
C ILE D 518 10.04 -0.25 33.86
N LEU D 519 10.48 -0.61 32.65
CA LEU D 519 11.00 -1.97 32.44
C LEU D 519 12.30 -2.19 33.19
N PHE D 520 13.21 -1.24 33.15
CA PHE D 520 14.46 -1.37 33.90
C PHE D 520 14.19 -1.40 35.40
N PHE D 521 13.25 -0.57 35.86
CA PHE D 521 12.91 -0.56 37.28
C PHE D 521 12.29 -1.89 37.70
N VAL D 522 11.43 -2.47 36.86
CA VAL D 522 10.80 -3.74 37.22
C VAL D 522 11.83 -4.87 37.21
N GLN D 523 12.79 -4.82 36.27
CA GLN D 523 13.90 -5.76 36.30
C GLN D 523 14.64 -5.69 37.62
N SER D 524 14.97 -4.47 38.06
CA SER D 524 15.65 -4.33 39.34
C SER D 524 14.78 -4.78 40.51
N LEU D 525 13.47 -4.55 40.42
CA LEU D 525 12.57 -5.01 41.47
C LEU D 525 12.59 -6.53 41.56
N PHE D 526 12.57 -7.22 40.43
CA PHE D 526 12.68 -8.68 40.44
C PHE D 526 14.02 -9.11 41.03
N MET D 527 15.10 -8.40 40.70
CA MET D 527 16.40 -8.73 41.29
C MET D 527 16.37 -8.58 42.81
N LEU D 528 15.77 -7.51 43.31
CA LEU D 528 15.78 -7.29 44.76
C LEU D 528 14.87 -8.27 45.47
N VAL D 529 13.73 -8.60 44.86
CA VAL D 529 12.87 -9.64 45.43
C VAL D 529 13.62 -10.98 45.44
N SER D 530 14.42 -11.24 44.41
CA SER D 530 15.24 -12.44 44.39
C SER D 530 16.23 -12.43 45.54
N VAL D 531 16.85 -11.29 45.83
CA VAL D 531 17.78 -11.21 46.96
C VAL D 531 17.04 -11.49 48.27
N VAL D 532 15.86 -10.89 48.44
CA VAL D 532 15.10 -11.06 49.67
C VAL D 532 14.72 -12.52 49.88
N LEU D 533 14.23 -13.17 48.82
CA LEU D 533 13.89 -14.58 48.91
C LEU D 533 15.11 -15.45 49.11
N TYR D 534 16.25 -15.07 48.52
CA TYR D 534 17.48 -15.83 48.70
C TYR D 534 17.91 -15.86 50.16
N PHE D 535 17.89 -14.69 50.81
CA PHE D 535 18.24 -14.63 52.23
C PHE D 535 17.07 -14.94 53.15
N SER D 536 15.86 -15.11 52.60
CA SER D 536 14.72 -15.61 53.37
C SER D 536 14.60 -17.13 53.36
N GLN D 537 15.55 -17.84 52.75
CA GLN D 537 15.55 -19.30 52.71
C GLN D 537 14.33 -19.82 51.95
N ARG D 538 14.12 -19.27 50.76
CA ARG D 538 13.04 -19.71 49.87
C ARG D 538 13.62 -19.94 48.48
N LYS D 539 13.31 -21.10 47.91
CA LYS D 539 13.79 -21.41 46.54
C LYS D 539 13.08 -20.51 45.51
N GLU D 540 11.95 -19.89 45.89
CA GLU D 540 11.23 -19.03 44.97
C GLU D 540 12.05 -17.84 44.49
N TYR D 541 13.21 -17.58 45.10
CA TYR D 541 14.12 -16.58 44.55
C TYR D 541 14.43 -16.88 43.08
N VAL D 542 14.56 -18.16 42.73
CA VAL D 542 14.81 -18.51 41.34
C VAL D 542 13.70 -17.99 40.45
N ALA D 543 12.45 -18.11 40.92
CA ALA D 543 11.32 -17.60 40.16
C ALA D 543 11.47 -16.13 39.87
N SER D 544 11.92 -15.35 40.85
CA SER D 544 12.16 -13.94 40.58
C SER D 544 13.34 -13.76 39.64
N MET D 545 14.43 -14.51 39.89
CA MET D 545 15.70 -14.23 39.22
C MET D 545 15.56 -14.41 37.72
N VAL D 546 14.95 -15.52 37.29
CA VAL D 546 14.80 -15.80 35.87
C VAL D 546 13.96 -14.71 35.22
N PHE D 547 12.91 -14.21 35.91
CA PHE D 547 12.13 -13.14 35.33
C PHE D 547 13.01 -11.92 35.10
N SER D 548 13.80 -11.54 36.11
CA SER D 548 14.74 -10.45 35.93
C SER D 548 15.67 -10.74 34.77
N LEU D 549 16.19 -11.97 34.72
CA LEU D 549 17.09 -12.35 33.66
C LEU D 549 16.42 -12.19 32.32
N ALA D 550 15.19 -12.72 32.18
CA ALA D 550 14.47 -12.58 30.93
C ALA D 550 14.28 -11.13 30.59
N MET D 551 13.82 -10.34 31.58
CA MET D 551 13.56 -8.94 31.33
C MET D 551 14.84 -8.23 30.96
N GLY D 552 15.94 -8.59 31.63
CA GLY D 552 17.20 -7.95 31.36
C GLY D 552 17.59 -8.09 29.90
N TRP D 553 17.41 -9.29 29.36
CA TRP D 553 17.82 -9.48 27.97
C TRP D 553 16.87 -8.73 27.04
N THR D 554 15.58 -8.71 27.35
CA THR D 554 14.69 -7.92 26.50
C THR D 554 15.00 -6.44 26.62
N ASN D 555 15.52 -6.01 27.77
CA ASN D 555 15.89 -4.61 27.91
C ASN D 555 17.10 -4.24 27.05
N MET D 556 17.78 -5.22 26.47
CA MET D 556 18.78 -4.91 25.46
C MET D 556 18.19 -4.09 24.31
N LEU D 557 16.90 -4.27 24.02
CA LEU D 557 16.29 -3.47 22.96
C LEU D 557 16.33 -1.99 23.25
N TYR D 558 16.45 -1.58 24.52
CA TYR D 558 16.61 -0.17 24.85
C TYR D 558 17.79 0.42 24.09
N TYR D 559 18.88 -0.33 23.98
CA TYR D 559 20.08 0.19 23.35
C TYR D 559 20.03 0.12 21.84
N THR D 560 18.91 -0.27 21.24
CA THR D 560 18.81 -0.17 19.78
C THR D 560 18.71 1.27 19.32
N ARG D 561 18.30 2.19 20.20
CA ARG D 561 18.48 3.60 19.91
C ARG D 561 19.97 3.90 19.89
N GLY D 562 20.35 4.90 19.10
CA GLY D 562 21.74 5.15 18.76
C GLY D 562 22.17 4.46 17.48
N PHE D 563 21.37 3.51 16.99
CA PHE D 563 21.49 2.95 15.66
C PHE D 563 20.15 3.19 14.98
N GLN D 564 20.16 3.95 13.89
CA GLN D 564 18.92 4.47 13.32
C GLN D 564 17.99 3.36 12.89
N GLN D 565 18.51 2.37 12.14
CA GLN D 565 17.65 1.32 11.64
C GLN D 565 17.12 0.45 12.78
N MET D 566 18.01 0.03 13.69
CA MET D 566 17.57 -0.80 14.81
C MET D 566 16.70 -0.01 15.78
N GLY D 567 17.00 1.27 16.01
CA GLY D 567 16.17 2.06 16.90
C GLY D 567 14.78 2.27 16.35
N ILE D 568 14.67 2.58 15.06
CA ILE D 568 13.36 2.72 14.44
C ILE D 568 12.63 1.39 14.45
N TYR D 569 13.37 0.30 14.28
CA TYR D 569 12.77 -1.03 14.37
C TYR D 569 12.19 -1.30 15.75
N ALA D 570 12.93 -0.93 16.80
CA ALA D 570 12.44 -1.13 18.16
C ALA D 570 11.22 -0.26 18.44
N VAL D 571 11.22 0.96 17.90
CA VAL D 571 10.04 1.82 18.04
C VAL D 571 8.84 1.17 17.35
N MET D 572 9.05 0.59 16.17
CA MET D 572 7.96 -0.11 15.50
C MET D 572 7.50 -1.31 16.31
N ILE D 573 8.41 -2.02 16.98
CA ILE D 573 8.01 -3.13 17.85
C ILE D 573 7.10 -2.61 18.96
N GLU D 574 7.49 -1.50 19.56
CA GLU D 574 6.68 -0.88 20.61
C GLU D 574 5.27 -0.57 20.10
N LYS D 575 5.21 0.06 18.93
CA LYS D 575 3.90 0.46 18.36
C LYS D 575 3.06 -0.79 18.08
N MET D 576 3.67 -1.84 17.51
CA MET D 576 2.94 -3.06 17.23
C MET D 576 2.37 -3.64 18.51
N ILE D 577 3.18 -3.68 19.57
CA ILE D 577 2.71 -4.22 20.85
C ILE D 577 1.53 -3.42 21.35
N LEU D 578 1.63 -2.10 21.30
CA LEU D 578 0.61 -1.29 21.94
C LEU D 578 -0.69 -1.26 21.16
N ARG D 579 -0.65 -1.32 19.82
CA ARG D 579 -1.87 -1.30 19.02
C ARG D 579 -2.33 -2.70 18.62
N ASP D 580 -1.54 -3.36 17.76
CA ASP D 580 -2.04 -4.54 17.07
C ASP D 580 -2.08 -5.73 17.99
N LEU D 581 -1.02 -5.94 18.76
CA LEU D 581 -1.00 -7.04 19.70
C LEU D 581 -2.03 -6.85 20.80
N CYS D 582 -2.27 -5.60 21.22
CA CYS D 582 -3.29 -5.36 22.23
C CYS D 582 -4.68 -5.76 21.74
N ARG D 583 -5.08 -5.25 20.57
CA ARG D 583 -6.40 -5.58 20.05
C ARG D 583 -6.53 -7.08 19.78
N PHE D 584 -5.51 -7.65 19.14
CA PHE D 584 -5.52 -9.08 18.84
C PHE D 584 -5.63 -9.90 20.10
N MET D 585 -4.86 -9.55 21.13
CA MET D 585 -4.86 -10.37 22.34
C MET D 585 -6.19 -10.29 23.07
N PHE D 586 -6.83 -9.12 23.06
CA PHE D 586 -8.17 -9.06 23.66
C PHE D 586 -9.13 -10.01 22.95
N VAL D 587 -9.22 -9.90 21.62
CA VAL D 587 -10.19 -10.71 20.90
C VAL D 587 -9.80 -12.19 20.95
N TYR D 588 -8.51 -12.48 20.81
CA TYR D 588 -8.02 -13.84 20.85
C TYR D 588 -8.28 -14.48 22.20
N LEU D 589 -8.05 -13.76 23.29
CA LEU D 589 -8.31 -14.33 24.61
C LEU D 589 -9.80 -14.54 24.83
N VAL D 590 -10.65 -13.67 24.28
CA VAL D 590 -12.09 -13.92 24.37
C VAL D 590 -12.45 -15.23 23.66
N PHE D 591 -11.96 -15.40 22.43
CA PHE D 591 -12.27 -16.62 21.69
C PHE D 591 -11.68 -17.85 22.38
N LEU D 592 -10.44 -17.75 22.84
CA LEU D 592 -9.77 -18.88 23.47
C LEU D 592 -10.50 -19.30 24.72
N PHE D 593 -10.81 -18.35 25.59
CA PHE D 593 -11.52 -18.69 26.82
C PHE D 593 -12.90 -19.26 26.52
N GLY D 594 -13.62 -18.67 25.57
CA GLY D 594 -14.95 -19.17 25.27
C GLY D 594 -14.95 -20.60 24.75
N PHE D 595 -14.10 -20.87 23.77
CA PHE D 595 -14.06 -22.21 23.22
C PHE D 595 -13.42 -23.20 24.17
N SER D 596 -12.49 -22.76 25.02
CA SER D 596 -11.93 -23.65 26.03
C SER D 596 -12.98 -24.04 27.06
N THR D 597 -13.80 -23.07 27.50
CA THR D 597 -14.87 -23.40 28.43
C THR D 597 -15.88 -24.35 27.78
N ALA D 598 -16.23 -24.11 26.52
CA ALA D 598 -17.15 -25.01 25.85
C ALA D 598 -16.58 -26.42 25.73
N VAL D 599 -15.29 -26.52 25.36
CA VAL D 599 -14.69 -27.84 25.15
C VAL D 599 -14.54 -28.57 26.48
N VAL D 600 -14.07 -27.89 27.53
CA VAL D 600 -13.88 -28.56 28.80
C VAL D 600 -15.21 -28.91 29.43
N THR D 601 -16.27 -28.13 29.15
CA THR D 601 -17.61 -28.56 29.54
C THR D 601 -18.01 -29.83 28.81
N LEU D 602 -17.72 -29.89 27.51
CA LEU D 602 -18.06 -31.08 26.75
C LEU D 602 -17.24 -32.29 27.21
N ILE D 603 -15.96 -32.07 27.54
CA ILE D 603 -15.11 -33.16 28.00
C ILE D 603 -15.66 -33.71 29.30
N GLU D 604 -15.67 -35.04 29.42
CA GLU D 604 -16.21 -35.73 30.58
C GLU D 604 -15.29 -36.90 30.90
N ASP D 605 -14.45 -36.74 31.91
CA ASP D 605 -13.50 -37.78 32.28
C ASP D 605 -14.25 -39.01 32.77
N GLY D 606 -13.86 -40.18 32.27
CA GLY D 606 -14.49 -41.42 32.68
C GLY D 606 -13.90 -42.59 31.94
N LYS D 607 -14.42 -43.77 32.28
CA LYS D 607 -14.01 -45.03 31.67
C LYS D 607 -15.19 -45.70 30.98
N SER D 630 -4.12 -36.34 31.24
CA SER D 630 -5.59 -36.27 31.21
C SER D 630 -6.05 -34.84 30.91
N TYR D 631 -7.37 -34.67 30.86
CA TYR D 631 -8.00 -33.39 30.57
C TYR D 631 -9.21 -33.23 31.48
N ASN D 632 -10.13 -32.32 31.14
CA ASN D 632 -11.25 -31.91 31.98
C ASN D 632 -10.81 -30.94 33.08
N SER D 633 -9.75 -30.19 32.81
CA SER D 633 -9.40 -29.00 33.58
C SER D 633 -9.33 -27.83 32.60
N LEU D 634 -9.76 -26.66 33.06
CA LEU D 634 -9.80 -25.50 32.18
C LEU D 634 -8.40 -25.13 31.71
N TYR D 635 -7.40 -25.32 32.56
CA TYR D 635 -6.03 -24.99 32.19
C TYR D 635 -5.54 -25.86 31.04
N SER D 636 -5.72 -27.18 31.15
CA SER D 636 -5.24 -28.07 30.10
C SER D 636 -5.94 -27.82 28.79
N THR D 637 -7.26 -27.57 28.83
CA THR D 637 -7.99 -27.30 27.60
C THR D 637 -7.57 -25.97 26.99
N CYS D 638 -7.36 -24.95 27.82
CA CYS D 638 -6.86 -23.68 27.31
C CYS D 638 -5.49 -23.85 26.67
N LEU D 639 -4.63 -24.66 27.28
CA LEU D 639 -3.31 -24.90 26.71
C LEU D 639 -3.41 -25.64 25.37
N GLU D 640 -4.27 -26.65 25.29
CA GLU D 640 -4.44 -27.38 24.05
C GLU D 640 -4.98 -26.49 22.94
N LEU D 641 -5.93 -25.61 23.28
CA LEU D 641 -6.44 -24.70 22.26
C LEU D 641 -5.42 -23.64 21.89
N PHE D 642 -4.56 -23.26 22.83
CA PHE D 642 -3.48 -22.34 22.51
C PHE D 642 -2.48 -22.98 21.55
N LYS D 643 -2.26 -24.29 21.67
CA LYS D 643 -1.33 -24.97 20.78
C LYS D 643 -1.69 -24.79 19.31
N PHE D 644 -2.98 -24.63 19.00
CA PHE D 644 -3.38 -24.36 17.62
C PHE D 644 -2.77 -23.06 17.11
N THR D 645 -2.63 -22.06 17.99
CA THR D 645 -2.06 -20.79 17.58
C THR D 645 -0.62 -20.96 17.12
N ILE D 646 0.14 -21.84 17.77
CA ILE D 646 1.54 -22.04 17.47
C ILE D 646 1.75 -23.18 16.46
N GLY D 647 0.69 -23.62 15.81
CA GLY D 647 0.82 -24.67 14.82
C GLY D 647 1.08 -26.04 15.37
N MET D 648 0.62 -26.32 16.60
CA MET D 648 0.85 -27.60 17.26
C MET D 648 -0.44 -28.15 17.86
N GLY D 649 -1.59 -27.77 17.31
CA GLY D 649 -2.86 -28.27 17.82
C GLY D 649 -3.13 -29.68 17.31
N ASP D 650 -3.40 -30.60 18.24
CA ASP D 650 -3.57 -31.99 17.86
C ASP D 650 -4.84 -32.19 17.04
N LEU D 651 -5.94 -31.54 17.45
CA LEU D 651 -7.27 -31.65 16.87
C LEU D 651 -7.97 -32.97 17.24
N GLU D 652 -7.27 -33.87 17.93
CA GLU D 652 -7.85 -35.08 18.51
C GLU D 652 -7.18 -35.34 19.85
N PHE D 653 -6.99 -34.29 20.65
CA PHE D 653 -6.19 -34.42 21.86
C PHE D 653 -6.89 -35.24 22.94
N THR D 654 -8.20 -35.47 22.82
CA THR D 654 -8.90 -36.30 23.78
C THR D 654 -10.04 -37.02 23.06
N GLU D 655 -10.45 -38.14 23.65
CA GLU D 655 -11.67 -38.84 23.26
C GLU D 655 -12.66 -38.92 24.41
N ASN D 656 -12.40 -38.25 25.53
CA ASN D 656 -13.22 -38.37 26.73
C ASN D 656 -14.41 -37.40 26.63
N TYR D 657 -15.32 -37.76 25.73
CA TYR D 657 -16.53 -36.97 25.52
C TYR D 657 -17.58 -37.85 24.89
N ASP D 658 -18.82 -37.38 24.96
CA ASP D 658 -19.87 -37.79 24.05
C ASP D 658 -19.98 -36.75 22.94
N PHE D 659 -20.72 -37.10 21.89
CA PHE D 659 -21.00 -36.16 20.82
C PHE D 659 -19.72 -35.67 20.15
N LYS D 660 -19.00 -36.60 19.51
CA LYS D 660 -17.76 -36.24 18.81
C LYS D 660 -17.98 -35.15 17.78
N ALA D 661 -19.16 -35.14 17.14
CA ALA D 661 -19.47 -34.08 16.19
C ALA D 661 -19.43 -32.71 16.86
N VAL D 662 -19.93 -32.61 18.08
CA VAL D 662 -19.91 -31.34 18.79
C VAL D 662 -18.47 -30.92 19.08
N PHE D 663 -17.65 -31.86 19.55
CA PHE D 663 -16.25 -31.58 19.85
C PHE D 663 -15.51 -31.07 18.62
N ILE D 664 -15.65 -31.78 17.49
CA ILE D 664 -14.90 -31.40 16.30
C ILE D 664 -15.45 -30.11 15.72
N ILE D 665 -16.76 -29.89 15.80
CA ILE D 665 -17.33 -28.63 15.32
C ILE D 665 -16.80 -27.46 16.14
N LEU D 666 -16.74 -27.62 17.46
CA LEU D 666 -16.18 -26.57 18.31
C LEU D 666 -14.73 -26.30 17.94
N LEU D 667 -13.92 -27.35 17.79
CA LEU D 667 -12.51 -27.16 17.48
C LEU D 667 -12.33 -26.51 16.11
N LEU D 668 -13.10 -26.94 15.11
CA LEU D 668 -12.98 -26.36 13.79
C LEU D 668 -13.41 -24.90 13.77
N ALA D 669 -14.48 -24.58 14.50
CA ALA D 669 -14.90 -23.18 14.58
C ALA D 669 -13.82 -22.34 15.27
N TYR D 670 -13.23 -22.87 16.34
CA TYR D 670 -12.14 -22.16 16.99
C TYR D 670 -10.97 -21.94 16.05
N VAL D 671 -10.59 -22.98 15.30
CA VAL D 671 -9.46 -22.89 14.40
C VAL D 671 -9.72 -21.87 13.30
N ILE D 672 -10.92 -21.90 12.72
CA ILE D 672 -11.24 -20.96 11.65
C ILE D 672 -11.26 -19.53 12.17
N LEU D 673 -11.84 -19.33 13.36
CA LEU D 673 -11.96 -17.98 13.90
C LEU D 673 -10.60 -17.42 14.31
N THR D 674 -9.75 -18.24 14.94
CA THR D 674 -8.48 -17.75 15.48
C THR D 674 -7.32 -17.96 14.51
N TYR D 675 -7.07 -19.21 14.13
CA TYR D 675 -5.88 -19.51 13.34
C TYR D 675 -5.99 -18.96 11.92
N ILE D 676 -7.09 -19.26 11.23
CA ILE D 676 -7.19 -18.90 9.82
C ILE D 676 -7.57 -17.44 9.68
N LEU D 677 -8.48 -16.96 10.54
CA LEU D 677 -8.97 -15.59 10.42
C LEU D 677 -8.14 -14.62 11.24
N LEU D 678 -8.00 -14.87 12.53
CA LEU D 678 -7.49 -13.83 13.43
C LEU D 678 -5.99 -13.62 13.30
N LEU D 679 -5.21 -14.69 13.14
CA LEU D 679 -3.77 -14.52 13.00
C LEU D 679 -3.41 -13.87 11.66
N ASN D 680 -4.04 -14.30 10.59
CA ASN D 680 -3.77 -13.69 9.30
C ASN D 680 -4.26 -12.24 9.29
N MET D 681 -5.36 -11.96 9.99
CA MET D 681 -5.81 -10.59 10.14
C MET D 681 -4.81 -9.77 10.95
N LEU D 682 -4.18 -10.38 11.95
CA LEU D 682 -3.13 -9.69 12.69
C LEU D 682 -1.97 -9.33 11.77
N ILE D 683 -1.59 -10.26 10.89
CA ILE D 683 -0.53 -9.96 9.93
C ILE D 683 -0.94 -8.80 9.04
N ALA D 684 -2.19 -8.81 8.55
CA ALA D 684 -2.65 -7.73 7.69
C ALA D 684 -2.66 -6.38 8.40
N LEU D 685 -3.09 -6.37 9.66
CA LEU D 685 -3.14 -5.11 10.40
C LEU D 685 -1.74 -4.63 10.75
N MET D 686 -0.81 -5.55 11.02
CA MET D 686 0.58 -5.15 11.16
C MET D 686 1.10 -4.53 9.87
N GLY D 687 0.71 -5.08 8.72
CA GLY D 687 1.09 -4.48 7.46
C GLY D 687 0.58 -3.06 7.31
N GLU D 688 -0.70 -2.85 7.65
CA GLU D 688 -1.25 -1.50 7.60
C GLU D 688 -0.50 -0.57 8.54
N THR D 689 -0.27 -1.02 9.79
CA THR D 689 0.37 -0.19 10.78
C THR D 689 1.77 0.22 10.36
N VAL D 690 2.59 -0.74 9.96
CA VAL D 690 3.94 -0.42 9.50
C VAL D 690 3.89 0.46 8.27
N ASN D 691 2.86 0.29 7.43
CA ASN D 691 2.72 1.17 6.28
C ASN D 691 2.51 2.62 6.71
N LYS D 692 1.85 2.85 7.85
CA LYS D 692 1.51 4.21 8.28
C LYS D 692 2.19 4.65 9.58
N ILE D 693 3.40 4.17 9.89
CA ILE D 693 4.17 4.72 11.01
C ILE D 693 5.64 4.90 10.67
N ALA D 694 5.96 5.12 9.40
CA ALA D 694 7.36 5.36 9.05
C ALA D 694 7.87 6.64 9.68
N GLN D 695 7.23 7.77 9.36
CA GLN D 695 7.70 9.05 9.87
C GLN D 695 7.49 9.15 11.38
N GLU D 696 6.38 8.62 11.88
CA GLU D 696 6.13 8.65 13.32
C GLU D 696 7.19 7.86 14.07
N SER D 697 7.57 6.68 13.56
CA SER D 697 8.61 5.90 14.21
C SER D 697 9.96 6.60 14.15
N LYS D 698 10.27 7.23 13.01
CA LYS D 698 11.53 7.96 12.91
C LYS D 698 11.57 9.12 13.90
N ASN D 699 10.47 9.87 14.02
CA ASN D 699 10.43 10.99 14.94
C ASN D 699 10.53 10.52 16.39
N ILE D 700 9.88 9.40 16.71
CA ILE D 700 9.96 8.87 18.08
C ILE D 700 11.36 8.40 18.38
N TRP D 701 12.05 7.77 17.42
CA TRP D 701 13.43 7.38 17.64
C TRP D 701 14.31 8.60 17.87
N LYS D 702 14.10 9.65 17.08
CA LYS D 702 14.89 10.87 17.26
C LYS D 702 14.64 11.49 18.63
N LEU D 703 13.40 11.45 19.10
CA LEU D 703 13.10 11.93 20.44
C LEU D 703 13.78 11.08 21.51
N GLN D 704 13.80 9.76 21.31
CA GLN D 704 14.47 8.88 22.28
C GLN D 704 15.96 9.17 22.33
N ARG D 705 16.58 9.36 21.18
CA ARG D 705 18.00 9.70 21.16
C ARG D 705 18.24 11.08 21.76
N ALA D 706 17.30 12.01 21.58
CA ALA D 706 17.41 13.32 22.22
C ALA D 706 17.36 13.19 23.73
N ILE D 707 16.47 12.34 24.24
CA ILE D 707 16.41 12.10 25.68
C ILE D 707 17.71 11.48 26.17
N THR D 708 18.26 10.55 25.39
CA THR D 708 19.56 9.97 25.72
C THR D 708 20.64 11.05 25.80
N ILE D 709 20.64 11.96 24.83
CA ILE D 709 21.66 13.01 24.78
C ILE D 709 21.53 13.92 26.00
N LEU D 710 20.29 14.31 26.32
CA LEU D 710 20.08 15.21 27.45
C LEU D 710 20.44 14.54 28.76
N ASP D 711 20.10 13.26 28.92
CA ASP D 711 20.45 12.56 30.15
C ASP D 711 21.96 12.41 30.30
N THR D 712 22.65 12.07 29.20
CA THR D 712 24.10 11.96 29.26
C THR D 712 24.76 13.29 29.57
N GLU D 713 24.28 14.37 28.95
CA GLU D 713 24.83 15.68 29.22
C GLU D 713 24.56 16.11 30.65
N LYS D 714 23.37 15.82 31.17
CA LYS D 714 23.05 16.17 32.55
C LYS D 714 23.91 15.39 33.53
N SER D 715 24.20 14.12 33.23
CA SER D 715 25.02 13.32 34.13
C SER D 715 26.49 13.72 34.04
N PHE D 716 27.05 13.66 32.82
CA PHE D 716 28.36 14.14 32.36
C PHE D 716 29.57 13.48 33.01
N LEU D 717 29.40 12.80 34.14
CA LEU D 717 30.23 11.69 34.61
C LEU D 717 31.67 12.02 35.01
N LYS D 718 32.21 13.18 34.59
CA LYS D 718 33.58 13.54 34.95
C LYS D 718 33.78 15.05 35.07
N CYS D 719 32.72 15.80 35.38
CA CYS D 719 32.76 17.25 35.45
C CYS D 719 33.24 17.88 34.14
N MET D 720 32.88 17.27 33.01
CA MET D 720 33.31 17.76 31.71
C MET D 720 32.43 18.91 31.23
N ARG D 721 32.93 19.64 30.23
CA ARG D 721 32.26 20.78 29.63
C ARG D 721 32.26 20.67 28.12
N LYS D 722 31.94 19.48 27.62
CA LYS D 722 31.87 19.23 26.18
C LYS D 722 30.53 19.64 25.56
N ALA D 723 29.58 20.13 26.37
CA ALA D 723 28.27 20.49 25.85
C ALA D 723 28.28 21.80 25.05
N PHE D 724 29.39 22.52 25.04
CA PHE D 724 29.40 23.84 24.44
C PHE D 724 29.54 23.75 22.92
N ARG D 725 29.01 24.77 22.24
CA ARG D 725 28.91 24.88 20.80
C ARG D 725 30.12 25.66 20.27
N SER D 726 30.02 26.17 19.03
CA SER D 726 31.15 26.71 18.26
C SER D 726 31.78 27.98 18.87
N GLY D 727 31.44 28.43 20.09
CA GLY D 727 32.15 29.49 20.75
C GLY D 727 31.35 30.76 20.84
N LYS D 728 31.89 31.71 21.60
CA LYS D 728 31.29 33.03 21.77
C LYS D 728 31.53 33.85 20.50
N LEU D 729 30.82 33.48 19.44
CA LEU D 729 30.94 34.19 18.17
C LEU D 729 30.28 35.56 18.26
N LEU D 730 30.87 36.52 17.56
CA LEU D 730 30.35 37.89 17.46
C LEU D 730 29.37 37.92 16.28
N GLN D 731 28.10 37.65 16.56
CA GLN D 731 27.13 37.45 15.48
C GLN D 731 26.83 38.75 14.76
N VAL D 732 26.19 39.71 15.45
CA VAL D 732 25.70 40.94 14.83
C VAL D 732 26.64 42.11 15.12
N GLY D 733 27.80 41.87 15.70
CA GLY D 733 28.70 42.94 16.04
C GLY D 733 28.33 43.62 17.33
N PHE D 734 27.26 44.42 17.29
CA PHE D 734 26.86 45.24 18.42
C PHE D 734 25.34 45.29 18.53
N THR D 735 24.87 45.52 19.75
CA THR D 735 23.49 45.87 20.01
C THR D 735 23.26 47.31 19.57
N PRO D 736 22.05 47.85 19.72
CA PRO D 736 21.88 49.29 19.51
C PRO D 736 22.74 50.13 20.44
N ASP D 737 23.08 49.62 21.62
CA ASP D 737 24.07 50.23 22.48
C ASP D 737 25.47 49.93 21.92
N GLY D 738 26.50 50.51 22.53
CA GLY D 738 27.85 50.25 22.07
C GLY D 738 28.41 48.90 22.43
N LYS D 739 27.69 48.13 23.24
CA LYS D 739 28.20 46.84 23.70
C LYS D 739 28.29 45.85 22.54
N ASP D 740 29.40 45.11 22.50
CA ASP D 740 29.55 44.02 21.55
C ASP D 740 28.83 42.78 22.05
N ASP D 741 28.18 42.06 21.14
CA ASP D 741 27.20 41.03 21.47
C ASP D 741 27.72 39.67 21.05
N TYR D 742 28.00 38.80 22.03
CA TYR D 742 28.43 37.43 21.80
C TYR D 742 27.28 36.49 22.18
N ARG D 743 27.00 35.52 21.30
CA ARG D 743 25.73 34.81 21.30
C ARG D 743 25.82 33.32 21.55
N TRP D 744 27.01 32.70 21.48
CA TRP D 744 27.16 31.25 21.59
C TRP D 744 26.34 30.54 20.51
N CYS D 745 26.76 30.76 19.27
CA CYS D 745 26.01 30.31 18.11
C CYS D 745 26.45 28.95 17.63
N PHE D 746 25.57 28.29 16.87
CA PHE D 746 25.85 27.05 16.18
C PHE D 746 25.92 27.33 14.69
N ARG D 747 27.03 26.92 14.07
CA ARG D 747 27.27 27.19 12.65
C ARG D 747 26.69 26.07 11.80
N VAL D 748 25.96 26.45 10.76
CA VAL D 748 25.40 25.53 9.78
C VAL D 748 25.74 26.05 8.40
N ASP D 749 26.34 25.19 7.58
CA ASP D 749 26.68 25.53 6.20
C ASP D 749 25.56 25.06 5.28
N GLU D 750 25.31 25.81 4.21
CA GLU D 750 24.32 25.43 3.22
C GLU D 750 24.81 25.86 1.85
N VAL D 751 24.25 25.24 0.83
CA VAL D 751 24.59 25.52 -0.57
C VAL D 751 23.30 25.78 -1.34
N ASN D 752 23.29 26.86 -2.10
CA ASN D 752 22.15 27.22 -2.95
C ASN D 752 22.67 27.71 -4.28
N TRP D 753 21.93 27.37 -5.34
CA TRP D 753 22.30 27.72 -6.71
C TRP D 753 21.34 28.69 -7.36
N THR D 754 20.37 29.22 -6.61
CA THR D 754 19.51 30.31 -7.04
C THR D 754 19.57 31.42 -6.01
N THR D 755 18.95 32.55 -6.34
CA THR D 755 18.93 33.74 -5.49
C THR D 755 20.34 34.14 -5.07
N TRP D 756 21.19 34.37 -6.07
CA TRP D 756 22.57 34.72 -5.85
C TRP D 756 22.70 36.11 -5.21
#